data_8U5M
#
_entry.id   8U5M
#
_cell.length_a   82.650
_cell.length_b   122.274
_cell.length_c   99.588
_cell.angle_alpha   90.00
_cell.angle_beta   112.41
_cell.angle_gamma   90.00
#
_symmetry.space_group_name_H-M   'P 1 21 1'
#
loop_
_entity.id
_entity.type
_entity.pdbx_description
1 polymer 'Ubiquitin-associated and SH3 domain-containing protein B'
2 non-polymer Rebamipide
3 water water
#
_entity_poly.entity_id   1
_entity_poly.type   'polypeptide(L)'
_entity_poly.pdbx_seq_one_letter_code
;QGHMASMTGGQQMGRGSGPQKRCLFVCRHGERMDVVFGKYWLSQCFDAKGRYIRTNLNMPHSLPQRSGGFRDYEKDAPIT
VFGCMQARLVGEALLESNTIIDHVYCSPSLRCVQTAHNILKGLQQENHLKIRVEPGLFEWTKWVAGSTLPAWIPPSELAA
ANLSVDTTYRPHIPISKLVVSESYDTYISRSFQVTKEIISECKSKGNNILIVAHASSLEACTCQLQGLSPQNSKDFVQMV
RKIPYLGFCSCEELGETGIWQLTDPPILPLTHGPTGGFNWRETLLQE
;
_entity_poly.pdbx_strand_id   A,B,C,D,E,F
#
# COMPACT_ATOMS: atom_id res chain seq x y z
N LYS A 21 -35.78 -12.64 -2.07
CA LYS A 21 -34.51 -12.69 -1.27
C LYS A 21 -33.46 -11.80 -1.94
N ARG A 22 -32.90 -12.24 -3.08
CA ARG A 22 -31.75 -11.63 -3.79
C ARG A 22 -30.48 -11.78 -2.97
N CYS A 23 -29.59 -12.71 -3.35
CA CYS A 23 -28.35 -13.08 -2.62
C CYS A 23 -27.12 -12.94 -3.52
N LEU A 24 -25.97 -12.62 -2.91
CA LEU A 24 -24.61 -12.72 -3.54
C LEU A 24 -23.79 -13.75 -2.77
N PHE A 25 -23.38 -14.83 -3.45
CA PHE A 25 -22.51 -15.91 -2.91
C PHE A 25 -21.08 -15.71 -3.41
N VAL A 26 -20.10 -15.69 -2.48
CA VAL A 26 -18.65 -15.65 -2.80
C VAL A 26 -18.01 -16.91 -2.21
N CYS A 27 -17.33 -17.70 -3.05
CA CYS A 27 -16.63 -18.94 -2.62
C CYS A 27 -15.21 -18.96 -3.17
N ARG A 28 -14.30 -19.60 -2.44
CA ARG A 28 -12.88 -19.78 -2.79
C ARG A 28 -12.76 -20.94 -3.78
N HIS A 29 -11.74 -20.90 -4.64
CA HIS A 29 -11.39 -21.98 -5.61
C HIS A 29 -11.07 -23.28 -4.86
N GLY A 30 -10.93 -24.38 -5.60
CA GLY A 30 -10.61 -25.71 -5.04
C GLY A 30 -9.14 -25.86 -4.70
N GLU A 31 -8.77 -27.05 -4.21
CA GLU A 31 -7.38 -27.46 -3.86
C GLU A 31 -6.44 -27.22 -5.05
N ARG A 32 -5.28 -26.59 -4.79
CA ARG A 32 -4.30 -26.16 -5.81
C ARG A 32 -3.23 -27.26 -6.00
N MET A 33 -2.88 -27.54 -7.27
CA MET A 33 -1.78 -28.47 -7.64
C MET A 33 -0.44 -27.97 -7.09
N ASP A 34 -0.22 -26.64 -7.10
CA ASP A 34 1.07 -26.00 -6.70
C ASP A 34 1.15 -25.88 -5.18
N VAL A 35 0.13 -26.32 -4.44
CA VAL A 35 0.14 -26.41 -2.94
C VAL A 35 0.45 -27.85 -2.53
N VAL A 36 -0.33 -28.81 -3.05
CA VAL A 36 -0.21 -30.26 -2.69
C VAL A 36 1.16 -30.77 -3.12
N PHE A 37 1.58 -30.45 -4.36
CA PHE A 37 2.83 -30.93 -4.99
C PHE A 37 3.88 -29.82 -5.04
N GLY A 38 3.70 -28.75 -4.26
CA GLY A 38 4.74 -27.73 -3.97
C GLY A 38 4.97 -26.77 -5.12
N LYS A 39 5.94 -25.86 -4.95
CA LYS A 39 6.26 -24.77 -5.91
C LYS A 39 6.89 -25.34 -7.19
N TYR A 40 7.51 -26.53 -7.10
CA TYR A 40 8.20 -27.22 -8.22
C TYR A 40 7.40 -28.46 -8.64
N TRP A 41 6.09 -28.30 -8.83
CA TRP A 41 5.13 -29.40 -9.17
C TRP A 41 5.30 -29.81 -10.64
N LEU A 42 5.61 -28.86 -11.53
CA LEU A 42 5.81 -29.11 -12.99
C LEU A 42 6.96 -30.10 -13.16
N SER A 43 7.97 -30.05 -12.28
CA SER A 43 9.09 -31.01 -12.19
C SER A 43 8.55 -32.45 -12.10
N GLN A 44 7.45 -32.66 -11.36
CA GLN A 44 6.90 -33.98 -10.99
C GLN A 44 5.86 -34.49 -12.00
N CYS A 45 5.43 -33.70 -12.99
CA CYS A 45 4.37 -34.11 -13.95
C CYS A 45 4.67 -33.68 -15.40
N PHE A 46 5.83 -33.09 -15.69
CA PHE A 46 6.28 -32.77 -17.06
C PHE A 46 7.72 -33.28 -17.25
N ASP A 47 7.99 -33.95 -18.37
CA ASP A 47 9.33 -34.50 -18.72
C ASP A 47 10.06 -33.53 -19.65
N ALA A 48 11.30 -33.86 -20.04
CA ALA A 48 12.22 -33.01 -20.84
C ALA A 48 11.51 -32.46 -22.09
N LYS A 49 10.72 -33.31 -22.78
CA LYS A 49 10.05 -32.96 -24.07
C LYS A 49 8.76 -32.18 -23.81
N GLY A 50 8.30 -32.11 -22.55
CA GLY A 50 7.12 -31.33 -22.14
C GLY A 50 5.82 -32.13 -22.23
N ARG A 51 5.93 -33.47 -22.21
CA ARG A 51 4.77 -34.39 -22.14
C ARG A 51 4.27 -34.45 -20.70
N TYR A 52 2.97 -34.24 -20.49
CA TYR A 52 2.29 -34.39 -19.17
C TYR A 52 2.26 -35.88 -18.81
N ILE A 53 3.01 -36.25 -17.77
CA ILE A 53 3.04 -37.63 -17.19
C ILE A 53 2.65 -37.55 -15.72
N ARG A 54 1.37 -37.75 -15.40
CA ARG A 54 0.85 -37.72 -14.01
C ARG A 54 1.58 -38.77 -13.18
N THR A 55 1.97 -38.41 -11.95
CA THR A 55 2.73 -39.26 -10.99
C THR A 55 1.96 -39.38 -9.68
N ASN A 56 0.65 -39.09 -9.70
CA ASN A 56 -0.25 -39.17 -8.51
C ASN A 56 -1.70 -39.18 -8.98
N LEU A 57 -2.58 -39.90 -8.28
CA LEU A 57 -4.02 -40.04 -8.66
C LEU A 57 -4.77 -38.73 -8.40
N ASN A 58 -4.21 -37.83 -7.57
CA ASN A 58 -4.80 -36.49 -7.31
C ASN A 58 -4.49 -35.55 -8.49
N MET A 59 -3.58 -35.95 -9.39
CA MET A 59 -3.30 -35.23 -10.65
C MET A 59 -4.37 -35.58 -11.67
N PRO A 60 -4.91 -34.60 -12.43
CA PRO A 60 -5.93 -34.88 -13.44
C PRO A 60 -5.40 -35.75 -14.58
N HIS A 61 -6.28 -36.51 -15.24
CA HIS A 61 -5.94 -37.46 -16.33
C HIS A 61 -5.11 -36.74 -17.40
N SER A 62 -5.51 -35.52 -17.76
CA SER A 62 -4.79 -34.65 -18.73
C SER A 62 -4.98 -33.18 -18.30
N LEU A 63 -4.07 -32.30 -18.74
CA LEU A 63 -4.17 -30.83 -18.57
C LEU A 63 -4.41 -30.18 -19.92
N PRO A 64 -5.22 -29.10 -19.98
CA PRO A 64 -5.51 -28.43 -21.24
C PRO A 64 -4.25 -27.76 -21.82
N GLN A 65 -4.13 -27.73 -23.15
CA GLN A 65 -3.01 -27.09 -23.88
C GLN A 65 -3.14 -25.57 -23.75
N ARG A 66 -2.03 -24.88 -23.46
CA ARG A 66 -1.98 -23.40 -23.25
C ARG A 66 -1.24 -22.75 -24.42
N SER A 67 -1.48 -21.45 -24.62
CA SER A 67 -0.94 -20.64 -25.75
C SER A 67 0.58 -20.42 -25.61
N GLY A 68 1.13 -20.60 -24.41
CA GLY A 68 2.57 -20.40 -24.14
C GLY A 68 3.28 -21.68 -23.69
N GLY A 69 2.66 -22.84 -23.93
CA GLY A 69 3.16 -24.15 -23.48
C GLY A 69 2.91 -24.35 -22.00
N PHE A 70 3.53 -25.37 -21.40
CA PHE A 70 3.24 -25.85 -20.02
C PHE A 70 3.76 -24.84 -18.98
N ARG A 71 4.74 -23.99 -19.33
CA ARG A 71 5.40 -23.07 -18.36
C ARG A 71 4.45 -21.93 -17.95
N ASP A 72 3.32 -21.76 -18.65
CA ASP A 72 2.24 -20.79 -18.27
C ASP A 72 1.53 -21.27 -16.99
N TYR A 73 1.70 -22.53 -16.59
CA TYR A 73 1.08 -23.14 -15.38
C TYR A 73 1.84 -22.71 -14.11
N GLU A 74 3.10 -22.29 -14.24
CA GLU A 74 4.01 -21.94 -13.12
C GLU A 74 3.37 -20.86 -12.23
N LYS A 75 2.69 -19.88 -12.85
CA LYS A 75 2.09 -18.71 -12.15
C LYS A 75 0.55 -18.76 -12.25
N ASP A 76 -0.01 -19.85 -12.78
CA ASP A 76 -1.49 -20.02 -12.94
C ASP A 76 -1.82 -21.53 -12.95
N ALA A 77 -1.61 -22.20 -11.81
CA ALA A 77 -1.75 -23.66 -11.67
C ALA A 77 -3.22 -24.06 -11.65
N PRO A 78 -3.56 -25.27 -12.12
CA PRO A 78 -4.94 -25.76 -12.08
C PRO A 78 -5.27 -26.41 -10.72
N ILE A 79 -6.56 -26.65 -10.47
CA ILE A 79 -7.02 -27.38 -9.24
C ILE A 79 -6.69 -28.86 -9.43
N THR A 80 -6.64 -29.60 -8.32
CA THR A 80 -6.37 -31.06 -8.29
C THR A 80 -7.67 -31.81 -8.60
N VAL A 81 -7.62 -33.15 -8.58
CA VAL A 81 -8.79 -34.05 -8.81
C VAL A 81 -9.75 -33.88 -7.62
N PHE A 82 -9.20 -33.77 -6.41
CA PHE A 82 -9.96 -33.55 -5.16
C PHE A 82 -10.50 -32.11 -5.13
N GLY A 83 -9.81 -31.17 -5.77
CA GLY A 83 -10.27 -29.79 -6.00
C GLY A 83 -11.53 -29.75 -6.85
N CYS A 84 -11.58 -30.56 -7.91
CA CYS A 84 -12.78 -30.74 -8.79
C CYS A 84 -13.93 -31.30 -7.97
N MET A 85 -13.64 -32.24 -7.06
CA MET A 85 -14.67 -32.98 -6.28
C MET A 85 -15.25 -32.07 -5.20
N GLN A 86 -14.42 -31.25 -4.56
CA GLN A 86 -14.86 -30.18 -3.63
C GLN A 86 -15.87 -29.30 -4.36
N ALA A 87 -15.52 -28.83 -5.57
CA ALA A 87 -16.34 -27.94 -6.42
C ALA A 87 -17.63 -28.65 -6.84
N ARG A 88 -17.55 -29.89 -7.33
CA ARG A 88 -18.72 -30.74 -7.68
C ARG A 88 -19.69 -30.80 -6.50
N LEU A 89 -19.20 -31.07 -5.28
CA LEU A 89 -20.03 -31.32 -4.07
C LEU A 89 -20.78 -30.04 -3.67
N VAL A 90 -20.13 -28.87 -3.74
CA VAL A 90 -20.76 -27.56 -3.44
C VAL A 90 -21.90 -27.31 -4.45
N GLY A 91 -21.65 -27.60 -5.74
CA GLY A 91 -22.67 -27.53 -6.80
C GLY A 91 -23.84 -28.48 -6.52
N GLU A 92 -23.54 -29.73 -6.19
CA GLU A 92 -24.56 -30.78 -5.86
C GLU A 92 -25.37 -30.34 -4.64
N ALA A 93 -24.72 -29.69 -3.66
CA ALA A 93 -25.34 -29.21 -2.40
C ALA A 93 -26.29 -28.03 -2.69
N LEU A 94 -25.95 -27.18 -3.67
CA LEU A 94 -26.79 -26.03 -4.07
C LEU A 94 -28.07 -26.53 -4.74
N LEU A 95 -27.95 -27.55 -5.60
CA LEU A 95 -29.08 -28.20 -6.31
C LEU A 95 -30.02 -28.88 -5.31
N GLU A 96 -29.46 -29.64 -4.37
CA GLU A 96 -30.23 -30.43 -3.35
C GLU A 96 -31.09 -29.48 -2.49
N SER A 97 -30.60 -28.26 -2.24
CA SER A 97 -31.26 -27.24 -1.38
C SER A 97 -32.16 -26.32 -2.22
N ASN A 98 -32.40 -26.65 -3.49
CA ASN A 98 -33.21 -25.86 -4.46
C ASN A 98 -32.71 -24.40 -4.46
N THR A 99 -31.41 -24.18 -4.31
CA THR A 99 -30.76 -22.85 -4.37
C THR A 99 -30.44 -22.55 -5.84
N ILE A 100 -31.24 -21.71 -6.49
CA ILE A 100 -31.10 -21.38 -7.94
C ILE A 100 -29.97 -20.35 -8.09
N ILE A 101 -29.01 -20.63 -8.96
CA ILE A 101 -27.93 -19.67 -9.38
C ILE A 101 -28.32 -19.10 -10.74
N ASP A 102 -28.44 -17.77 -10.83
CA ASP A 102 -28.92 -17.04 -12.03
C ASP A 102 -27.71 -16.52 -12.83
N HIS A 103 -26.65 -16.08 -12.14
CA HIS A 103 -25.40 -15.55 -12.74
C HIS A 103 -24.18 -16.10 -11.99
N VAL A 104 -23.11 -16.40 -12.71
CA VAL A 104 -21.81 -16.85 -12.12
C VAL A 104 -20.67 -16.06 -12.77
N TYR A 105 -19.87 -15.40 -11.94
CA TYR A 105 -18.59 -14.72 -12.31
C TYR A 105 -17.45 -15.52 -11.68
N CYS A 106 -16.24 -15.41 -12.24
CA CYS A 106 -15.02 -16.02 -11.67
C CYS A 106 -13.80 -15.15 -11.97
N SER A 107 -12.78 -15.26 -11.13
CA SER A 107 -11.42 -14.70 -11.35
C SER A 107 -10.83 -15.33 -12.60
N PRO A 108 -9.89 -14.66 -13.30
CA PRO A 108 -9.28 -15.22 -14.51
C PRO A 108 -8.23 -16.30 -14.21
N SER A 109 -7.87 -16.48 -12.93
CA SER A 109 -7.06 -17.64 -12.45
C SER A 109 -7.71 -18.94 -12.93
N LEU A 110 -6.91 -19.83 -13.52
CA LEU A 110 -7.36 -21.14 -14.06
C LEU A 110 -8.05 -21.94 -12.96
N ARG A 111 -7.53 -21.86 -11.72
CA ARG A 111 -8.04 -22.64 -10.56
C ARG A 111 -9.48 -22.21 -10.25
N CYS A 112 -9.82 -20.94 -10.49
CA CYS A 112 -11.17 -20.36 -10.24
C CYS A 112 -12.13 -20.75 -11.37
N VAL A 113 -11.70 -20.65 -12.62
CA VAL A 113 -12.54 -21.01 -13.81
C VAL A 113 -12.92 -22.49 -13.69
N GLN A 114 -11.94 -23.35 -13.36
CA GLN A 114 -12.11 -24.81 -13.18
C GLN A 114 -13.12 -25.10 -12.05
N THR A 115 -12.97 -24.44 -10.90
CA THR A 115 -13.90 -24.54 -9.74
C THR A 115 -15.32 -24.19 -10.19
N ALA A 116 -15.48 -23.01 -10.80
CA ALA A 116 -16.76 -22.48 -11.32
C ALA A 116 -17.42 -23.54 -12.22
N HIS A 117 -16.67 -24.08 -13.19
CA HIS A 117 -17.16 -25.08 -14.16
C HIS A 117 -17.62 -26.34 -13.42
N ASN A 118 -16.83 -26.84 -12.46
CA ASN A 118 -17.15 -28.07 -11.69
C ASN A 118 -18.35 -27.83 -10.78
N ILE A 119 -18.55 -26.60 -10.29
CA ILE A 119 -19.78 -26.23 -9.52
C ILE A 119 -20.99 -26.30 -10.46
N LEU A 120 -20.85 -25.84 -11.72
CA LEU A 120 -21.92 -25.90 -12.74
C LEU A 120 -22.25 -27.37 -13.07
N LYS A 121 -21.24 -28.24 -13.10
CA LYS A 121 -21.40 -29.69 -13.35
C LYS A 121 -22.24 -30.31 -12.21
N GLY A 122 -21.90 -30.02 -10.95
CA GLY A 122 -22.67 -30.46 -9.77
C GLY A 122 -24.06 -29.85 -9.76
N LEU A 123 -24.19 -28.65 -10.31
CA LEU A 123 -25.46 -27.85 -10.36
C LEU A 123 -26.34 -28.35 -11.52
N GLN A 124 -25.78 -29.17 -12.43
CA GLN A 124 -26.43 -29.68 -13.68
C GLN A 124 -26.85 -28.47 -14.53
N GLN A 125 -25.94 -27.50 -14.68
CA GLN A 125 -26.16 -26.21 -15.39
C GLN A 125 -24.97 -25.89 -16.32
N GLU A 126 -24.24 -26.91 -16.78
CA GLU A 126 -23.06 -26.74 -17.68
C GLU A 126 -23.49 -26.10 -19.00
N ASN A 127 -24.69 -26.44 -19.47
CA ASN A 127 -25.18 -26.14 -20.85
C ASN A 127 -26.18 -24.97 -20.82
N HIS A 128 -26.46 -24.38 -19.65
CA HIS A 128 -27.38 -23.23 -19.48
C HIS A 128 -26.60 -21.98 -19.05
N LEU A 129 -25.95 -22.03 -17.88
CA LEU A 129 -25.19 -20.88 -17.31
C LEU A 129 -23.82 -20.78 -17.99
N LYS A 130 -23.40 -19.55 -18.34
CA LYS A 130 -22.10 -19.25 -18.99
C LYS A 130 -21.30 -18.31 -18.09
N ILE A 131 -20.11 -18.74 -17.65
CA ILE A 131 -19.28 -18.09 -16.60
C ILE A 131 -18.73 -16.77 -17.13
N ARG A 132 -18.86 -15.70 -16.34
CA ARG A 132 -18.36 -14.33 -16.67
C ARG A 132 -16.98 -14.13 -16.04
N VAL A 133 -15.92 -14.30 -16.84
CA VAL A 133 -14.51 -14.13 -16.41
C VAL A 133 -14.28 -12.62 -16.18
N GLU A 134 -14.05 -12.24 -14.93
CA GLU A 134 -13.86 -10.84 -14.47
C GLU A 134 -12.46 -10.70 -13.86
N PRO A 135 -11.49 -10.09 -14.57
CA PRO A 135 -10.16 -9.84 -14.00
C PRO A 135 -10.18 -9.00 -12.71
N GLY A 136 -11.22 -8.16 -12.54
CA GLY A 136 -11.45 -7.37 -11.32
C GLY A 136 -11.66 -8.21 -10.08
N LEU A 137 -11.89 -9.52 -10.24
CA LEU A 137 -12.05 -10.49 -9.13
C LEU A 137 -10.76 -11.27 -8.87
N PHE A 138 -9.69 -11.02 -9.65
CA PHE A 138 -8.36 -11.59 -9.33
C PHE A 138 -7.94 -11.07 -7.95
N GLU A 139 -7.19 -11.88 -7.20
CA GLU A 139 -6.79 -11.56 -5.81
C GLU A 139 -5.78 -10.41 -5.82
N TRP A 140 -5.38 -9.98 -4.63
CA TRP A 140 -4.38 -8.91 -4.37
C TRP A 140 -3.11 -9.21 -5.17
N THR A 141 -2.74 -8.35 -6.13
CA THR A 141 -1.65 -8.59 -7.11
C THR A 141 -0.29 -8.53 -6.41
N LYS A 142 -0.22 -8.09 -5.15
CA LYS A 142 0.97 -8.19 -4.27
C LYS A 142 1.41 -9.65 -4.15
N TRP A 143 0.47 -10.60 -4.32
CA TRP A 143 0.72 -12.05 -4.13
C TRP A 143 1.15 -12.73 -5.44
N VAL A 144 1.39 -11.97 -6.51
CA VAL A 144 1.98 -12.48 -7.78
C VAL A 144 3.50 -12.35 -7.68
N ALA A 145 4.23 -13.32 -8.24
CA ALA A 145 5.72 -13.41 -8.18
C ALA A 145 6.32 -12.61 -9.35
N GLY A 146 7.50 -12.01 -9.12
CA GLY A 146 8.22 -11.19 -10.11
C GLY A 146 7.51 -9.87 -10.37
N SER A 147 7.64 -9.35 -11.60
CA SER A 147 7.08 -8.05 -12.05
C SER A 147 6.15 -8.27 -13.26
N THR A 148 5.60 -9.48 -13.41
CA THR A 148 4.68 -9.87 -14.52
C THR A 148 3.45 -10.56 -13.93
N LEU A 149 2.27 -10.24 -14.48
CA LEU A 149 0.97 -10.90 -14.14
C LEU A 149 0.94 -12.29 -14.77
N PRO A 150 0.12 -13.23 -14.26
CA PRO A 150 0.00 -14.56 -14.86
C PRO A 150 -0.58 -14.50 -16.27
N ALA A 151 -0.18 -15.44 -17.13
CA ALA A 151 -0.64 -15.56 -18.53
C ALA A 151 -2.02 -16.23 -18.55
N TRP A 152 -3.05 -15.54 -18.03
CA TRP A 152 -4.43 -16.07 -17.90
C TRP A 152 -4.97 -16.46 -19.29
N ILE A 153 -5.48 -17.68 -19.43
CA ILE A 153 -6.14 -18.18 -20.67
C ILE A 153 -7.31 -17.26 -20.97
N PRO A 154 -7.43 -16.69 -22.20
CA PRO A 154 -8.54 -15.81 -22.54
C PRO A 154 -9.85 -16.59 -22.59
N PRO A 155 -11.01 -15.93 -22.34
CA PRO A 155 -12.32 -16.61 -22.41
C PRO A 155 -12.51 -17.51 -23.63
N SER A 156 -12.10 -17.03 -24.81
CA SER A 156 -12.26 -17.72 -26.12
C SER A 156 -11.60 -19.11 -26.09
N GLU A 157 -10.47 -19.25 -25.38
CA GLU A 157 -9.68 -20.52 -25.28
C GLU A 157 -10.19 -21.39 -24.12
N LEU A 158 -10.72 -20.79 -23.07
CA LEU A 158 -11.36 -21.53 -21.93
C LEU A 158 -12.58 -22.28 -22.48
N ALA A 159 -13.40 -21.62 -23.30
CA ALA A 159 -14.58 -22.17 -24.02
C ALA A 159 -14.14 -23.34 -24.90
N ALA A 160 -12.97 -23.23 -25.54
CA ALA A 160 -12.40 -24.23 -26.48
C ALA A 160 -11.77 -25.40 -25.70
N ALA A 161 -11.90 -25.42 -24.37
CA ALA A 161 -11.41 -26.52 -23.48
C ALA A 161 -12.59 -27.13 -22.70
N ASN A 162 -13.82 -26.88 -23.13
CA ASN A 162 -15.07 -27.48 -22.58
C ASN A 162 -15.62 -26.63 -21.41
N LEU A 163 -14.79 -25.79 -20.79
CA LEU A 163 -15.17 -24.95 -19.62
C LEU A 163 -16.26 -23.96 -20.06
N SER A 164 -17.40 -23.93 -19.35
CA SER A 164 -18.64 -23.23 -19.75
C SER A 164 -18.50 -21.72 -19.51
N VAL A 165 -17.63 -21.07 -20.28
CA VAL A 165 -17.30 -19.61 -20.19
C VAL A 165 -18.13 -18.85 -21.22
N ASP A 166 -18.68 -17.70 -20.82
CA ASP A 166 -19.34 -16.71 -21.72
C ASP A 166 -18.26 -15.87 -22.40
N THR A 167 -18.08 -16.02 -23.72
CA THR A 167 -17.06 -15.29 -24.53
C THR A 167 -17.55 -13.91 -24.95
N THR A 168 -18.80 -13.56 -24.59
CA THR A 168 -19.48 -12.30 -24.97
C THR A 168 -19.25 -11.24 -23.89
N TYR A 169 -19.00 -11.67 -22.64
CA TYR A 169 -19.01 -10.82 -21.42
C TYR A 169 -17.98 -9.69 -21.54
N ARG A 170 -18.42 -8.45 -21.29
CA ARG A 170 -17.56 -7.23 -21.23
C ARG A 170 -17.06 -7.05 -19.80
N PRO A 171 -15.75 -7.24 -19.52
CA PRO A 171 -15.24 -7.10 -18.17
C PRO A 171 -15.27 -5.64 -17.67
N HIS A 172 -15.59 -5.43 -16.39
CA HIS A 172 -15.62 -4.11 -15.72
C HIS A 172 -14.19 -3.61 -15.51
N ILE A 173 -13.25 -4.52 -15.21
CA ILE A 173 -11.79 -4.22 -15.11
C ILE A 173 -11.03 -5.19 -16.01
N PRO A 174 -10.61 -4.76 -17.22
CA PRO A 174 -9.79 -5.60 -18.08
C PRO A 174 -8.42 -5.92 -17.45
N ILE A 175 -7.74 -6.92 -18.01
CA ILE A 175 -6.39 -7.39 -17.56
C ILE A 175 -5.41 -6.21 -17.61
N SER A 176 -5.51 -5.37 -18.65
CA SER A 176 -4.58 -4.25 -18.95
C SER A 176 -4.65 -3.16 -17.86
N LYS A 177 -5.78 -3.06 -17.13
CA LYS A 177 -6.01 -2.04 -16.09
C LYS A 177 -5.65 -2.55 -14.68
N LEU A 178 -5.14 -3.79 -14.57
CA LEU A 178 -4.67 -4.36 -13.27
C LEU A 178 -3.22 -3.94 -13.04
N VAL A 179 -2.94 -3.40 -11.85
CA VAL A 179 -1.60 -2.91 -11.42
C VAL A 179 -0.79 -4.11 -10.94
N VAL A 180 0.53 -4.11 -11.21
CA VAL A 180 1.48 -5.13 -10.71
C VAL A 180 1.89 -4.73 -9.29
N SER A 181 1.76 -5.65 -8.33
CA SER A 181 2.12 -5.43 -6.89
C SER A 181 1.37 -4.18 -6.37
N GLU A 182 0.06 -4.14 -6.57
CA GLU A 182 -0.84 -3.03 -6.14
C GLU A 182 -0.80 -2.92 -4.61
N SER A 183 -1.20 -1.76 -4.08
CA SER A 183 -1.37 -1.52 -2.61
C SER A 183 -2.61 -2.27 -2.10
N TYR A 184 -2.67 -2.50 -0.78
CA TYR A 184 -3.84 -3.10 -0.09
C TYR A 184 -5.09 -2.29 -0.44
N ASP A 185 -4.97 -0.96 -0.41
CA ASP A 185 -6.08 0.00 -0.63
C ASP A 185 -6.57 -0.11 -2.08
N THR A 186 -5.66 -0.19 -3.06
CA THR A 186 -5.99 -0.40 -4.50
C THR A 186 -6.82 -1.67 -4.64
N TYR A 187 -6.36 -2.79 -4.07
CA TYR A 187 -7.04 -4.11 -4.14
C TYR A 187 -8.44 -3.99 -3.53
N ILE A 188 -8.55 -3.46 -2.31
CA ILE A 188 -9.83 -3.34 -1.55
C ILE A 188 -10.81 -2.47 -2.36
N SER A 189 -10.33 -1.35 -2.90
CA SER A 189 -11.11 -0.34 -3.66
C SER A 189 -11.70 -0.96 -4.93
N ARG A 190 -10.88 -1.65 -5.74
CA ARG A 190 -11.33 -2.26 -7.03
C ARG A 190 -12.28 -3.43 -6.73
N SER A 191 -12.00 -4.21 -5.68
CA SER A 191 -12.86 -5.34 -5.21
C SER A 191 -14.27 -4.84 -4.90
N PHE A 192 -14.39 -3.63 -4.34
CA PHE A 192 -15.67 -2.99 -3.98
C PHE A 192 -16.35 -2.44 -5.24
N GLN A 193 -15.62 -1.64 -6.03
CA GLN A 193 -16.08 -1.05 -7.30
C GLN A 193 -16.66 -2.14 -8.22
N VAL A 194 -15.97 -3.28 -8.34
CA VAL A 194 -16.31 -4.35 -9.31
C VAL A 194 -17.54 -5.13 -8.80
N THR A 195 -17.69 -5.27 -7.49
CA THR A 195 -18.81 -6.04 -6.85
C THR A 195 -20.12 -5.26 -7.07
N LYS A 196 -20.09 -3.93 -6.90
CA LYS A 196 -21.25 -3.04 -7.16
C LYS A 196 -21.62 -3.12 -8.65
N GLU A 197 -20.64 -3.08 -9.55
CA GLU A 197 -20.85 -3.17 -11.02
C GLU A 197 -21.47 -4.53 -11.37
N ILE A 198 -20.99 -5.61 -10.76
CA ILE A 198 -21.55 -6.99 -10.92
C ILE A 198 -23.02 -6.99 -10.46
N ILE A 199 -23.27 -6.48 -9.24
CA ILE A 199 -24.63 -6.40 -8.62
C ILE A 199 -25.55 -5.57 -9.53
N SER A 200 -25.04 -4.45 -10.05
CA SER A 200 -25.79 -3.45 -10.86
C SER A 200 -26.33 -4.08 -12.15
N GLU A 201 -25.52 -4.87 -12.86
CA GLU A 201 -25.87 -5.43 -14.19
C GLU A 201 -26.70 -6.72 -14.04
N CYS A 202 -26.85 -7.24 -12.82
CA CYS A 202 -27.66 -8.46 -12.50
C CYS A 202 -28.96 -8.07 -11.78
N LYS A 203 -29.22 -6.76 -11.62
CA LYS A 203 -30.45 -6.22 -10.98
C LYS A 203 -31.67 -6.68 -11.76
N SER A 204 -31.60 -6.63 -13.09
CA SER A 204 -32.70 -6.96 -14.04
C SER A 204 -32.81 -8.48 -14.21
N LYS A 205 -31.70 -9.14 -14.55
CA LYS A 205 -31.65 -10.49 -15.17
C LYS A 205 -32.08 -11.59 -14.18
N GLY A 206 -31.66 -11.52 -12.90
CA GLY A 206 -31.86 -12.63 -11.93
C GLY A 206 -31.59 -12.24 -10.49
N ASN A 207 -31.96 -13.14 -9.57
CA ASN A 207 -31.94 -12.93 -8.09
C ASN A 207 -30.54 -13.21 -7.52
N ASN A 208 -30.05 -14.45 -7.64
CA ASN A 208 -28.86 -14.97 -6.92
C ASN A 208 -27.62 -14.90 -7.82
N ILE A 209 -26.51 -14.35 -7.30
CA ILE A 209 -25.20 -14.19 -7.98
C ILE A 209 -24.15 -15.02 -7.23
N LEU A 210 -23.45 -15.91 -7.95
CA LEU A 210 -22.29 -16.68 -7.43
C LEU A 210 -20.98 -16.08 -8.00
N ILE A 211 -20.08 -15.65 -7.11
CA ILE A 211 -18.69 -15.25 -7.47
C ILE A 211 -17.76 -16.39 -7.03
N VAL A 212 -16.96 -16.92 -7.96
CA VAL A 212 -15.93 -17.97 -7.70
C VAL A 212 -14.56 -17.33 -7.90
N ALA A 213 -13.83 -17.07 -6.80
CA ALA A 213 -12.52 -16.38 -6.83
C ALA A 213 -11.63 -16.94 -5.71
N HIS A 214 -11.00 -16.04 -4.94
CA HIS A 214 -9.90 -16.38 -4.00
C HIS A 214 -10.37 -16.17 -2.56
N ALA A 215 -9.58 -16.63 -1.59
CA ALA A 215 -9.79 -16.40 -0.15
C ALA A 215 -9.99 -14.90 0.11
N SER A 216 -9.15 -14.05 -0.48
CA SER A 216 -9.17 -12.57 -0.30
C SER A 216 -10.50 -11.99 -0.78
N SER A 217 -11.12 -12.59 -1.81
CA SER A 217 -12.39 -12.15 -2.44
C SER A 217 -13.55 -12.20 -1.43
N LEU A 218 -13.62 -13.22 -0.58
CA LEU A 218 -14.77 -13.42 0.37
C LEU A 218 -14.91 -12.20 1.30
N GLU A 219 -13.80 -11.57 1.70
CA GLU A 219 -13.80 -10.39 2.59
C GLU A 219 -13.79 -9.10 1.76
N ALA A 220 -12.89 -9.00 0.77
CA ALA A 220 -12.66 -7.77 -0.03
C ALA A 220 -13.92 -7.37 -0.82
N CYS A 221 -14.71 -8.35 -1.29
CA CYS A 221 -15.91 -8.12 -2.13
C CYS A 221 -17.12 -7.73 -1.25
N THR A 222 -17.17 -8.20 0.00
CA THR A 222 -18.36 -8.08 0.89
C THR A 222 -18.16 -7.00 1.97
N CYS A 223 -16.92 -6.67 2.34
CA CYS A 223 -16.59 -5.85 3.54
C CYS A 223 -17.32 -4.50 3.52
N GLN A 224 -17.27 -3.79 2.39
CA GLN A 224 -17.84 -2.42 2.23
C GLN A 224 -19.27 -2.47 1.70
N LEU A 225 -19.74 -3.65 1.30
CA LEU A 225 -21.12 -3.89 0.80
C LEU A 225 -22.13 -3.61 1.91
N GLN A 226 -21.72 -3.82 3.17
CA GLN A 226 -22.57 -3.72 4.38
C GLN A 226 -22.49 -2.31 4.97
N GLY A 227 -21.88 -1.37 4.25
CA GLY A 227 -21.64 0.02 4.71
C GLY A 227 -20.39 0.15 5.56
N LEU A 228 -19.84 -0.97 6.05
CA LEU A 228 -18.72 -1.01 7.03
C LEU A 228 -17.44 -0.45 6.39
N SER A 229 -16.49 -0.03 7.23
CA SER A 229 -15.11 0.35 6.82
C SER A 229 -14.26 -0.91 6.68
N PRO A 230 -13.36 -0.97 5.67
CA PRO A 230 -12.52 -2.16 5.48
C PRO A 230 -11.55 -2.33 6.65
N GLN A 231 -11.12 -3.58 6.88
CA GLN A 231 -10.10 -3.94 7.91
C GLN A 231 -8.76 -3.30 7.51
N ASN A 232 -7.85 -3.11 8.46
CA ASN A 232 -6.43 -2.78 8.16
C ASN A 232 -5.80 -4.03 7.55
N SER A 233 -4.72 -3.86 6.78
CA SER A 233 -4.09 -4.91 5.93
C SER A 233 -3.77 -6.17 6.76
N LYS A 234 -3.28 -6.03 7.98
CA LYS A 234 -2.76 -7.17 8.78
C LYS A 234 -3.91 -8.01 9.34
N ASP A 235 -5.00 -7.36 9.78
CA ASP A 235 -6.24 -8.07 10.20
C ASP A 235 -6.81 -8.82 8.99
N PHE A 236 -6.87 -8.14 7.83
CA PHE A 236 -7.40 -8.69 6.55
C PHE A 236 -6.71 -10.03 6.25
N VAL A 237 -5.38 -10.04 6.25
CA VAL A 237 -4.55 -11.22 5.86
C VAL A 237 -4.87 -12.39 6.80
N GLN A 238 -5.07 -12.13 8.10
CA GLN A 238 -5.40 -13.14 9.13
C GLN A 238 -6.78 -13.74 8.85
N MET A 239 -7.79 -12.90 8.57
CA MET A 239 -9.16 -13.34 8.21
C MET A 239 -9.08 -14.26 6.98
N VAL A 240 -8.32 -13.83 5.97
CA VAL A 240 -8.22 -14.44 4.61
C VAL A 240 -7.63 -15.85 4.72
N ARG A 241 -6.71 -16.08 5.66
CA ARG A 241 -5.95 -17.36 5.77
C ARG A 241 -6.78 -18.42 6.50
N LYS A 242 -7.92 -18.05 7.10
CA LYS A 242 -8.82 -18.99 7.83
C LYS A 242 -9.94 -19.47 6.91
N ILE A 243 -9.90 -19.09 5.62
CA ILE A 243 -10.92 -19.47 4.61
C ILE A 243 -10.46 -20.73 3.89
N PRO A 244 -11.22 -21.85 4.00
CA PRO A 244 -10.81 -23.11 3.40
C PRO A 244 -11.13 -23.17 1.90
N TYR A 245 -10.62 -24.18 1.20
CA TYR A 245 -10.97 -24.49 -0.21
C TYR A 245 -12.50 -24.64 -0.31
N LEU A 246 -13.11 -23.98 -1.30
CA LEU A 246 -14.57 -23.89 -1.54
C LEU A 246 -15.28 -23.28 -0.32
N GLY A 247 -14.55 -22.58 0.55
CA GLY A 247 -15.15 -21.73 1.61
C GLY A 247 -16.20 -20.81 1.02
N PHE A 248 -17.42 -20.87 1.54
CA PHE A 248 -18.65 -20.32 0.92
C PHE A 248 -19.33 -19.37 1.91
N CYS A 249 -19.40 -18.08 1.59
CA CYS A 249 -20.12 -17.03 2.37
C CYS A 249 -21.28 -16.47 1.54
N SER A 250 -22.24 -15.81 2.20
CA SER A 250 -23.55 -15.39 1.63
C SER A 250 -23.89 -13.96 2.07
N CYS A 251 -24.44 -13.16 1.15
CA CYS A 251 -24.86 -11.74 1.36
C CYS A 251 -26.28 -11.54 0.82
N GLU A 252 -27.22 -11.12 1.68
CA GLU A 252 -28.60 -10.75 1.28
C GLU A 252 -28.74 -9.22 1.29
N GLU A 253 -29.34 -8.64 0.25
CA GLU A 253 -29.71 -7.20 0.20
C GLU A 253 -30.80 -6.96 1.26
N LEU A 254 -30.60 -5.94 2.09
CA LEU A 254 -31.60 -5.47 3.10
C LEU A 254 -32.61 -4.56 2.39
N GLY A 255 -33.81 -5.09 2.13
CA GLY A 255 -34.91 -4.38 1.42
C GLY A 255 -34.44 -3.81 0.09
N GLU A 256 -34.56 -2.49 -0.07
CA GLU A 256 -33.96 -1.71 -1.18
C GLU A 256 -33.05 -0.63 -0.59
N THR A 257 -32.40 -0.95 0.55
CA THR A 257 -31.50 -0.04 1.30
C THR A 257 -30.21 0.19 0.51
N GLY A 258 -29.81 -0.78 -0.32
CA GLY A 258 -28.54 -0.77 -1.07
C GLY A 258 -27.42 -1.42 -0.28
N ILE A 259 -27.56 -1.46 1.06
CA ILE A 259 -26.64 -2.19 1.99
C ILE A 259 -27.05 -3.67 1.99
N TRP A 260 -26.05 -4.57 1.99
CA TRP A 260 -26.23 -6.04 2.07
C TRP A 260 -25.72 -6.50 3.44
N GLN A 261 -26.22 -7.62 3.96
CA GLN A 261 -25.71 -8.22 5.23
C GLN A 261 -25.33 -9.68 4.98
N LEU A 262 -24.31 -10.17 5.69
CA LEU A 262 -23.89 -11.59 5.71
C LEU A 262 -24.98 -12.41 6.41
N THR A 263 -25.23 -13.64 5.93
CA THR A 263 -26.28 -14.55 6.42
C THR A 263 -25.77 -16.00 6.42
N ASP A 264 -26.43 -16.89 7.17
CA ASP A 264 -26.18 -18.36 7.17
C ASP A 264 -26.29 -18.84 5.74
N PRO A 265 -25.21 -19.40 5.13
CA PRO A 265 -25.25 -19.83 3.73
C PRO A 265 -26.33 -20.91 3.52
N PRO A 266 -26.82 -21.09 2.27
CA PRO A 266 -27.89 -22.04 2.00
C PRO A 266 -27.46 -23.51 2.04
N ILE A 267 -26.15 -23.77 2.01
CA ILE A 267 -25.53 -25.13 2.00
C ILE A 267 -24.64 -25.30 3.24
N LEU A 268 -24.39 -26.56 3.64
CA LEU A 268 -23.51 -26.92 4.78
C LEU A 268 -22.07 -26.59 4.42
N PRO A 269 -21.18 -26.41 5.43
CA PRO A 269 -19.74 -26.30 5.16
C PRO A 269 -19.15 -27.64 4.68
N LEU A 270 -17.94 -27.61 4.10
CA LEU A 270 -17.21 -28.80 3.59
C LEU A 270 -15.83 -28.86 4.25
N THR A 271 -15.61 -29.88 5.09
CA THR A 271 -14.35 -30.11 5.86
C THR A 271 -13.87 -31.55 5.67
N HIS A 272 -12.71 -31.73 5.03
CA HIS A 272 -11.97 -33.02 5.00
C HIS A 272 -10.51 -32.78 5.40
N GLY A 273 -9.84 -33.84 5.89
CA GLY A 273 -8.44 -33.81 6.35
C GLY A 273 -7.47 -34.17 5.22
N PRO A 274 -6.16 -34.26 5.51
CA PRO A 274 -5.17 -34.61 4.49
C PRO A 274 -5.15 -36.11 4.22
N THR A 275 -4.35 -36.52 3.22
CA THR A 275 -4.07 -37.94 2.87
C THR A 275 -3.40 -38.61 4.07
N GLY A 276 -2.50 -37.90 4.73
CA GLY A 276 -1.84 -38.31 5.99
C GLY A 276 -0.35 -38.52 5.81
N GLY A 277 0.24 -39.38 6.64
CA GLY A 277 1.66 -39.79 6.58
C GLY A 277 2.59 -38.61 6.82
N LYS B 21 -13.24 20.63 -15.02
CA LYS B 21 -11.89 20.12 -14.61
C LYS B 21 -12.04 19.14 -13.44
N ARG B 22 -12.71 19.56 -12.37
CA ARG B 22 -12.90 18.79 -11.10
C ARG B 22 -11.54 18.55 -10.43
N CYS B 23 -11.18 19.38 -9.46
CA CYS B 23 -9.83 19.41 -8.83
C CYS B 23 -9.92 19.12 -7.32
N LEU B 24 -8.87 18.50 -6.76
CA LEU B 24 -8.67 18.32 -5.31
C LEU B 24 -7.42 19.08 -4.87
N PHE B 25 -7.59 20.06 -3.99
CA PHE B 25 -6.49 20.86 -3.39
C PHE B 25 -6.27 20.39 -1.95
N VAL B 26 -5.01 20.10 -1.60
CA VAL B 26 -4.59 19.73 -0.22
C VAL B 26 -3.44 20.66 0.16
N CYS B 27 -3.57 21.39 1.28
CA CYS B 27 -2.57 22.37 1.77
C CYS B 27 -2.36 22.20 3.28
N ARG B 28 -1.17 22.56 3.75
CA ARG B 28 -0.73 22.45 5.17
C ARG B 28 -1.23 23.68 5.94
N HIS B 29 -1.51 23.53 7.23
CA HIS B 29 -1.89 24.62 8.17
C HIS B 29 -0.79 25.68 8.20
N GLY B 30 -1.08 26.84 8.81
CA GLY B 30 -0.14 27.96 8.91
C GLY B 30 0.87 27.76 10.03
N GLU B 31 1.75 28.75 10.24
CA GLU B 31 2.75 28.77 11.34
C GLU B 31 2.08 28.42 12.67
N ARG B 32 2.73 27.60 13.49
CA ARG B 32 2.22 27.12 14.80
C ARG B 32 2.82 27.95 15.94
N MET B 33 1.98 28.32 16.92
CA MET B 33 2.38 29.07 18.13
C MET B 33 3.44 28.28 18.92
N ASP B 34 3.24 26.96 19.06
CA ASP B 34 4.11 26.08 19.90
C ASP B 34 5.48 25.87 19.23
N VAL B 35 5.63 26.18 17.95
CA VAL B 35 6.93 26.10 17.23
C VAL B 35 7.72 27.40 17.51
N VAL B 36 7.11 28.56 17.27
CA VAL B 36 7.78 29.90 17.38
C VAL B 36 8.13 30.15 18.85
N PHE B 37 7.20 29.91 19.77
CA PHE B 37 7.33 30.23 21.21
C PHE B 37 7.61 28.96 22.03
N GLY B 38 7.97 27.86 21.37
CA GLY B 38 8.55 26.66 22.00
C GLY B 38 7.52 25.84 22.75
N LYS B 39 7.96 24.76 23.40
CA LYS B 39 7.10 23.75 24.06
C LYS B 39 6.34 24.38 25.23
N TYR B 40 6.97 25.31 25.96
CA TYR B 40 6.42 25.94 27.20
C TYR B 40 5.86 27.33 26.88
N TRP B 41 5.11 27.45 25.77
CA TRP B 41 4.58 28.74 25.24
C TRP B 41 3.40 29.23 26.10
N LEU B 42 2.64 28.32 26.71
CA LEU B 42 1.49 28.66 27.59
C LEU B 42 1.99 29.44 28.82
N SER B 43 3.23 29.18 29.26
CA SER B 43 3.94 29.92 30.34
C SER B 43 4.11 31.38 29.95
N GLN B 44 4.20 31.68 28.64
CA GLN B 44 4.53 33.03 28.10
C GLN B 44 3.25 33.85 27.85
N CYS B 45 2.05 33.28 27.94
CA CYS B 45 0.80 33.99 27.53
C CYS B 45 -0.45 33.55 28.31
N PHE B 46 -0.32 32.98 29.50
CA PHE B 46 -1.46 32.71 30.42
C PHE B 46 -1.00 32.89 31.88
N ASP B 47 -1.60 33.85 32.59
CA ASP B 47 -1.34 34.11 34.04
C ASP B 47 -2.05 33.03 34.86
N ALA B 48 -1.84 33.02 36.18
CA ALA B 48 -2.32 31.98 37.12
C ALA B 48 -3.86 32.01 37.24
N LYS B 49 -4.49 33.14 36.91
CA LYS B 49 -5.97 33.29 36.90
C LYS B 49 -6.55 32.75 35.59
N GLY B 50 -5.69 32.44 34.61
CA GLY B 50 -6.08 31.82 33.33
C GLY B 50 -6.40 32.85 32.25
N ARG B 51 -6.04 34.12 32.47
CA ARG B 51 -6.26 35.22 31.51
C ARG B 51 -5.16 35.17 30.44
N TYR B 52 -5.55 35.35 29.17
CA TYR B 52 -4.65 35.40 27.99
C TYR B 52 -3.98 36.77 27.94
N ILE B 53 -2.65 36.80 28.10
CA ILE B 53 -1.80 38.03 28.05
C ILE B 53 -0.70 37.81 27.01
N ARG B 54 -0.88 38.37 25.81
CA ARG B 54 0.10 38.25 24.69
C ARG B 54 1.39 39.00 25.06
N THR B 55 2.55 38.38 24.82
CA THR B 55 3.90 38.93 25.13
C THR B 55 4.70 39.14 23.83
N ASN B 56 4.06 38.98 22.68
CA ASN B 56 4.69 39.11 21.33
C ASN B 56 3.61 39.55 20.33
N LEU B 57 3.99 40.32 19.31
CA LEU B 57 3.06 40.85 18.28
C LEU B 57 2.62 39.72 17.33
N ASN B 58 3.31 38.57 17.35
CA ASN B 58 3.00 37.38 16.50
C ASN B 58 1.97 36.48 17.21
N MET B 59 1.64 36.77 18.48
CA MET B 59 0.53 36.10 19.21
C MET B 59 -0.78 36.81 18.87
N PRO B 60 -1.87 36.08 18.53
CA PRO B 60 -3.12 36.71 18.14
C PRO B 60 -3.75 37.55 19.26
N HIS B 61 -4.67 38.45 18.90
CA HIS B 61 -5.39 39.39 19.81
C HIS B 61 -6.01 38.60 20.96
N SER B 62 -6.79 37.57 20.61
CA SER B 62 -7.47 36.64 21.56
C SER B 62 -7.33 35.20 21.08
N LEU B 63 -7.59 34.24 21.97
CA LEU B 63 -7.62 32.79 21.65
C LEU B 63 -8.98 32.23 22.02
N PRO B 64 -9.55 31.28 21.23
CA PRO B 64 -10.83 30.67 21.57
C PRO B 64 -10.82 30.05 22.97
N GLN B 65 -11.90 30.27 23.73
CA GLN B 65 -12.13 29.66 25.06
C GLN B 65 -12.38 28.15 24.86
N ARG B 66 -11.79 27.31 25.73
CA ARG B 66 -11.81 25.82 25.61
C ARG B 66 -12.53 25.22 26.82
N SER B 67 -13.38 24.21 26.57
CA SER B 67 -14.22 23.51 27.58
C SER B 67 -13.43 23.22 28.86
N GLY B 68 -12.18 22.74 28.72
CA GLY B 68 -11.32 22.29 29.83
C GLY B 68 -10.26 23.31 30.21
N GLY B 69 -10.44 24.58 29.83
CA GLY B 69 -9.50 25.67 30.15
C GLY B 69 -8.31 25.69 29.21
N PHE B 70 -7.35 26.58 29.47
CA PHE B 70 -6.20 26.89 28.58
C PHE B 70 -5.25 25.69 28.45
N ARG B 71 -5.25 24.77 29.43
CA ARG B 71 -4.33 23.60 29.46
C ARG B 71 -4.69 22.59 28.36
N ASP B 72 -5.89 22.67 27.79
CA ASP B 72 -6.33 21.87 26.61
C ASP B 72 -5.53 22.28 25.36
N TYR B 73 -4.81 23.41 25.39
CA TYR B 73 -3.95 23.92 24.29
C TYR B 73 -2.63 23.14 24.24
N GLU B 74 -2.27 22.41 25.30
CA GLU B 74 -0.96 21.71 25.46
C GLU B 74 -0.64 20.85 24.22
N LYS B 75 -1.66 20.23 23.60
CA LYS B 75 -1.48 19.28 22.47
C LYS B 75 -2.33 19.69 21.27
N ASP B 76 -2.79 20.95 21.21
CA ASP B 76 -3.66 21.47 20.12
C ASP B 76 -3.47 22.99 20.03
N ALA B 77 -2.25 23.42 19.68
CA ALA B 77 -1.82 24.84 19.67
C ALA B 77 -2.42 25.58 18.49
N PRO B 78 -2.80 26.86 18.65
CA PRO B 78 -3.35 27.65 17.54
C PRO B 78 -2.26 28.17 16.60
N ILE B 79 -2.65 28.73 15.46
CA ILE B 79 -1.72 29.39 14.49
C ILE B 79 -1.37 30.77 15.03
N THR B 80 -0.22 31.30 14.63
CA THR B 80 0.26 32.65 14.98
C THR B 80 -0.48 33.70 14.13
N VAL B 81 -0.23 34.98 14.40
CA VAL B 81 -0.72 36.15 13.59
C VAL B 81 -0.26 35.95 12.15
N PHE B 82 1.00 35.54 11.95
CA PHE B 82 1.63 35.34 10.62
C PHE B 82 1.02 34.09 9.95
N GLY B 83 0.61 33.10 10.75
CA GLY B 83 -0.13 31.91 10.30
C GLY B 83 -1.45 32.28 9.65
N CYS B 84 -2.19 33.23 10.24
CA CYS B 84 -3.45 33.79 9.70
C CYS B 84 -3.16 34.50 8.36
N MET B 85 -2.08 35.29 8.32
CA MET B 85 -1.60 36.01 7.11
C MET B 85 -1.35 35.02 5.97
N GLN B 86 -0.56 33.97 6.24
CA GLN B 86 -0.20 32.91 5.25
C GLN B 86 -1.48 32.38 4.60
N ALA B 87 -2.45 31.97 5.43
CA ALA B 87 -3.77 31.44 5.00
C ALA B 87 -4.53 32.51 4.20
N ARG B 88 -4.62 33.73 4.77
CA ARG B 88 -5.23 34.93 4.14
C ARG B 88 -4.75 35.05 2.69
N LEU B 89 -3.43 35.12 2.49
CA LEU B 89 -2.78 35.39 1.17
C LEU B 89 -3.07 34.23 0.20
N VAL B 90 -3.18 33.00 0.70
CA VAL B 90 -3.51 31.79 -0.12
C VAL B 90 -4.96 31.91 -0.61
N GLY B 91 -5.88 32.35 0.27
CA GLY B 91 -7.28 32.63 -0.06
C GLY B 91 -7.40 33.74 -1.11
N GLU B 92 -6.66 34.84 -0.91
CA GLU B 92 -6.61 35.99 -1.86
C GLU B 92 -6.16 35.50 -3.24
N ALA B 93 -5.16 34.62 -3.27
CA ALA B 93 -4.56 34.06 -4.51
C ALA B 93 -5.59 33.19 -5.25
N LEU B 94 -6.39 32.40 -4.51
CA LEU B 94 -7.42 31.51 -5.10
C LEU B 94 -8.53 32.35 -5.74
N LEU B 95 -8.99 33.41 -5.06
CA LEU B 95 -9.99 34.37 -5.60
C LEU B 95 -9.43 35.05 -6.85
N GLU B 96 -8.18 35.55 -6.77
CA GLU B 96 -7.51 36.32 -7.86
C GLU B 96 -7.33 35.45 -9.11
N SER B 97 -7.16 34.13 -8.95
CA SER B 97 -6.98 33.16 -10.06
C SER B 97 -8.34 32.62 -10.54
N ASN B 98 -9.46 33.16 -10.04
CA ASN B 98 -10.84 32.75 -10.40
C ASN B 98 -11.03 31.25 -10.13
N THR B 99 -10.48 30.75 -9.02
CA THR B 99 -10.57 29.33 -8.58
C THR B 99 -11.74 29.21 -7.60
N ILE B 100 -12.90 28.74 -8.09
CA ILE B 100 -14.12 28.50 -7.28
C ILE B 100 -13.87 27.27 -6.40
N ILE B 101 -14.01 27.41 -5.08
CA ILE B 101 -13.96 26.30 -4.09
C ILE B 101 -15.40 25.99 -3.68
N ASP B 102 -15.87 24.76 -3.95
CA ASP B 102 -17.29 24.34 -3.75
C ASP B 102 -17.44 23.65 -2.37
N HIS B 103 -16.42 22.92 -1.91
CA HIS B 103 -16.39 22.24 -0.59
C HIS B 103 -15.02 22.41 0.07
N VAL B 104 -15.00 22.70 1.37
CA VAL B 104 -13.76 22.80 2.18
C VAL B 104 -13.88 21.86 3.38
N TYR B 105 -12.93 20.93 3.51
CA TYR B 105 -12.75 20.06 4.70
C TYR B 105 -11.48 20.52 5.44
N CYS B 106 -11.35 20.14 6.71
CA CYS B 106 -10.15 20.43 7.53
C CYS B 106 -9.94 19.34 8.59
N SER B 107 -8.71 19.22 9.08
CA SER B 107 -8.33 18.37 10.24
C SER B 107 -8.94 18.95 11.51
N PRO B 108 -9.27 18.13 12.53
CA PRO B 108 -9.82 18.63 13.78
C PRO B 108 -8.86 19.50 14.60
N SER B 109 -7.54 19.40 14.35
CA SER B 109 -6.50 20.29 14.93
C SER B 109 -6.95 21.74 14.78
N LEU B 110 -6.86 22.53 15.84
CA LEU B 110 -7.27 23.96 15.85
C LEU B 110 -6.48 24.74 14.80
N ARG B 111 -5.19 24.44 14.64
CA ARG B 111 -4.30 25.14 13.67
C ARG B 111 -4.87 24.96 12.25
N CYS B 112 -5.44 23.80 11.96
CA CYS B 112 -6.03 23.46 10.63
C CYS B 112 -7.36 24.22 10.45
N VAL B 113 -8.22 24.23 11.47
CA VAL B 113 -9.56 24.90 11.43
C VAL B 113 -9.33 26.40 11.21
N GLN B 114 -8.41 27.00 11.98
CA GLN B 114 -8.04 28.44 11.90
C GLN B 114 -7.53 28.76 10.50
N THR B 115 -6.63 27.93 9.95
CA THR B 115 -6.06 28.09 8.59
C THR B 115 -7.20 28.13 7.57
N ALA B 116 -8.12 27.16 7.62
CA ALA B 116 -9.25 27.01 6.68
C ALA B 116 -10.14 28.25 6.72
N HIS B 117 -10.46 28.73 7.93
CA HIS B 117 -11.28 29.95 8.18
C HIS B 117 -10.64 31.17 7.49
N ASN B 118 -9.33 31.35 7.67
CA ASN B 118 -8.57 32.52 7.14
C ASN B 118 -8.44 32.41 5.62
N ILE B 119 -8.38 31.19 5.06
CA ILE B 119 -8.38 30.98 3.58
C ILE B 119 -9.72 31.49 3.04
N LEU B 120 -10.83 31.13 3.68
CA LEU B 120 -12.20 31.59 3.30
C LEU B 120 -12.28 33.12 3.35
N LYS B 121 -11.67 33.74 4.36
CA LYS B 121 -11.64 35.22 4.54
C LYS B 121 -10.97 35.86 3.31
N GLY B 122 -9.78 35.38 2.93
CA GLY B 122 -9.07 35.82 1.72
C GLY B 122 -9.90 35.53 0.47
N LEU B 123 -10.52 34.36 0.43
CA LEU B 123 -11.40 33.87 -0.66
C LEU B 123 -12.71 34.68 -0.67
N GLN B 124 -13.02 35.35 0.43
CA GLN B 124 -14.28 36.11 0.66
C GLN B 124 -15.46 35.15 0.51
N GLN B 125 -15.46 34.08 1.31
CA GLN B 125 -16.56 33.08 1.39
C GLN B 125 -16.79 32.66 2.86
N GLU B 126 -16.45 33.52 3.83
CA GLU B 126 -16.58 33.24 5.29
C GLU B 126 -18.04 32.87 5.60
N ASN B 127 -18.99 33.57 4.97
CA ASN B 127 -20.44 33.53 5.28
C ASN B 127 -21.12 32.43 4.47
N HIS B 128 -20.58 32.06 3.30
CA HIS B 128 -21.20 31.10 2.35
C HIS B 128 -20.71 29.67 2.61
N LEU B 129 -19.39 29.44 2.54
CA LEU B 129 -18.77 28.10 2.73
C LEU B 129 -18.63 27.83 4.24
N LYS B 130 -19.10 26.67 4.70
CA LYS B 130 -18.94 26.17 6.09
C LYS B 130 -18.04 24.94 6.07
N ILE B 131 -16.97 24.95 6.88
CA ILE B 131 -15.86 23.94 6.86
C ILE B 131 -16.34 22.64 7.47
N ARG B 132 -16.11 21.52 6.77
CA ARG B 132 -16.47 20.16 7.23
C ARG B 132 -15.27 19.58 8.02
N VAL B 133 -15.40 19.49 9.34
CA VAL B 133 -14.33 19.01 10.26
C VAL B 133 -14.33 17.48 10.24
N GLU B 134 -13.23 16.89 9.74
CA GLU B 134 -13.11 15.44 9.48
C GLU B 134 -11.91 14.89 10.26
N PRO B 135 -12.14 14.20 11.40
CA PRO B 135 -11.05 13.57 12.17
C PRO B 135 -10.15 12.63 11.33
N GLY B 136 -10.68 12.06 10.24
CA GLY B 136 -9.94 11.24 9.29
C GLY B 136 -8.75 11.97 8.67
N LEU B 137 -8.76 13.30 8.66
CA LEU B 137 -7.70 14.14 8.04
C LEU B 137 -6.63 14.54 9.06
N PHE B 138 -6.77 14.14 10.34
CA PHE B 138 -5.72 14.39 11.36
C PHE B 138 -4.47 13.59 10.98
N GLU B 139 -3.29 14.13 11.28
CA GLU B 139 -1.98 13.56 10.89
C GLU B 139 -1.77 12.19 11.57
N TRP B 140 -0.69 11.53 11.20
CA TRP B 140 -0.24 10.23 11.77
C TRP B 140 -0.18 10.33 13.29
N THR B 141 -1.06 9.60 14.01
CA THR B 141 -1.28 9.72 15.48
C THR B 141 -0.09 9.17 16.28
N LYS B 142 0.93 8.61 15.62
CA LYS B 142 2.26 8.32 16.20
C LYS B 142 2.85 9.61 16.79
N TRP B 143 2.52 10.77 16.21
CA TRP B 143 3.14 12.09 16.52
C TRP B 143 2.40 12.82 17.64
N VAL B 144 1.42 12.17 18.29
CA VAL B 144 0.73 12.70 19.51
C VAL B 144 1.48 12.17 20.73
N ALA B 145 1.82 13.06 21.67
CA ALA B 145 2.49 12.73 22.95
C ALA B 145 1.51 11.98 23.86
N GLY B 146 2.04 11.07 24.68
CA GLY B 146 1.26 10.30 25.68
C GLY B 146 0.40 9.22 25.04
N SER B 147 -0.69 8.83 25.71
CA SER B 147 -1.57 7.67 25.38
C SER B 147 -2.98 8.16 25.01
N THR B 148 -3.14 9.46 24.77
CA THR B 148 -4.47 10.11 24.57
C THR B 148 -4.38 11.12 23.41
N LEU B 149 -5.47 11.27 22.65
CA LEU B 149 -5.59 12.24 21.53
C LEU B 149 -5.78 13.65 22.10
N PRO B 150 -5.46 14.72 21.33
CA PRO B 150 -5.67 16.08 21.81
C PRO B 150 -7.17 16.37 22.02
N ALA B 151 -7.49 17.16 23.05
CA ALA B 151 -8.87 17.59 23.39
C ALA B 151 -9.35 18.59 22.35
N TRP B 152 -9.64 18.11 21.13
CA TRP B 152 -10.06 18.93 19.97
C TRP B 152 -11.36 19.67 20.32
N ILE B 153 -11.47 20.93 19.90
CA ILE B 153 -12.70 21.76 20.07
C ILE B 153 -13.75 21.22 19.11
N PRO B 154 -14.91 20.72 19.61
CA PRO B 154 -15.93 20.17 18.73
C PRO B 154 -16.49 21.23 17.77
N PRO B 155 -17.06 20.82 16.62
CA PRO B 155 -17.62 21.78 15.65
C PRO B 155 -18.53 22.86 16.26
N SER B 156 -19.43 22.48 17.18
CA SER B 156 -20.43 23.39 17.81
C SER B 156 -19.71 24.54 18.53
N GLU B 157 -18.62 24.24 19.25
CA GLU B 157 -17.81 25.23 20.01
C GLU B 157 -17.00 26.09 19.03
N LEU B 158 -16.44 25.48 17.97
CA LEU B 158 -15.60 26.17 16.96
C LEU B 158 -16.39 27.33 16.34
N ALA B 159 -17.63 27.07 15.93
CA ALA B 159 -18.57 28.06 15.34
C ALA B 159 -18.83 29.20 16.33
N ALA B 160 -18.92 28.88 17.63
CA ALA B 160 -19.14 29.84 18.74
C ALA B 160 -17.91 30.73 18.94
N ALA B 161 -16.76 30.37 18.36
CA ALA B 161 -15.50 31.15 18.40
C ALA B 161 -15.22 31.78 17.03
N ASN B 162 -16.27 31.99 16.21
CA ASN B 162 -16.19 32.67 14.89
C ASN B 162 -15.17 31.94 14.00
N LEU B 163 -15.38 30.64 13.78
CA LEU B 163 -14.49 29.79 12.93
C LEU B 163 -15.32 28.96 11.96
N SER B 164 -16.49 29.46 11.54
CA SER B 164 -17.42 28.80 10.60
C SER B 164 -17.69 27.36 11.06
N VAL B 165 -17.09 26.37 10.38
CA VAL B 165 -17.25 24.91 10.69
C VAL B 165 -18.75 24.56 10.60
N ASP B 166 -19.13 23.87 9.51
CA ASP B 166 -20.47 23.28 9.30
C ASP B 166 -20.77 22.27 10.42
N THR B 167 -21.72 22.59 11.31
CA THR B 167 -22.12 21.75 12.47
C THR B 167 -23.10 20.65 12.01
N THR B 168 -23.66 20.78 10.80
CA THR B 168 -24.50 19.74 10.13
C THR B 168 -23.64 18.51 9.81
N TYR B 169 -22.37 18.74 9.45
CA TYR B 169 -21.45 17.71 8.87
C TYR B 169 -21.24 16.56 9.86
N ARG B 170 -21.59 15.35 9.42
CA ARG B 170 -21.31 14.07 10.13
C ARG B 170 -20.05 13.45 9.54
N PRO B 171 -18.98 13.24 10.35
CA PRO B 171 -17.69 12.81 9.82
C PRO B 171 -17.66 11.37 9.30
N HIS B 172 -16.80 11.10 8.31
CA HIS B 172 -16.56 9.75 7.71
C HIS B 172 -15.83 8.87 8.72
N ILE B 173 -14.79 9.40 9.38
CA ILE B 173 -14.07 8.74 10.50
C ILE B 173 -14.25 9.62 11.74
N PRO B 174 -15.19 9.27 12.65
CA PRO B 174 -15.35 10.00 13.91
C PRO B 174 -14.10 9.87 14.77
N ILE B 175 -13.97 10.72 15.80
CA ILE B 175 -12.83 10.73 16.77
C ILE B 175 -12.67 9.33 17.36
N SER B 176 -13.79 8.67 17.68
CA SER B 176 -13.86 7.38 18.41
C SER B 176 -13.18 6.25 17.61
N LYS B 177 -13.06 6.40 16.28
CA LYS B 177 -12.47 5.38 15.38
C LYS B 177 -10.96 5.57 15.24
N LEU B 178 -10.42 6.73 15.62
CA LEU B 178 -8.96 7.04 15.50
C LEU B 178 -8.19 6.20 16.52
N VAL B 179 -7.13 5.53 16.05
CA VAL B 179 -6.22 4.68 16.87
C VAL B 179 -5.11 5.58 17.44
N VAL B 180 -4.81 5.43 18.73
CA VAL B 180 -3.68 6.12 19.42
C VAL B 180 -2.38 5.46 18.93
N SER B 181 -1.36 6.27 18.63
CA SER B 181 -0.04 5.82 18.10
C SER B 181 -0.25 4.71 17.07
N GLU B 182 -1.12 4.95 16.09
CA GLU B 182 -1.46 4.01 14.99
C GLU B 182 -0.19 3.67 14.21
N SER B 183 -0.18 2.52 13.52
CA SER B 183 0.90 2.11 12.60
C SER B 183 0.85 2.98 11.34
N TYR B 184 1.98 3.09 10.64
CA TYR B 184 2.10 3.74 9.31
C TYR B 184 1.02 3.20 8.36
N ASP B 185 0.91 1.88 8.28
CA ASP B 185 -0.07 1.17 7.42
C ASP B 185 -1.48 1.73 7.66
N THR B 186 -1.87 1.87 8.93
CA THR B 186 -3.21 2.32 9.37
C THR B 186 -3.42 3.76 8.89
N TYR B 187 -2.44 4.64 9.12
CA TYR B 187 -2.50 6.07 8.75
C TYR B 187 -2.72 6.20 7.24
N ILE B 188 -1.91 5.49 6.45
CA ILE B 188 -1.98 5.49 4.95
C ILE B 188 -3.39 5.05 4.54
N SER B 189 -3.89 3.94 5.09
CA SER B 189 -5.21 3.34 4.74
C SER B 189 -6.34 4.33 5.03
N ARG B 190 -6.33 5.00 6.19
CA ARG B 190 -7.46 5.89 6.59
C ARG B 190 -7.36 7.19 5.78
N SER B 191 -6.14 7.62 5.43
CA SER B 191 -5.87 8.79 4.53
C SER B 191 -6.46 8.52 3.14
N PHE B 192 -6.32 7.30 2.63
CA PHE B 192 -6.88 6.84 1.33
C PHE B 192 -8.40 6.76 1.43
N GLN B 193 -8.90 5.97 2.38
CA GLN B 193 -10.35 5.69 2.60
C GLN B 193 -11.12 7.02 2.75
N VAL B 194 -10.64 7.93 3.60
CA VAL B 194 -11.31 9.24 3.89
C VAL B 194 -11.35 10.08 2.62
N THR B 195 -10.25 10.13 1.86
CA THR B 195 -10.11 10.98 0.65
C THR B 195 -11.08 10.49 -0.42
N LYS B 196 -11.22 9.17 -0.59
CA LYS B 196 -12.17 8.56 -1.57
C LYS B 196 -13.61 8.84 -1.14
N GLU B 197 -13.89 8.80 0.18
CA GLU B 197 -15.22 9.11 0.76
C GLU B 197 -15.59 10.57 0.43
N ILE B 198 -14.66 11.50 0.67
CA ILE B 198 -14.83 12.98 0.45
C ILE B 198 -15.11 13.23 -1.04
N ILE B 199 -14.24 12.71 -1.92
CA ILE B 199 -14.38 12.80 -3.40
C ILE B 199 -15.79 12.31 -3.79
N SER B 200 -16.17 11.12 -3.33
CA SER B 200 -17.47 10.45 -3.63
C SER B 200 -18.65 11.33 -3.21
N GLU B 201 -18.60 11.92 -2.02
CA GLU B 201 -19.76 12.66 -1.43
C GLU B 201 -19.89 14.05 -2.08
N CYS B 202 -18.87 14.50 -2.84
CA CYS B 202 -18.86 15.80 -3.57
C CYS B 202 -19.05 15.58 -5.07
N LYS B 203 -19.51 14.40 -5.49
CA LYS B 203 -19.67 14.00 -6.91
C LYS B 203 -20.53 15.03 -7.66
N SER B 204 -21.82 15.11 -7.35
CA SER B 204 -22.83 15.94 -8.06
C SER B 204 -22.96 17.32 -7.41
N LYS B 205 -22.42 17.50 -6.20
CA LYS B 205 -22.68 18.69 -5.33
C LYS B 205 -21.74 19.86 -5.70
N GLY B 206 -20.70 19.62 -6.52
CA GLY B 206 -19.74 20.66 -6.93
C GLY B 206 -18.56 20.09 -7.71
N ASN B 207 -17.61 20.95 -8.10
CA ASN B 207 -16.43 20.60 -8.95
C ASN B 207 -15.17 20.51 -8.10
N ASN B 208 -14.80 21.60 -7.40
CA ASN B 208 -13.49 21.77 -6.73
C ASN B 208 -13.63 21.53 -5.22
N ILE B 209 -12.65 20.85 -4.61
CA ILE B 209 -12.58 20.52 -3.16
C ILE B 209 -11.24 21.01 -2.60
N LEU B 210 -11.28 21.69 -1.45
CA LEU B 210 -10.08 22.09 -0.67
C LEU B 210 -10.02 21.28 0.63
N ILE B 211 -8.86 20.69 0.93
CA ILE B 211 -8.55 20.01 2.22
C ILE B 211 -7.44 20.81 2.92
N VAL B 212 -7.73 21.28 4.13
CA VAL B 212 -6.77 22.03 5.01
C VAL B 212 -6.38 21.12 6.17
N ALA B 213 -5.19 20.51 6.10
CA ALA B 213 -4.71 19.51 7.07
C ALA B 213 -3.20 19.68 7.28
N HIS B 214 -2.43 18.59 7.23
CA HIS B 214 -1.03 18.54 7.71
C HIS B 214 -0.08 18.29 6.53
N ALA B 215 1.22 18.45 6.76
CA ALA B 215 2.29 18.07 5.82
C ALA B 215 2.07 16.62 5.37
N SER B 216 1.86 15.70 6.32
CA SER B 216 1.62 14.25 6.06
C SER B 216 0.42 14.05 5.15
N SER B 217 -0.60 14.92 5.24
CA SER B 217 -1.87 14.84 4.48
C SER B 217 -1.62 15.03 2.97
N LEU B 218 -0.72 15.95 2.60
CA LEU B 218 -0.43 16.27 1.18
C LEU B 218 0.01 14.99 0.45
N GLU B 219 0.91 14.21 1.03
CA GLU B 219 1.43 12.94 0.44
C GLU B 219 0.41 11.82 0.63
N ALA B 220 -0.01 11.57 1.88
CA ALA B 220 -0.88 10.43 2.28
C ALA B 220 -2.21 10.46 1.53
N CYS B 221 -2.81 11.64 1.34
CA CYS B 221 -4.15 11.82 0.72
C CYS B 221 -4.06 11.74 -0.81
N THR B 222 -2.89 11.96 -1.41
CA THR B 222 -2.73 12.00 -2.89
C THR B 222 -1.96 10.77 -3.42
N CYS B 223 -1.17 10.08 -2.60
CA CYS B 223 -0.15 9.09 -3.07
C CYS B 223 -0.81 7.95 -3.87
N GLN B 224 -1.91 7.39 -3.38
CA GLN B 224 -2.58 6.19 -3.99
C GLN B 224 -3.73 6.61 -4.90
N LEU B 225 -3.96 7.92 -5.10
CA LEU B 225 -5.04 8.46 -5.97
C LEU B 225 -4.64 8.35 -7.44
N GLN B 226 -3.34 8.19 -7.73
CA GLN B 226 -2.76 8.24 -9.09
C GLN B 226 -2.37 6.83 -9.55
N GLY B 227 -2.78 5.80 -8.81
CA GLY B 227 -2.47 4.39 -9.10
C GLY B 227 -1.16 3.92 -8.47
N LEU B 228 -0.32 4.86 -8.01
CA LEU B 228 1.02 4.57 -7.44
C LEU B 228 0.86 3.79 -6.12
N SER B 229 1.92 3.10 -5.70
CA SER B 229 2.06 2.51 -4.35
C SER B 229 2.67 3.55 -3.41
N PRO B 230 2.29 3.58 -2.12
CA PRO B 230 2.82 4.56 -1.18
C PRO B 230 4.33 4.34 -0.93
N GLN B 231 5.01 5.40 -0.51
CA GLN B 231 6.45 5.37 -0.10
C GLN B 231 6.57 4.57 1.20
N ASN B 232 7.75 4.01 1.48
CA ASN B 232 8.08 3.46 2.82
C ASN B 232 8.10 4.64 3.80
N SER B 233 7.85 4.35 5.09
CA SER B 233 7.68 5.36 6.17
C SER B 233 8.87 6.32 6.23
N LYS B 234 10.09 5.82 5.98
CA LYS B 234 11.34 6.62 6.06
C LYS B 234 11.35 7.67 4.93
N ASP B 235 11.04 7.25 3.70
CA ASP B 235 10.98 8.12 2.50
C ASP B 235 9.78 9.07 2.62
N PHE B 236 8.67 8.58 3.15
CA PHE B 236 7.43 9.37 3.40
C PHE B 236 7.74 10.58 4.29
N VAL B 237 8.42 10.34 5.42
CA VAL B 237 8.68 11.37 6.48
C VAL B 237 9.73 12.37 5.98
N GLN B 238 10.65 11.96 5.09
CA GLN B 238 11.67 12.86 4.49
C GLN B 238 10.97 13.87 3.56
N MET B 239 10.04 13.42 2.73
CA MET B 239 9.22 14.28 1.82
C MET B 239 8.40 15.26 2.65
N VAL B 240 7.68 14.75 3.66
CA VAL B 240 6.74 15.51 4.52
C VAL B 240 7.50 16.70 5.15
N ARG B 241 8.70 16.47 5.68
CA ARG B 241 9.55 17.48 6.37
C ARG B 241 9.87 18.66 5.43
N LYS B 242 9.75 18.48 4.11
CA LYS B 242 10.13 19.49 3.08
C LYS B 242 8.94 20.40 2.71
N ILE B 243 7.74 20.11 3.20
CA ILE B 243 6.49 20.86 2.86
C ILE B 243 6.40 22.11 3.73
N PRO B 244 6.39 23.33 3.15
CA PRO B 244 6.31 24.56 3.94
C PRO B 244 4.90 24.82 4.47
N TYR B 245 4.76 25.80 5.38
CA TYR B 245 3.45 26.31 5.87
C TYR B 245 2.62 26.78 4.67
N LEU B 246 1.32 26.46 4.69
CA LEU B 246 0.36 26.69 3.58
C LEU B 246 0.91 26.09 2.27
N GLY B 247 1.76 25.07 2.36
CA GLY B 247 2.22 24.28 1.21
C GLY B 247 1.02 23.70 0.47
N PHE B 248 0.89 24.00 -0.82
CA PHE B 248 -0.32 23.78 -1.65
C PHE B 248 0.03 22.80 -2.79
N CYS B 249 -0.74 21.72 -2.93
CA CYS B 249 -0.65 20.75 -4.04
C CYS B 249 -2.04 20.57 -4.67
N SER B 250 -2.09 20.15 -5.95
CA SER B 250 -3.32 20.09 -6.77
C SER B 250 -3.42 18.74 -7.50
N CYS B 251 -4.62 18.16 -7.54
CA CYS B 251 -4.95 16.91 -8.28
C CYS B 251 -6.19 17.14 -9.15
N GLU B 252 -6.09 16.84 -10.45
CA GLU B 252 -7.21 16.87 -11.42
C GLU B 252 -7.57 15.43 -11.82
N GLU B 253 -8.86 15.12 -11.89
CA GLU B 253 -9.37 13.77 -12.25
C GLU B 253 -9.16 13.54 -13.77
N LEU B 254 -8.57 12.41 -14.14
CA LEU B 254 -8.44 11.95 -15.55
C LEU B 254 -9.82 11.45 -16.01
N GLY B 255 -10.55 12.30 -16.74
CA GLY B 255 -11.96 12.05 -17.15
C GLY B 255 -12.85 11.84 -15.94
N GLU B 256 -13.51 10.68 -15.87
CA GLU B 256 -14.28 10.20 -14.69
C GLU B 256 -13.81 8.79 -14.32
N THR B 257 -12.53 8.49 -14.60
CA THR B 257 -11.88 7.18 -14.34
C THR B 257 -11.85 6.89 -12.84
N GLY B 258 -11.60 7.92 -12.02
CA GLY B 258 -11.36 7.80 -10.58
C GLY B 258 -9.87 7.76 -10.26
N ILE B 259 -9.02 7.96 -11.29
CA ILE B 259 -7.54 8.07 -11.17
C ILE B 259 -7.14 9.54 -11.36
N TRP B 260 -6.76 10.22 -10.27
CA TRP B 260 -6.36 11.65 -10.23
C TRP B 260 -4.85 11.75 -10.44
N GLN B 261 -4.36 12.82 -11.07
CA GLN B 261 -2.91 13.05 -11.31
C GLN B 261 -2.52 14.45 -10.82
N LEU B 262 -1.29 14.60 -10.33
CA LEU B 262 -0.74 15.88 -9.82
C LEU B 262 -0.64 16.88 -10.97
N THR B 263 -1.03 18.13 -10.71
CA THR B 263 -0.95 19.27 -11.66
C THR B 263 -0.21 20.42 -10.98
N ASP B 264 0.36 21.33 -11.77
CA ASP B 264 0.86 22.65 -11.28
C ASP B 264 -0.30 23.36 -10.60
N PRO B 265 -0.15 23.82 -9.33
CA PRO B 265 -1.24 24.50 -8.64
C PRO B 265 -1.79 25.72 -9.38
N PRO B 266 -3.02 26.18 -9.06
CA PRO B 266 -3.61 27.35 -9.71
C PRO B 266 -3.08 28.68 -9.17
N ILE B 267 -2.37 28.64 -8.04
CA ILE B 267 -1.80 29.84 -7.34
C ILE B 267 -0.26 29.71 -7.32
N LEU B 268 0.43 30.84 -7.16
CA LEU B 268 1.90 30.91 -6.97
C LEU B 268 2.24 30.34 -5.60
N PRO B 269 3.49 29.90 -5.36
CA PRO B 269 3.92 29.49 -4.02
C PRO B 269 4.07 30.70 -3.08
N LEU B 270 4.16 30.44 -1.77
CA LEU B 270 4.42 31.46 -0.71
C LEU B 270 5.72 31.12 0.00
N THR B 271 6.67 32.06 0.02
CA THR B 271 8.02 31.90 0.65
C THR B 271 8.40 33.20 1.36
N HIS B 272 8.77 33.11 2.65
CA HIS B 272 9.34 34.23 3.46
C HIS B 272 10.32 33.67 4.49
N GLY B 273 11.32 34.47 4.87
CA GLY B 273 12.34 34.11 5.86
C GLY B 273 11.83 34.33 7.29
N PRO B 274 12.68 34.11 8.31
CA PRO B 274 12.31 34.39 9.71
C PRO B 274 12.49 35.89 10.03
N THR B 275 11.93 36.32 11.16
CA THR B 275 12.15 37.67 11.75
C THR B 275 13.66 37.85 11.95
N GLY B 276 14.36 36.78 12.29
CA GLY B 276 15.83 36.72 12.41
C GLY B 276 16.32 37.25 13.74
N GLY B 277 17.61 37.61 13.81
CA GLY B 277 18.27 38.21 14.99
C GLY B 277 17.99 37.43 16.27
N LYS C 21 16.02 -33.60 16.07
CA LYS C 21 15.14 -32.39 15.98
C LYS C 21 15.96 -31.12 16.27
N ARG C 22 15.61 -30.02 15.60
CA ARG C 22 16.18 -28.66 15.83
C ARG C 22 15.27 -27.91 16.81
N CYS C 23 15.80 -26.89 17.49
CA CYS C 23 15.03 -25.97 18.38
C CYS C 23 15.56 -24.54 18.26
N LEU C 24 14.65 -23.57 18.18
CA LEU C 24 14.93 -22.12 18.38
C LEU C 24 14.33 -21.70 19.71
N PHE C 25 15.19 -21.32 20.66
CA PHE C 25 14.81 -20.76 21.99
C PHE C 25 14.96 -19.24 21.90
N VAL C 26 13.85 -18.50 22.06
CA VAL C 26 13.82 -17.02 22.09
C VAL C 26 13.33 -16.59 23.47
N CYS C 27 14.15 -15.86 24.23
CA CYS C 27 13.85 -15.44 25.63
C CYS C 27 14.12 -13.94 25.80
N ARG C 28 13.43 -13.31 26.75
CA ARG C 28 13.51 -11.86 27.07
C ARG C 28 14.66 -11.62 28.06
N HIS C 29 15.23 -10.40 28.06
CA HIS C 29 16.27 -9.94 29.00
C HIS C 29 15.71 -9.91 30.44
N GLY C 30 16.60 -9.81 31.42
CA GLY C 30 16.26 -9.72 32.85
C GLY C 30 15.87 -8.31 33.28
N GLU C 31 15.43 -8.17 34.53
CA GLU C 31 14.95 -6.90 35.14
C GLU C 31 15.88 -5.73 34.78
N ARG C 32 15.30 -4.58 34.42
CA ARG C 32 16.01 -3.36 33.96
C ARG C 32 16.19 -2.37 35.13
N MET C 33 17.37 -1.76 35.21
CA MET C 33 17.71 -0.69 36.18
C MET C 33 16.77 0.51 35.97
N ASP C 34 16.46 0.86 34.72
CA ASP C 34 15.66 2.08 34.38
C ASP C 34 14.17 1.83 34.62
N VAL C 35 13.76 0.57 34.83
CA VAL C 35 12.36 0.22 35.25
C VAL C 35 12.28 0.36 36.78
N VAL C 36 13.10 -0.41 37.50
CA VAL C 36 13.10 -0.48 39.00
C VAL C 36 13.27 0.94 39.55
N PHE C 37 14.28 1.67 39.08
CA PHE C 37 14.74 2.95 39.68
C PHE C 37 14.25 4.16 38.87
N GLY C 38 13.43 3.92 37.83
CA GLY C 38 12.70 4.97 37.09
C GLY C 38 13.55 5.59 35.99
N LYS C 39 12.97 6.55 35.26
CA LYS C 39 13.59 7.20 34.07
C LYS C 39 14.82 8.01 34.49
N TYR C 40 14.81 8.56 35.70
CA TYR C 40 15.89 9.42 36.27
C TYR C 40 16.77 8.60 37.22
N TRP C 41 17.16 7.39 36.80
CA TRP C 41 17.95 6.42 37.61
C TRP C 41 19.43 6.83 37.66
N LEU C 42 19.94 7.51 36.63
CA LEU C 42 21.35 7.99 36.57
C LEU C 42 21.61 8.99 37.70
N SER C 43 20.59 9.77 38.07
CA SER C 43 20.63 10.74 39.20
C SER C 43 20.82 10.02 40.54
N GLN C 44 20.55 8.70 40.59
CA GLN C 44 20.55 7.89 41.83
C GLN C 44 21.82 7.02 41.95
N CYS C 45 22.68 6.97 40.93
CA CYS C 45 23.89 6.11 40.95
C CYS C 45 25.06 6.68 40.14
N PHE C 46 25.10 8.00 39.89
CA PHE C 46 26.24 8.71 39.27
C PHE C 46 26.39 10.10 39.91
N ASP C 47 27.62 10.45 40.30
CA ASP C 47 27.96 11.74 40.97
C ASP C 47 28.32 12.77 39.89
N ALA C 48 28.61 14.00 40.33
CA ALA C 48 28.99 15.15 39.47
C ALA C 48 30.11 14.74 38.51
N LYS C 49 31.09 13.97 38.98
CA LYS C 49 32.35 13.63 38.25
C LYS C 49 32.14 12.41 37.34
N GLY C 50 30.97 11.78 37.39
CA GLY C 50 30.58 10.66 36.49
C GLY C 50 31.01 9.31 37.01
N ARG C 51 31.37 9.20 38.30
CA ARG C 51 31.74 7.92 38.96
C ARG C 51 30.46 7.18 39.36
N TYR C 52 30.43 5.85 39.16
CA TYR C 52 29.31 4.95 39.52
C TYR C 52 29.28 4.73 41.04
N ILE C 53 28.18 5.09 41.70
CA ILE C 53 27.96 4.96 43.17
C ILE C 53 26.60 4.30 43.41
N ARG C 54 26.58 2.98 43.65
CA ARG C 54 25.35 2.19 43.89
C ARG C 54 24.70 2.66 45.20
N THR C 55 23.37 2.83 45.21
CA THR C 55 22.59 3.36 46.35
C THR C 55 21.47 2.39 46.76
N ASN C 56 21.50 1.16 46.21
CA ASN C 56 20.51 0.09 46.47
C ASN C 56 21.19 -1.25 46.19
N LEU C 57 20.88 -2.28 46.98
CA LEU C 57 21.57 -3.61 46.92
C LEU C 57 21.22 -4.34 45.62
N ASN C 58 20.17 -3.89 44.91
CA ASN C 58 19.75 -4.45 43.60
C ASN C 58 20.57 -3.81 42.47
N MET C 59 21.19 -2.66 42.72
CA MET C 59 22.17 -2.05 41.77
C MET C 59 23.46 -2.86 41.83
N PRO C 60 24.04 -3.27 40.69
CA PRO C 60 25.26 -4.08 40.69
C PRO C 60 26.44 -3.32 41.32
N HIS C 61 27.49 -4.04 41.71
CA HIS C 61 28.71 -3.52 42.38
C HIS C 61 29.45 -2.57 41.44
N SER C 62 29.48 -2.90 40.14
CA SER C 62 30.13 -2.10 39.08
C SER C 62 29.30 -2.20 37.78
N LEU C 63 29.50 -1.22 36.89
CA LEU C 63 28.91 -1.18 35.53
C LEU C 63 30.05 -1.20 34.52
N PRO C 64 29.86 -1.83 33.32
CA PRO C 64 30.86 -1.76 32.26
C PRO C 64 31.19 -0.31 31.86
N GLN C 65 32.47 0.00 31.65
CA GLN C 65 32.95 1.33 31.21
C GLN C 65 32.48 1.55 29.77
N ARG C 66 31.82 2.68 29.49
CA ARG C 66 31.16 2.96 28.18
C ARG C 66 32.08 3.80 27.28
N SER C 67 31.81 3.80 25.98
CA SER C 67 32.52 4.58 24.95
C SER C 67 32.45 6.08 25.28
N GLY C 68 31.23 6.62 25.39
CA GLY C 68 30.96 8.06 25.58
C GLY C 68 30.51 8.42 26.99
N GLY C 69 30.93 7.65 27.99
CA GLY C 69 30.69 7.95 29.42
C GLY C 69 29.30 7.53 29.88
N PHE C 70 28.86 8.07 31.02
CA PHE C 70 27.67 7.59 31.79
C PHE C 70 26.36 8.07 31.14
N ARG C 71 26.38 9.15 30.35
CA ARG C 71 25.15 9.70 29.69
C ARG C 71 24.70 8.73 28.57
N ASP C 72 25.60 7.88 28.07
CA ASP C 72 25.28 6.81 27.08
C ASP C 72 24.29 5.81 27.70
N TYR C 73 24.33 5.61 29.03
CA TYR C 73 23.49 4.65 29.79
C TYR C 73 22.00 5.03 29.70
N GLU C 74 21.71 6.33 29.59
CA GLU C 74 20.32 6.88 29.59
C GLU C 74 19.44 6.08 28.62
N LYS C 75 19.98 5.68 27.46
CA LYS C 75 19.21 5.00 26.37
C LYS C 75 19.69 3.55 26.17
N ASP C 76 20.44 2.99 27.13
CA ASP C 76 20.92 1.58 27.08
C ASP C 76 21.26 1.12 28.51
N ALA C 77 20.24 1.00 29.36
CA ALA C 77 20.35 0.69 30.81
C ALA C 77 20.73 -0.78 31.00
N PRO C 78 21.53 -1.11 32.03
CA PRO C 78 21.91 -2.50 32.30
C PRO C 78 20.85 -3.21 33.16
N ILE C 79 20.95 -4.54 33.25
CA ILE C 79 20.07 -5.36 34.14
C ILE C 79 20.51 -5.13 35.58
N THR C 80 19.61 -5.41 36.53
CA THR C 80 19.85 -5.32 38.00
C THR C 80 20.51 -6.62 38.48
N VAL C 81 20.84 -6.69 39.77
CA VAL C 81 21.43 -7.89 40.44
C VAL C 81 20.45 -9.07 40.29
N PHE C 82 19.17 -8.83 40.58
CA PHE C 82 18.07 -9.83 40.45
C PHE C 82 17.89 -10.18 38.98
N GLY C 83 18.14 -9.20 38.09
CA GLY C 83 18.18 -9.41 36.63
C GLY C 83 19.19 -10.48 36.26
N CYS C 84 20.41 -10.37 36.80
CA CYS C 84 21.51 -11.36 36.60
C CYS C 84 21.06 -12.74 37.08
N MET C 85 20.43 -12.80 38.26
CA MET C 85 20.06 -14.08 38.92
C MET C 85 18.98 -14.78 38.10
N GLN C 86 17.93 -14.04 37.70
CA GLN C 86 16.86 -14.54 36.79
C GLN C 86 17.50 -15.33 35.65
N ALA C 87 18.50 -14.73 34.99
CA ALA C 87 19.25 -15.28 33.84
C ALA C 87 20.05 -16.51 34.27
N ARG C 88 20.81 -16.41 35.37
CA ARG C 88 21.57 -17.54 35.97
C ARG C 88 20.63 -18.74 36.14
N LEU C 89 19.49 -18.54 36.78
CA LEU C 89 18.51 -19.62 37.09
C LEU C 89 18.08 -20.30 35.79
N VAL C 90 17.83 -19.51 34.74
CA VAL C 90 17.44 -20.02 33.38
C VAL C 90 18.61 -20.84 32.82
N GLY C 91 19.85 -20.36 33.00
CA GLY C 91 21.09 -21.08 32.66
C GLY C 91 21.13 -22.46 33.32
N GLU C 92 20.93 -22.50 34.64
CA GLU C 92 21.00 -23.74 35.47
C GLU C 92 19.88 -24.71 35.06
N ALA C 93 18.66 -24.20 34.83
CA ALA C 93 17.48 -24.99 34.42
C ALA C 93 17.75 -25.69 33.09
N LEU C 94 18.34 -24.97 32.11
CA LEU C 94 18.73 -25.52 30.79
C LEU C 94 19.73 -26.66 30.98
N LEU C 95 20.75 -26.45 31.82
CA LEU C 95 21.79 -27.48 32.17
C LEU C 95 21.11 -28.71 32.79
N GLU C 96 20.22 -28.48 33.77
CA GLU C 96 19.53 -29.56 34.53
C GLU C 96 18.63 -30.39 33.60
N SER C 97 18.17 -29.80 32.48
CA SER C 97 17.27 -30.46 31.50
C SER C 97 18.08 -31.15 30.39
N ASN C 98 19.41 -31.08 30.46
CA ASN C 98 20.35 -31.68 29.47
C ASN C 98 20.06 -31.08 28.08
N THR C 99 19.77 -29.78 28.04
CA THR C 99 19.46 -29.00 26.82
C THR C 99 20.75 -28.31 26.35
N ILE C 100 21.43 -28.90 25.36
CA ILE C 100 22.69 -28.35 24.77
C ILE C 100 22.32 -27.11 23.95
N ILE C 101 22.96 -25.98 24.22
CA ILE C 101 22.88 -24.74 23.39
C ILE C 101 24.14 -24.68 22.51
N ASP C 102 23.98 -24.89 21.21
CA ASP C 102 25.11 -24.93 20.24
C ASP C 102 25.46 -23.51 19.78
N HIS C 103 24.46 -22.63 19.67
CA HIS C 103 24.61 -21.23 19.22
C HIS C 103 23.75 -20.30 20.08
N VAL C 104 24.28 -19.12 20.45
CA VAL C 104 23.52 -18.05 21.16
C VAL C 104 23.76 -16.71 20.44
N TYR C 105 22.66 -16.03 20.11
CA TYR C 105 22.63 -14.64 19.59
C TYR C 105 21.96 -13.74 20.62
N CYS C 106 22.20 -12.43 20.55
CA CYS C 106 21.56 -11.43 21.44
C CYS C 106 21.42 -10.07 20.74
N SER C 107 20.39 -9.32 21.11
CA SER C 107 20.21 -7.89 20.73
C SER C 107 21.43 -7.09 21.17
N PRO C 108 21.77 -5.99 20.46
CA PRO C 108 22.91 -5.15 20.84
C PRO C 108 22.72 -4.41 22.17
N SER C 109 21.48 -4.30 22.64
CA SER C 109 21.12 -3.74 23.97
C SER C 109 21.98 -4.40 25.06
N LEU C 110 22.53 -3.59 25.98
CA LEU C 110 23.42 -4.05 27.07
C LEU C 110 22.65 -5.04 27.97
N ARG C 111 21.39 -4.73 28.29
CA ARG C 111 20.53 -5.60 29.14
C ARG C 111 20.44 -7.01 28.51
N CYS C 112 20.42 -7.10 27.18
CA CYS C 112 20.31 -8.39 26.43
C CYS C 112 21.64 -9.13 26.44
N VAL C 113 22.76 -8.42 26.26
CA VAL C 113 24.14 -9.00 26.28
C VAL C 113 24.42 -9.54 27.69
N GLN C 114 24.12 -8.73 28.72
CA GLN C 114 24.33 -9.09 30.16
C GLN C 114 23.49 -10.32 30.52
N THR C 115 22.25 -10.40 30.02
CA THR C 115 21.32 -11.54 30.26
C THR C 115 21.93 -12.81 29.66
N ALA C 116 22.28 -12.76 28.36
CA ALA C 116 22.89 -13.88 27.60
C ALA C 116 24.11 -14.41 28.37
N HIS C 117 25.01 -13.52 28.82
CA HIS C 117 26.24 -13.86 29.56
C HIS C 117 25.89 -14.59 30.85
N ASN C 118 24.89 -14.10 31.58
CA ASN C 118 24.46 -14.66 32.89
C ASN C 118 23.74 -15.99 32.66
N ILE C 119 23.01 -16.13 31.54
CA ILE C 119 22.43 -17.44 31.12
C ILE C 119 23.57 -18.43 30.90
N LEU C 120 24.64 -18.00 30.22
CA LEU C 120 25.82 -18.85 29.91
C LEU C 120 26.52 -19.28 31.21
N LYS C 121 26.58 -18.40 32.23
CA LYS C 121 27.18 -18.70 33.55
C LYS C 121 26.42 -19.84 34.22
N GLY C 122 25.10 -19.70 34.39
CA GLY C 122 24.22 -20.75 34.92
C GLY C 122 24.30 -22.03 34.10
N LEU C 123 24.55 -21.90 32.80
CA LEU C 123 24.68 -23.02 31.83
C LEU C 123 26.08 -23.64 31.91
N GLN C 124 27.04 -22.94 32.55
CA GLN C 124 28.48 -23.33 32.65
C GLN C 124 29.08 -23.42 31.24
N GLN C 125 28.94 -22.35 30.46
CA GLN C 125 29.45 -22.22 29.07
C GLN C 125 30.00 -20.82 28.83
N GLU C 126 30.50 -20.15 29.87
CA GLU C 126 31.06 -18.76 29.77
C GLU C 126 32.22 -18.76 28.77
N ASN C 127 33.06 -19.79 28.80
CA ASN C 127 34.38 -19.83 28.10
C ASN C 127 34.26 -20.64 26.79
N HIS C 128 33.25 -21.50 26.64
CA HIS C 128 33.00 -22.28 25.41
C HIS C 128 32.20 -21.43 24.40
N LEU C 129 30.90 -21.22 24.66
CA LEU C 129 29.99 -20.48 23.75
C LEU C 129 30.37 -18.99 23.75
N LYS C 130 30.32 -18.35 22.57
CA LYS C 130 30.65 -16.92 22.37
C LYS C 130 29.42 -16.23 21.73
N ILE C 131 28.86 -15.23 22.43
CA ILE C 131 27.56 -14.57 22.10
C ILE C 131 27.72 -13.75 20.80
N ARG C 132 26.77 -13.90 19.88
CA ARG C 132 26.75 -13.20 18.57
C ARG C 132 25.82 -11.99 18.67
N VAL C 133 26.40 -10.79 18.79
CA VAL C 133 25.66 -9.49 18.89
C VAL C 133 25.09 -9.16 17.51
N GLU C 134 23.76 -9.20 17.36
CA GLU C 134 23.02 -9.04 16.09
C GLU C 134 22.06 -7.85 16.19
N PRO C 135 22.41 -6.68 15.60
CA PRO C 135 21.54 -5.50 15.63
C PRO C 135 20.14 -5.74 15.03
N GLY C 136 20.00 -6.73 14.15
CA GLY C 136 18.71 -7.14 13.56
C GLY C 136 17.74 -7.68 14.61
N LEU C 137 18.21 -8.00 15.82
CA LEU C 137 17.39 -8.56 16.92
C LEU C 137 16.88 -7.46 17.86
N PHE C 138 17.45 -6.25 17.80
CA PHE C 138 16.99 -5.09 18.60
C PHE C 138 15.48 -4.91 18.40
N GLU C 139 14.78 -4.42 19.43
CA GLU C 139 13.29 -4.26 19.43
C GLU C 139 12.88 -3.15 18.46
N TRP C 140 11.57 -2.91 18.35
CA TRP C 140 10.93 -1.89 17.48
C TRP C 140 11.52 -0.50 17.82
N THR C 141 12.21 0.13 16.85
CA THR C 141 12.99 1.37 17.04
C THR C 141 12.05 2.57 17.22
N LYS C 142 10.75 2.40 16.98
CA LYS C 142 9.69 3.35 17.42
C LYS C 142 9.83 3.65 18.92
N TRP C 143 10.38 2.70 19.69
CA TRP C 143 10.46 2.76 21.18
C TRP C 143 11.77 3.43 21.65
N VAL C 144 12.66 3.81 20.73
CA VAL C 144 13.86 4.63 21.03
C VAL C 144 13.42 6.09 21.15
N ALA C 145 13.87 6.80 22.18
CA ALA C 145 13.60 8.25 22.40
C ALA C 145 14.46 9.07 21.43
N GLY C 146 13.98 10.26 21.06
CA GLY C 146 14.72 11.23 20.23
C GLY C 146 14.87 10.75 18.79
N SER C 147 15.91 11.23 18.10
CA SER C 147 16.13 11.07 16.64
C SER C 147 17.33 10.18 16.34
N THR C 148 17.98 9.62 17.36
CA THR C 148 19.22 8.81 17.23
C THR C 148 19.02 7.45 17.93
N LEU C 149 19.69 6.41 17.45
CA LEU C 149 19.74 5.07 18.10
C LEU C 149 20.57 5.18 19.38
N PRO C 150 20.47 4.21 20.31
CA PRO C 150 21.35 4.19 21.48
C PRO C 150 22.82 4.01 21.09
N ALA C 151 23.73 4.53 21.92
CA ALA C 151 25.20 4.39 21.79
C ALA C 151 25.61 2.99 22.27
N TRP C 152 25.25 1.96 21.51
CA TRP C 152 25.53 0.53 21.84
C TRP C 152 27.04 0.32 21.99
N ILE C 153 27.44 -0.46 23.00
CA ILE C 153 28.85 -0.84 23.26
C ILE C 153 29.26 -1.88 22.22
N PRO C 154 30.33 -1.64 21.42
CA PRO C 154 30.75 -2.60 20.40
C PRO C 154 31.21 -3.94 20.98
N PRO C 155 31.08 -5.06 20.24
CA PRO C 155 31.52 -6.38 20.72
C PRO C 155 32.93 -6.44 21.35
N SER C 156 33.86 -5.62 20.87
CA SER C 156 35.26 -5.56 21.39
C SER C 156 35.25 -5.06 22.83
N GLU C 157 34.59 -3.92 23.08
CA GLU C 157 34.45 -3.29 24.43
C GLU C 157 33.59 -4.18 25.34
N LEU C 158 32.65 -4.93 24.77
CA LEU C 158 31.82 -5.92 25.52
C LEU C 158 32.71 -7.07 25.99
N ALA C 159 33.53 -7.62 25.10
CA ALA C 159 34.51 -8.70 25.39
C ALA C 159 35.50 -8.23 26.47
N ALA C 160 35.89 -6.96 26.43
CA ALA C 160 36.87 -6.32 27.35
C ALA C 160 36.18 -5.84 28.63
N ALA C 161 34.89 -6.17 28.81
CA ALA C 161 34.11 -5.92 30.05
C ALA C 161 33.73 -7.27 30.70
N ASN C 162 34.40 -8.35 30.31
CA ASN C 162 34.22 -9.72 30.86
C ASN C 162 32.84 -10.26 30.46
N LEU C 163 32.41 -10.00 29.22
CA LEU C 163 31.16 -10.58 28.62
C LEU C 163 31.55 -11.46 27.44
N SER C 164 31.07 -12.70 27.41
CA SER C 164 31.51 -13.78 26.49
C SER C 164 30.89 -13.58 25.10
N VAL C 165 31.39 -12.59 24.35
CA VAL C 165 30.88 -12.17 23.02
C VAL C 165 31.90 -12.54 21.92
N ASP C 166 31.44 -13.18 20.85
CA ASP C 166 32.24 -13.51 19.64
C ASP C 166 32.49 -12.22 18.86
N THR C 167 33.72 -11.71 18.88
CA THR C 167 34.13 -10.42 18.24
C THR C 167 34.40 -10.63 16.74
N THR C 168 34.43 -11.89 16.27
CA THR C 168 34.65 -12.26 14.84
C THR C 168 33.31 -12.25 14.09
N TYR C 169 32.19 -12.16 14.81
CA TYR C 169 30.82 -12.26 14.25
C TYR C 169 30.52 -11.01 13.41
N ARG C 170 30.19 -11.24 12.13
CA ARG C 170 29.65 -10.21 11.20
C ARG C 170 28.12 -10.23 11.31
N PRO C 171 27.49 -9.12 11.76
CA PRO C 171 26.03 -9.07 11.89
C PRO C 171 25.32 -9.05 10.52
N HIS C 172 24.21 -9.78 10.42
CA HIS C 172 23.33 -9.86 9.23
C HIS C 172 22.72 -8.48 8.92
N ILE C 173 22.36 -7.72 9.96
CA ILE C 173 21.83 -6.32 9.84
C ILE C 173 22.71 -5.41 10.68
N PRO C 174 23.68 -4.70 10.08
CA PRO C 174 24.52 -3.76 10.82
C PRO C 174 23.71 -2.60 11.44
N ILE C 175 24.30 -1.90 12.40
CA ILE C 175 23.69 -0.71 13.08
C ILE C 175 23.33 0.33 12.01
N SER C 176 24.13 0.42 10.94
CA SER C 176 24.01 1.42 9.85
C SER C 176 22.77 1.14 8.98
N LYS C 177 22.24 -0.09 8.99
CA LYS C 177 21.08 -0.52 8.16
C LYS C 177 19.78 -0.43 8.97
N LEU C 178 19.85 -0.12 10.28
CA LEU C 178 18.65 0.11 11.13
C LEU C 178 18.10 1.51 10.89
N VAL C 179 16.78 1.63 10.76
CA VAL C 179 16.06 2.92 10.58
C VAL C 179 15.57 3.40 11.95
N VAL C 180 15.64 4.71 12.19
CA VAL C 180 15.14 5.37 13.44
C VAL C 180 13.62 5.50 13.33
N SER C 181 12.89 5.14 14.39
CA SER C 181 11.41 5.20 14.47
C SER C 181 10.82 4.51 13.23
N GLU C 182 11.29 3.29 12.95
CA GLU C 182 10.87 2.43 11.82
C GLU C 182 9.37 2.12 11.95
N SER C 183 8.72 1.75 10.85
CA SER C 183 7.32 1.28 10.80
C SER C 183 7.19 -0.11 11.46
N TYR C 184 6.02 -0.41 12.03
CA TYR C 184 5.66 -1.75 12.55
C TYR C 184 6.03 -2.82 11.51
N ASP C 185 5.60 -2.62 10.26
CA ASP C 185 5.80 -3.60 9.16
C ASP C 185 7.30 -3.83 8.93
N THR C 186 8.10 -2.76 8.91
CA THR C 186 9.58 -2.83 8.75
C THR C 186 10.17 -3.66 9.90
N TYR C 187 9.72 -3.44 11.14
CA TYR C 187 10.23 -4.17 12.33
C TYR C 187 9.93 -5.67 12.20
N ILE C 188 8.66 -6.03 11.97
CA ILE C 188 8.20 -7.45 11.77
C ILE C 188 9.00 -8.07 10.62
N SER C 189 9.18 -7.32 9.54
CA SER C 189 9.88 -7.75 8.32
C SER C 189 11.33 -8.14 8.64
N ARG C 190 12.07 -7.25 9.32
CA ARG C 190 13.51 -7.46 9.62
C ARG C 190 13.66 -8.55 10.69
N SER C 191 12.71 -8.67 11.61
CA SER C 191 12.66 -9.74 12.65
C SER C 191 12.58 -11.10 11.96
N PHE C 192 11.72 -11.22 10.94
CA PHE C 192 11.53 -12.45 10.12
C PHE C 192 12.78 -12.71 9.27
N GLN C 193 13.28 -11.67 8.59
CA GLN C 193 14.51 -11.73 7.76
C GLN C 193 15.66 -12.31 8.59
N VAL C 194 15.97 -11.69 9.73
CA VAL C 194 17.20 -11.96 10.53
C VAL C 194 17.10 -13.34 11.19
N THR C 195 15.90 -13.75 11.63
CA THR C 195 15.65 -15.09 12.22
C THR C 195 16.06 -16.15 11.20
N LYS C 196 15.55 -16.06 9.97
CA LYS C 196 15.81 -17.02 8.87
C LYS C 196 17.32 -17.07 8.56
N GLU C 197 17.96 -15.90 8.48
CA GLU C 197 19.42 -15.76 8.20
C GLU C 197 20.22 -16.43 9.32
N ILE C 198 19.79 -16.28 10.58
CA ILE C 198 20.39 -16.93 11.77
C ILE C 198 20.26 -18.46 11.62
N ILE C 199 19.04 -18.94 11.35
CA ILE C 199 18.72 -20.39 11.20
C ILE C 199 19.56 -20.99 10.06
N SER C 200 19.78 -20.22 8.98
CA SER C 200 20.50 -20.68 7.75
C SER C 200 21.97 -20.97 8.06
N GLU C 201 22.64 -20.09 8.81
CA GLU C 201 24.10 -20.17 9.08
C GLU C 201 24.39 -21.11 10.26
N CYS C 202 23.35 -21.74 10.83
CA CYS C 202 23.45 -22.64 12.02
C CYS C 202 23.11 -24.09 11.65
N LYS C 203 22.37 -24.32 10.55
CA LYS C 203 22.08 -25.68 10.01
C LYS C 203 23.40 -26.43 9.81
N SER C 204 24.39 -25.73 9.24
CA SER C 204 25.77 -26.24 9.01
C SER C 204 26.67 -25.84 10.19
N LYS C 205 26.26 -26.19 11.41
CA LYS C 205 27.00 -25.83 12.66
C LYS C 205 26.51 -26.71 13.82
N GLY C 206 25.39 -26.35 14.47
CA GLY C 206 24.90 -26.98 15.71
C GLY C 206 23.51 -27.58 15.53
N ASN C 207 22.57 -27.22 16.40
CA ASN C 207 21.14 -27.64 16.33
C ASN C 207 20.25 -26.68 17.13
N ASN C 208 20.54 -26.48 18.42
CA ASN C 208 19.74 -25.60 19.32
C ASN C 208 20.34 -24.18 19.32
N ILE C 209 19.51 -23.19 18.99
CA ILE C 209 19.88 -21.75 18.89
C ILE C 209 19.17 -20.98 20.01
N LEU C 210 19.92 -20.19 20.79
CA LEU C 210 19.37 -19.29 21.85
C LEU C 210 19.45 -17.83 21.37
N ILE C 211 18.30 -17.19 21.19
CA ILE C 211 18.20 -15.71 20.98
C ILE C 211 17.82 -15.07 22.32
N VAL C 212 18.67 -14.15 22.81
CA VAL C 212 18.43 -13.34 24.03
C VAL C 212 18.17 -11.91 23.60
N ALA C 213 16.89 -11.52 23.50
CA ALA C 213 16.46 -10.20 22.95
C ALA C 213 15.40 -9.57 23.85
N HIS C 214 14.26 -9.18 23.30
CA HIS C 214 13.22 -8.34 23.95
C HIS C 214 11.88 -9.09 23.94
N ALA C 215 10.90 -8.54 24.66
CA ALA C 215 9.51 -9.05 24.74
C ALA C 215 8.93 -9.14 23.32
N SER C 216 9.13 -8.10 22.51
CA SER C 216 8.61 -7.99 21.12
C SER C 216 9.27 -9.04 20.23
N SER C 217 10.51 -9.44 20.53
CA SER C 217 11.29 -10.43 19.74
C SER C 217 10.60 -11.79 19.72
N LEU C 218 9.94 -12.19 20.82
CA LEU C 218 9.36 -13.55 20.99
C LEU C 218 8.32 -13.82 19.90
N GLU C 219 7.45 -12.85 19.60
CA GLU C 219 6.43 -12.98 18.52
C GLU C 219 7.04 -12.60 17.16
N ALA C 220 7.75 -11.46 17.09
CA ALA C 220 8.27 -10.87 15.84
C ALA C 220 9.23 -11.84 15.14
N CYS C 221 9.96 -12.67 15.89
CA CYS C 221 11.01 -13.60 15.37
C CYS C 221 10.42 -14.97 15.04
N THR C 222 9.31 -15.36 15.69
CA THR C 222 8.75 -16.74 15.63
C THR C 222 7.47 -16.80 14.79
N CYS C 223 6.69 -15.71 14.74
CA CYS C 223 5.31 -15.68 14.17
C CYS C 223 5.29 -16.28 12.75
N GLN C 224 6.07 -15.71 11.84
CA GLN C 224 6.07 -16.08 10.40
C GLN C 224 6.90 -17.35 10.19
N LEU C 225 7.85 -17.64 11.10
CA LEU C 225 8.63 -18.90 11.11
C LEU C 225 7.68 -20.09 11.29
N GLN C 226 6.57 -19.90 12.01
CA GLN C 226 5.48 -20.90 12.19
C GLN C 226 4.50 -20.82 11.01
N GLY C 227 4.79 -19.98 10.02
CA GLY C 227 3.92 -19.71 8.87
C GLY C 227 2.59 -19.10 9.27
N LEU C 228 2.54 -18.41 10.41
CA LEU C 228 1.36 -17.58 10.82
C LEU C 228 1.54 -16.18 10.24
N SER C 229 0.44 -15.43 10.09
CA SER C 229 0.44 -14.02 9.64
C SER C 229 0.45 -13.11 10.86
N PRO C 230 1.26 -12.03 10.85
CA PRO C 230 1.41 -11.15 12.01
C PRO C 230 0.10 -10.46 12.42
N GLN C 231 0.02 -10.09 13.71
CA GLN C 231 -1.09 -9.26 14.27
C GLN C 231 -0.91 -7.80 13.85
N ASN C 232 -1.94 -6.98 14.02
CA ASN C 232 -1.85 -5.51 13.83
C ASN C 232 -1.02 -4.94 14.98
N SER C 233 -0.45 -3.74 14.80
CA SER C 233 0.52 -3.10 15.72
C SER C 233 -0.06 -3.00 17.15
N LYS C 234 -1.37 -2.77 17.28
CA LYS C 234 -2.04 -2.56 18.59
C LYS C 234 -2.13 -3.88 19.35
N ASP C 235 -2.60 -4.96 18.72
CA ASP C 235 -2.73 -6.30 19.33
C ASP C 235 -1.34 -6.86 19.65
N PHE C 236 -0.35 -6.56 18.82
CA PHE C 236 1.07 -6.98 19.00
C PHE C 236 1.60 -6.41 20.33
N VAL C 237 1.31 -5.13 20.58
CA VAL C 237 1.80 -4.39 21.79
C VAL C 237 1.13 -4.97 23.04
N GLN C 238 -0.13 -5.42 22.95
CA GLN C 238 -0.87 -6.00 24.10
C GLN C 238 -0.29 -7.36 24.47
N MET C 239 0.01 -8.21 23.48
CA MET C 239 0.69 -9.53 23.68
C MET C 239 2.05 -9.31 24.34
N VAL C 240 2.85 -8.39 23.77
CA VAL C 240 4.26 -8.08 24.17
C VAL C 240 4.32 -7.67 25.65
N ARG C 241 3.35 -6.86 26.11
CA ARG C 241 3.33 -6.32 27.50
C ARG C 241 3.11 -7.45 28.52
N LYS C 242 2.62 -8.62 28.06
CA LYS C 242 2.27 -9.77 28.93
C LYS C 242 3.45 -10.75 29.07
N ILE C 243 4.61 -10.50 28.45
CA ILE C 243 5.81 -11.39 28.55
C ILE C 243 6.66 -10.93 29.74
N PRO C 244 6.99 -11.84 30.69
CA PRO C 244 7.79 -11.50 31.86
C PRO C 244 9.29 -11.46 31.54
N TYR C 245 10.09 -10.94 32.49
CA TYR C 245 11.57 -10.99 32.45
C TYR C 245 12.00 -12.46 32.30
N LEU C 246 12.96 -12.73 31.42
CA LEU C 246 13.45 -14.09 31.05
C LEU C 246 12.30 -14.95 30.51
N GLY C 247 11.19 -14.33 30.09
CA GLY C 247 10.10 -15.01 29.36
C GLY C 247 10.67 -15.86 28.23
N PHE C 248 10.36 -17.15 28.22
CA PHE C 248 11.06 -18.19 27.41
C PHE C 248 10.04 -18.94 26.56
N CYS C 249 10.24 -18.93 25.23
CA CYS C 249 9.41 -19.69 24.24
C CYS C 249 10.33 -20.60 23.40
N SER C 250 9.78 -21.69 22.86
CA SER C 250 10.52 -22.75 22.14
C SER C 250 9.85 -23.05 20.78
N CYS C 251 10.66 -23.13 19.72
CA CYS C 251 10.22 -23.49 18.34
C CYS C 251 10.98 -24.72 17.86
N GLU C 252 10.29 -25.84 17.67
CA GLU C 252 10.82 -27.08 17.03
C GLU C 252 10.48 -27.04 15.54
N GLU C 253 11.45 -27.38 14.67
CA GLU C 253 11.25 -27.52 13.21
C GLU C 253 10.42 -28.79 12.96
N LEU C 254 9.21 -28.66 12.42
CA LEU C 254 8.26 -29.77 12.17
C LEU C 254 8.79 -30.61 11.00
N GLY C 255 9.80 -31.45 11.27
CA GLY C 255 10.52 -32.25 10.27
C GLY C 255 11.61 -31.44 9.59
N GLU C 256 11.64 -31.45 8.24
CA GLU C 256 12.48 -30.58 7.39
C GLU C 256 11.58 -29.61 6.62
N THR C 257 10.31 -29.50 7.04
CA THR C 257 9.23 -28.71 6.39
C THR C 257 9.69 -27.25 6.19
N GLY C 258 10.39 -26.68 7.18
CA GLY C 258 10.74 -25.25 7.22
C GLY C 258 9.65 -24.44 7.91
N ILE C 259 8.50 -25.09 8.19
CA ILE C 259 7.41 -24.56 9.05
C ILE C 259 7.62 -25.13 10.46
N TRP C 260 8.09 -24.29 11.39
CA TRP C 260 8.37 -24.64 12.80
C TRP C 260 7.06 -24.54 13.57
N GLN C 261 6.98 -25.11 14.79
CA GLN C 261 5.79 -25.00 15.67
C GLN C 261 6.25 -24.79 17.12
N LEU C 262 5.44 -24.09 17.91
CA LEU C 262 5.69 -23.87 19.37
C LEU C 262 5.50 -25.20 20.10
N THR C 263 6.46 -25.55 20.96
CA THR C 263 6.41 -26.72 21.87
C THR C 263 6.58 -26.21 23.31
N ASP C 264 6.09 -26.98 24.28
CA ASP C 264 6.32 -26.73 25.73
C ASP C 264 7.81 -26.55 25.94
N PRO C 265 8.27 -25.44 26.59
CA PRO C 265 9.70 -25.21 26.77
C PRO C 265 10.37 -26.33 27.57
N PRO C 266 11.70 -26.54 27.39
CA PRO C 266 12.40 -27.62 28.10
C PRO C 266 12.63 -27.35 29.60
N ILE C 267 12.28 -26.14 30.08
CA ILE C 267 12.52 -25.68 31.49
C ILE C 267 11.21 -25.16 32.10
N LEU C 268 11.13 -25.15 33.42
CA LEU C 268 9.99 -24.57 34.19
C LEU C 268 9.99 -23.04 34.01
N PRO C 269 8.85 -22.37 34.25
CA PRO C 269 8.82 -20.91 34.25
C PRO C 269 9.44 -20.33 35.53
N LEU C 270 9.72 -19.02 35.55
CA LEU C 270 10.28 -18.29 36.70
C LEU C 270 9.33 -17.15 37.07
N THR C 271 8.78 -17.18 38.29
CA THR C 271 7.81 -16.18 38.82
C THR C 271 8.21 -15.78 40.25
N HIS C 272 8.49 -14.50 40.48
CA HIS C 272 8.73 -13.91 41.82
C HIS C 272 8.01 -12.55 41.92
N GLY C 273 7.57 -12.20 43.13
CA GLY C 273 6.91 -10.91 43.44
C GLY C 273 7.93 -9.78 43.50
N PRO C 274 7.50 -8.56 43.86
CA PRO C 274 8.42 -7.45 44.13
C PRO C 274 8.91 -7.50 45.58
N THR C 275 9.87 -6.63 45.91
CA THR C 275 10.35 -6.39 47.30
C THR C 275 9.15 -5.96 48.17
N GLY C 276 8.17 -5.30 47.55
CA GLY C 276 6.87 -4.97 48.15
C GLY C 276 6.91 -3.68 48.94
N GLY C 277 5.93 -3.47 49.83
CA GLY C 277 5.85 -2.33 50.75
C GLY C 277 6.08 -0.99 50.06
N LYS D 21 11.30 21.49 -29.21
CA LYS D 21 9.90 22.03 -29.33
C LYS D 21 8.91 21.12 -28.60
N ARG D 22 8.91 19.83 -28.93
CA ARG D 22 7.95 18.80 -28.41
C ARG D 22 6.61 18.98 -29.12
N CYS D 23 6.35 18.16 -30.16
CA CYS D 23 5.18 18.29 -31.08
C CYS D 23 4.24 17.09 -30.96
N LEU D 24 2.94 17.34 -31.10
CA LEU D 24 1.90 16.30 -31.29
C LEU D 24 1.32 16.43 -32.71
N PHE D 25 1.56 15.43 -33.55
CA PHE D 25 1.00 15.31 -34.93
C PHE D 25 -0.20 14.37 -34.91
N VAL D 26 -1.36 14.84 -35.37
CA VAL D 26 -2.60 14.02 -35.57
C VAL D 26 -2.93 14.03 -37.06
N CYS D 27 -3.09 12.86 -37.67
CA CYS D 27 -3.38 12.72 -39.12
C CYS D 27 -4.47 11.65 -39.35
N ARG D 28 -5.23 11.82 -40.43
CA ARG D 28 -6.34 10.92 -40.86
C ARG D 28 -5.75 9.75 -41.64
N HIS D 29 -6.43 8.61 -41.61
CA HIS D 29 -6.10 7.38 -42.38
C HIS D 29 -6.20 7.65 -43.89
N GLY D 30 -5.69 6.73 -44.70
CA GLY D 30 -5.69 6.82 -46.18
C GLY D 30 -7.02 6.41 -46.78
N GLU D 31 -7.07 6.41 -48.12
CA GLU D 31 -8.27 6.11 -48.95
C GLU D 31 -8.85 4.76 -48.55
N ARG D 32 -10.17 4.71 -48.32
CA ARG D 32 -10.91 3.52 -47.84
C ARG D 32 -11.42 2.69 -49.04
N MET D 33 -11.35 1.36 -48.93
CA MET D 33 -11.89 0.39 -49.93
C MET D 33 -13.41 0.56 -50.04
N ASP D 34 -14.11 0.75 -48.92
CA ASP D 34 -15.59 0.78 -48.85
C ASP D 34 -16.12 2.15 -49.33
N VAL D 35 -15.26 3.16 -49.48
CA VAL D 35 -15.63 4.46 -50.11
C VAL D 35 -15.53 4.31 -51.63
N VAL D 36 -14.33 4.00 -52.14
CA VAL D 36 -14.01 3.93 -53.59
C VAL D 36 -14.94 2.93 -54.29
N PHE D 37 -15.18 1.76 -53.66
CA PHE D 37 -15.92 0.62 -54.26
C PHE D 37 -17.27 0.41 -53.54
N GLY D 38 -17.68 1.35 -52.69
CA GLY D 38 -19.05 1.42 -52.14
C GLY D 38 -19.27 0.49 -50.95
N LYS D 39 -20.45 0.58 -50.33
CA LYS D 39 -20.84 -0.14 -49.08
C LYS D 39 -20.74 -1.66 -49.30
N TYR D 40 -21.15 -2.14 -50.48
CA TYR D 40 -21.22 -3.58 -50.84
C TYR D 40 -20.00 -3.95 -51.70
N TRP D 41 -18.81 -3.59 -51.23
CA TRP D 41 -17.52 -3.72 -51.95
C TRP D 41 -17.01 -5.17 -51.89
N LEU D 42 -17.41 -5.93 -50.87
CA LEU D 42 -17.01 -7.36 -50.71
C LEU D 42 -17.60 -8.19 -51.86
N SER D 43 -18.73 -7.74 -52.42
CA SER D 43 -19.43 -8.35 -53.58
C SER D 43 -18.53 -8.35 -54.82
N GLN D 44 -17.65 -7.36 -54.96
CA GLN D 44 -16.82 -7.13 -56.18
C GLN D 44 -15.47 -7.87 -56.11
N CYS D 45 -15.05 -8.34 -54.92
CA CYS D 45 -13.68 -8.90 -54.73
C CYS D 45 -13.69 -10.25 -53.98
N PHE D 46 -14.86 -10.78 -53.60
CA PHE D 46 -15.01 -12.15 -53.06
C PHE D 46 -16.03 -12.91 -53.94
N ASP D 47 -15.67 -14.13 -54.35
CA ASP D 47 -16.49 -14.99 -55.25
C ASP D 47 -17.39 -15.90 -54.38
N ALA D 48 -18.02 -16.90 -55.01
CA ALA D 48 -18.97 -17.85 -54.37
C ALA D 48 -18.30 -18.57 -53.20
N LYS D 49 -17.05 -19.01 -53.38
CA LYS D 49 -16.31 -19.86 -52.40
C LYS D 49 -15.62 -18.99 -51.34
N GLY D 50 -15.63 -17.67 -51.51
CA GLY D 50 -15.02 -16.71 -50.56
C GLY D 50 -13.52 -16.57 -50.78
N ARG D 51 -13.05 -16.86 -51.99
CA ARG D 51 -11.66 -16.59 -52.44
C ARG D 51 -11.55 -15.11 -52.84
N TYR D 52 -10.58 -14.38 -52.29
CA TYR D 52 -10.29 -12.97 -52.66
C TYR D 52 -9.84 -12.94 -54.13
N ILE D 53 -10.56 -12.19 -54.97
CA ILE D 53 -10.25 -12.00 -56.42
C ILE D 53 -10.39 -10.50 -56.74
N ARG D 54 -9.28 -9.76 -56.69
CA ARG D 54 -9.24 -8.31 -57.01
C ARG D 54 -9.75 -8.10 -58.45
N THR D 55 -10.60 -7.10 -58.64
CA THR D 55 -11.17 -6.70 -59.95
C THR D 55 -10.71 -5.28 -60.32
N ASN D 56 -9.76 -4.72 -59.58
CA ASN D 56 -9.23 -3.35 -59.79
C ASN D 56 -7.79 -3.26 -59.26
N LEU D 57 -6.92 -2.50 -59.94
CA LEU D 57 -5.49 -2.34 -59.59
C LEU D 57 -5.33 -1.51 -58.31
N ASN D 58 -6.40 -0.87 -57.82
CA ASN D 58 -6.41 -0.10 -56.55
C ASN D 58 -6.83 -1.01 -55.39
N MET D 59 -7.13 -2.29 -55.67
CA MET D 59 -7.34 -3.32 -54.62
C MET D 59 -6.00 -4.02 -54.35
N PRO D 60 -5.63 -4.23 -53.07
CA PRO D 60 -4.38 -4.93 -52.75
C PRO D 60 -4.32 -6.34 -53.37
N HIS D 61 -3.10 -6.84 -53.57
CA HIS D 61 -2.82 -8.15 -54.23
C HIS D 61 -3.45 -9.29 -53.42
N SER D 62 -3.53 -9.13 -52.09
CA SER D 62 -4.19 -10.07 -51.16
C SER D 62 -4.69 -9.32 -49.93
N LEU D 63 -5.69 -9.88 -49.23
CA LEU D 63 -6.16 -9.41 -47.90
C LEU D 63 -5.76 -10.42 -46.84
N PRO D 64 -5.30 -9.98 -45.65
CA PRO D 64 -4.97 -10.91 -44.57
C PRO D 64 -6.22 -11.59 -44.02
N GLN D 65 -6.12 -12.88 -43.66
CA GLN D 65 -7.23 -13.66 -43.06
C GLN D 65 -7.58 -13.09 -41.69
N ARG D 66 -8.85 -13.21 -41.28
CA ARG D 66 -9.39 -12.66 -40.01
C ARG D 66 -10.07 -13.77 -39.22
N SER D 67 -10.11 -13.63 -37.88
CA SER D 67 -10.64 -14.62 -36.91
C SER D 67 -12.07 -15.03 -37.26
N GLY D 68 -12.90 -14.08 -37.69
CA GLY D 68 -14.33 -14.29 -37.98
C GLY D 68 -14.64 -14.42 -39.47
N GLY D 69 -13.61 -14.67 -40.29
CA GLY D 69 -13.75 -14.79 -41.76
C GLY D 69 -13.80 -13.43 -42.44
N PHE D 70 -14.05 -13.40 -43.74
CA PHE D 70 -13.95 -12.20 -44.61
C PHE D 70 -15.04 -11.19 -44.24
N ARG D 71 -16.15 -11.64 -43.64
CA ARG D 71 -17.36 -10.81 -43.37
C ARG D 71 -17.05 -9.76 -42.29
N ASP D 72 -15.97 -9.93 -41.51
CA ASP D 72 -15.53 -8.96 -40.46
C ASP D 72 -14.96 -7.69 -41.12
N TYR D 73 -14.68 -7.71 -42.43
CA TYR D 73 -14.18 -6.55 -43.20
C TYR D 73 -15.32 -5.53 -43.44
N GLU D 74 -16.58 -5.95 -43.33
CA GLU D 74 -17.79 -5.12 -43.62
C GLU D 74 -17.78 -3.84 -42.78
N LYS D 75 -17.37 -3.92 -41.50
CA LYS D 75 -17.44 -2.80 -40.52
C LYS D 75 -16.03 -2.30 -40.18
N ASP D 76 -14.99 -2.84 -40.84
CA ASP D 76 -13.56 -2.56 -40.55
C ASP D 76 -12.75 -2.78 -41.84
N ALA D 77 -13.06 -2.02 -42.88
CA ALA D 77 -12.48 -2.16 -44.24
C ALA D 77 -11.05 -1.65 -44.25
N PRO D 78 -10.18 -2.22 -45.12
CA PRO D 78 -8.80 -1.75 -45.25
C PRO D 78 -8.68 -0.55 -46.19
N ILE D 79 -7.48 0.02 -46.30
CA ILE D 79 -7.14 1.12 -47.25
C ILE D 79 -6.80 0.49 -48.61
N THR D 80 -6.90 1.29 -49.67
CA THR D 80 -6.59 0.90 -51.07
C THR D 80 -5.07 0.88 -51.27
N VAL D 81 -4.62 0.42 -52.45
CA VAL D 81 -3.19 0.48 -52.87
C VAL D 81 -2.74 1.95 -52.81
N PHE D 82 -3.60 2.88 -53.22
CA PHE D 82 -3.32 4.34 -53.28
C PHE D 82 -3.37 4.94 -51.87
N GLY D 83 -4.22 4.38 -51.01
CA GLY D 83 -4.23 4.68 -49.55
C GLY D 83 -2.86 4.46 -48.94
N CYS D 84 -2.22 3.32 -49.24
CA CYS D 84 -0.87 2.93 -48.76
C CYS D 84 0.16 3.95 -49.24
N MET D 85 0.03 4.42 -50.49
CA MET D 85 0.94 5.39 -51.13
C MET D 85 0.83 6.76 -50.44
N GLN D 86 -0.41 7.22 -50.18
CA GLN D 86 -0.67 8.49 -49.43
C GLN D 86 0.10 8.45 -48.11
N ALA D 87 -0.05 7.35 -47.35
CA ALA D 87 0.61 7.11 -46.05
C ALA D 87 2.13 7.08 -46.24
N ARG D 88 2.61 6.30 -47.21
CA ARG D 88 4.06 6.12 -47.53
C ARG D 88 4.68 7.49 -47.84
N LEU D 89 4.00 8.32 -48.64
CA LEU D 89 4.53 9.65 -49.07
C LEU D 89 4.68 10.57 -47.85
N VAL D 90 3.71 10.54 -46.93
CA VAL D 90 3.74 11.36 -45.66
C VAL D 90 4.93 10.89 -44.81
N GLY D 91 5.13 9.58 -44.68
CA GLY D 91 6.30 8.97 -44.01
C GLY D 91 7.61 9.47 -44.62
N GLU D 92 7.70 9.45 -45.95
CA GLU D 92 8.89 9.90 -46.73
C GLU D 92 9.11 11.40 -46.49
N ALA D 93 8.04 12.19 -46.44
CA ALA D 93 8.10 13.66 -46.25
C ALA D 93 8.65 13.97 -44.85
N LEU D 94 8.27 13.19 -43.84
CA LEU D 94 8.75 13.37 -42.43
C LEU D 94 10.26 13.10 -42.37
N LEU D 95 10.73 12.04 -43.02
CA LEU D 95 12.17 11.66 -43.09
C LEU D 95 12.98 12.78 -43.75
N GLU D 96 12.44 13.38 -44.83
CA GLU D 96 13.13 14.40 -45.66
C GLU D 96 13.24 15.71 -44.89
N SER D 97 12.26 16.03 -44.03
CA SER D 97 12.21 17.26 -43.19
C SER D 97 13.02 17.07 -41.90
N ASN D 98 13.73 15.94 -41.77
CA ASN D 98 14.53 15.54 -40.57
C ASN D 98 13.64 15.63 -39.32
N THR D 99 12.35 15.31 -39.47
CA THR D 99 11.36 15.20 -38.36
C THR D 99 11.46 13.77 -37.81
N ILE D 100 11.88 13.62 -36.55
CA ILE D 100 11.98 12.31 -35.84
C ILE D 100 10.67 12.06 -35.10
N ILE D 101 10.09 10.86 -35.27
CA ILE D 101 8.86 10.40 -34.57
C ILE D 101 9.29 9.42 -33.47
N ASP D 102 9.04 9.77 -32.21
CA ASP D 102 9.49 9.00 -31.02
C ASP D 102 8.40 8.01 -30.59
N HIS D 103 7.13 8.43 -30.64
CA HIS D 103 5.95 7.61 -30.27
C HIS D 103 4.85 7.77 -31.32
N VAL D 104 4.35 6.66 -31.86
CA VAL D 104 3.22 6.63 -32.84
C VAL D 104 2.07 5.81 -32.23
N TYR D 105 0.91 6.43 -32.07
CA TYR D 105 -0.37 5.79 -31.65
C TYR D 105 -1.31 5.75 -32.86
N CYS D 106 -2.27 4.83 -32.86
CA CYS D 106 -3.30 4.73 -33.92
C CYS D 106 -4.60 4.13 -33.36
N SER D 107 -5.73 4.49 -33.99
CA SER D 107 -7.06 3.89 -33.78
C SER D 107 -6.98 2.39 -34.08
N PRO D 108 -7.84 1.54 -33.45
CA PRO D 108 -7.84 0.11 -33.71
C PRO D 108 -8.48 -0.30 -35.06
N SER D 109 -9.10 0.66 -35.76
CA SER D 109 -9.61 0.49 -37.15
C SER D 109 -8.45 0.04 -38.06
N LEU D 110 -8.66 -0.99 -38.86
CA LEU D 110 -7.62 -1.58 -39.73
C LEU D 110 -7.03 -0.50 -40.64
N ARG D 111 -7.87 0.39 -41.16
CA ARG D 111 -7.48 1.46 -42.10
C ARG D 111 -6.45 2.38 -41.42
N CYS D 112 -6.64 2.63 -40.11
CA CYS D 112 -5.75 3.49 -39.28
C CYS D 112 -4.43 2.75 -39.00
N VAL D 113 -4.49 1.46 -38.69
CA VAL D 113 -3.29 0.63 -38.38
C VAL D 113 -2.43 0.52 -39.64
N GLN D 114 -3.06 0.24 -40.79
CA GLN D 114 -2.39 0.10 -42.12
C GLN D 114 -1.73 1.43 -42.51
N THR D 115 -2.39 2.57 -42.26
CA THR D 115 -1.86 3.92 -42.55
C THR D 115 -0.60 4.16 -41.71
N ALA D 116 -0.71 4.01 -40.38
CA ALA D 116 0.41 4.14 -39.42
C ALA D 116 1.61 3.30 -39.90
N HIS D 117 1.38 2.03 -40.23
CA HIS D 117 2.42 1.09 -40.69
C HIS D 117 3.10 1.64 -41.95
N ASN D 118 2.30 2.06 -42.95
CA ASN D 118 2.79 2.56 -44.26
C ASN D 118 3.53 3.89 -44.08
N ILE D 119 3.14 4.70 -43.08
CA ILE D 119 3.88 5.91 -42.65
C ILE D 119 5.28 5.48 -42.17
N LEU D 120 5.36 4.41 -41.36
CA LEU D 120 6.63 3.89 -40.80
C LEU D 120 7.56 3.40 -41.91
N LYS D 121 7.00 2.81 -42.98
CA LYS D 121 7.78 2.30 -44.15
C LYS D 121 8.45 3.48 -44.85
N GLY D 122 7.68 4.51 -45.21
CA GLY D 122 8.19 5.77 -45.81
C GLY D 122 9.15 6.47 -44.87
N LEU D 123 8.94 6.32 -43.56
CA LEU D 123 9.76 6.93 -42.48
C LEU D 123 11.02 6.09 -42.25
N GLN D 124 11.03 4.85 -42.76
CA GLN D 124 12.14 3.86 -42.63
C GLN D 124 12.35 3.53 -41.14
N GLN D 125 11.26 3.26 -40.42
CA GLN D 125 11.25 2.97 -38.96
C GLN D 125 10.26 1.84 -38.66
N GLU D 126 10.14 0.84 -39.54
CA GLU D 126 9.21 -0.30 -39.37
C GLU D 126 9.72 -1.21 -38.25
N ASN D 127 11.04 -1.24 -38.03
CA ASN D 127 11.73 -2.20 -37.12
C ASN D 127 12.07 -1.54 -35.78
N HIS D 128 12.14 -0.21 -35.72
CA HIS D 128 12.43 0.56 -34.47
C HIS D 128 11.12 0.82 -33.72
N LEU D 129 10.25 1.65 -34.29
CA LEU D 129 8.97 2.09 -33.67
C LEU D 129 7.97 0.92 -33.67
N LYS D 130 7.15 0.83 -32.62
CA LYS D 130 6.06 -0.17 -32.47
C LYS D 130 4.75 0.57 -32.19
N ILE D 131 3.77 0.43 -33.08
CA ILE D 131 2.50 1.23 -33.11
C ILE D 131 1.66 0.85 -31.88
N ARG D 132 1.23 1.85 -31.11
CA ARG D 132 0.41 1.69 -29.88
C ARG D 132 -1.06 1.83 -30.26
N VAL D 133 -1.77 0.70 -30.34
CA VAL D 133 -3.21 0.62 -30.70
C VAL D 133 -4.03 1.12 -29.51
N GLU D 134 -4.64 2.29 -29.63
CA GLU D 134 -5.44 2.96 -28.57
C GLU D 134 -6.90 3.02 -29.00
N PRO D 135 -7.78 2.14 -28.47
CA PRO D 135 -9.22 2.19 -28.79
C PRO D 135 -9.88 3.55 -28.50
N GLY D 136 -9.34 4.31 -27.55
CA GLY D 136 -9.78 5.68 -27.23
C GLY D 136 -9.69 6.63 -28.41
N LEU D 137 -8.89 6.28 -29.44
CA LEU D 137 -8.65 7.13 -30.64
C LEU D 137 -9.65 6.80 -31.76
N PHE D 138 -10.46 5.75 -31.62
CA PHE D 138 -11.56 5.42 -32.56
C PHE D 138 -12.49 6.64 -32.68
N GLU D 139 -13.12 6.82 -33.85
CA GLU D 139 -14.03 7.95 -34.13
C GLU D 139 -15.32 7.81 -33.32
N TRP D 140 -16.11 8.89 -33.25
CA TRP D 140 -17.46 8.97 -32.63
C TRP D 140 -18.27 7.72 -32.99
N THR D 141 -18.67 6.93 -31.98
CA THR D 141 -19.33 5.60 -32.14
C THR D 141 -20.82 5.76 -32.45
N LYS D 142 -21.29 6.98 -32.73
CA LYS D 142 -22.63 7.24 -33.31
C LYS D 142 -22.66 6.73 -34.76
N TRP D 143 -21.50 6.69 -35.41
CA TRP D 143 -21.33 6.41 -36.86
C TRP D 143 -21.10 4.93 -37.13
N VAL D 144 -21.01 4.09 -36.10
CA VAL D 144 -20.95 2.60 -36.27
C VAL D 144 -22.33 2.13 -36.72
N ALA D 145 -22.37 1.17 -37.64
CA ALA D 145 -23.61 0.54 -38.16
C ALA D 145 -24.13 -0.48 -37.13
N GLY D 146 -25.43 -0.78 -37.19
CA GLY D 146 -26.10 -1.75 -36.29
C GLY D 146 -25.98 -1.34 -34.84
N SER D 147 -26.00 -2.33 -33.93
CA SER D 147 -25.98 -2.15 -32.45
C SER D 147 -24.82 -2.95 -31.85
N THR D 148 -23.64 -2.90 -32.48
CA THR D 148 -22.42 -3.62 -32.07
C THR D 148 -21.18 -2.94 -32.67
N LEU D 149 -20.04 -3.01 -31.97
CA LEU D 149 -18.76 -2.38 -32.39
C LEU D 149 -18.12 -3.21 -33.49
N PRO D 150 -17.26 -2.60 -34.36
CA PRO D 150 -16.52 -3.35 -35.37
C PRO D 150 -15.63 -4.42 -34.72
N ALA D 151 -15.46 -5.57 -35.38
CA ALA D 151 -14.67 -6.73 -34.92
C ALA D 151 -13.18 -6.47 -35.20
N TRP D 152 -12.59 -5.50 -34.50
CA TRP D 152 -11.20 -5.02 -34.73
C TRP D 152 -10.24 -6.20 -34.55
N ILE D 153 -9.17 -6.24 -35.36
CA ILE D 153 -8.07 -7.24 -35.22
C ILE D 153 -7.26 -6.86 -33.99
N PRO D 154 -7.06 -7.78 -33.01
CA PRO D 154 -6.26 -7.49 -31.82
C PRO D 154 -4.81 -7.21 -32.17
N PRO D 155 -4.07 -6.43 -31.33
CA PRO D 155 -2.66 -6.13 -31.59
C PRO D 155 -1.79 -7.37 -31.88
N SER D 156 -2.02 -8.48 -31.19
CA SER D 156 -1.25 -9.74 -31.33
C SER D 156 -1.42 -10.30 -32.75
N GLU D 157 -2.66 -10.32 -33.25
CA GLU D 157 -3.00 -10.74 -34.64
C GLU D 157 -2.40 -9.72 -35.63
N LEU D 158 -2.45 -8.42 -35.31
CA LEU D 158 -1.91 -7.34 -36.16
C LEU D 158 -0.39 -7.54 -36.32
N ALA D 159 0.29 -7.92 -35.23
CA ALA D 159 1.75 -8.20 -35.19
C ALA D 159 2.08 -9.41 -36.07
N ALA D 160 1.10 -10.29 -36.30
CA ALA D 160 1.22 -11.52 -37.13
C ALA D 160 0.91 -11.22 -38.59
N ALA D 161 0.55 -9.97 -38.93
CA ALA D 161 0.30 -9.50 -40.31
C ALA D 161 1.45 -8.58 -40.78
N ASN D 162 2.54 -8.49 -39.99
CA ASN D 162 3.76 -7.70 -40.30
C ASN D 162 3.42 -6.19 -40.28
N LEU D 163 2.32 -5.82 -39.62
CA LEU D 163 2.03 -4.42 -39.22
C LEU D 163 2.75 -4.16 -37.88
N SER D 164 3.73 -3.25 -37.88
CA SER D 164 4.67 -2.99 -36.75
C SER D 164 3.90 -2.46 -35.54
N VAL D 165 3.19 -3.35 -34.83
CA VAL D 165 2.32 -3.03 -33.65
C VAL D 165 3.05 -3.44 -32.36
N ASP D 166 2.93 -2.62 -31.30
CA ASP D 166 3.45 -2.91 -29.94
C ASP D 166 2.40 -3.72 -29.17
N THR D 167 2.65 -5.01 -28.95
CA THR D 167 1.70 -5.96 -28.30
C THR D 167 1.75 -5.83 -26.77
N THR D 168 2.74 -5.11 -26.22
CA THR D 168 2.93 -4.90 -24.76
C THR D 168 2.18 -3.64 -24.30
N TYR D 169 1.76 -2.78 -25.23
CA TYR D 169 1.07 -1.49 -24.95
C TYR D 169 -0.25 -1.77 -24.21
N ARG D 170 -0.38 -1.23 -22.99
CA ARG D 170 -1.61 -1.30 -22.16
C ARG D 170 -2.50 -0.11 -22.49
N PRO D 171 -3.63 -0.32 -23.19
CA PRO D 171 -4.48 0.79 -23.64
C PRO D 171 -5.12 1.57 -22.47
N HIS D 172 -5.23 2.90 -22.64
CA HIS D 172 -5.82 3.86 -21.67
C HIS D 172 -7.33 3.66 -21.60
N ILE D 173 -7.98 3.53 -22.76
CA ILE D 173 -9.42 3.18 -22.90
C ILE D 173 -9.51 1.86 -23.65
N PRO D 174 -9.57 0.71 -22.94
CA PRO D 174 -9.77 -0.60 -23.57
C PRO D 174 -11.06 -0.65 -24.41
N ILE D 175 -11.18 -1.67 -25.28
CA ILE D 175 -12.34 -1.87 -26.20
C ILE D 175 -13.62 -1.99 -25.38
N SER D 176 -13.61 -2.78 -24.30
CA SER D 176 -14.78 -3.08 -23.45
C SER D 176 -15.34 -1.80 -22.81
N LYS D 177 -14.51 -0.76 -22.67
CA LYS D 177 -14.90 0.55 -22.04
C LYS D 177 -15.56 1.48 -23.08
N LEU D 178 -15.62 1.10 -24.36
CA LEU D 178 -16.25 1.90 -25.44
C LEU D 178 -17.76 1.61 -25.49
N VAL D 179 -18.57 2.65 -25.66
CA VAL D 179 -20.06 2.61 -25.63
C VAL D 179 -20.58 2.80 -27.06
N VAL D 180 -21.50 1.95 -27.51
CA VAL D 180 -22.11 2.01 -28.87
C VAL D 180 -23.11 3.16 -28.90
N SER D 181 -23.08 3.98 -29.96
CA SER D 181 -23.96 5.17 -30.15
C SER D 181 -23.79 6.13 -28.97
N GLU D 182 -22.54 6.42 -28.59
CA GLU D 182 -22.18 7.36 -27.49
C GLU D 182 -22.62 8.78 -27.88
N SER D 183 -22.68 9.68 -26.89
CA SER D 183 -23.04 11.11 -27.09
C SER D 183 -21.83 11.87 -27.64
N TYR D 184 -22.07 12.94 -28.40
CA TYR D 184 -21.03 13.89 -28.88
C TYR D 184 -20.10 14.24 -27.70
N ASP D 185 -20.69 14.58 -26.56
CA ASP D 185 -19.99 15.04 -25.32
C ASP D 185 -19.07 13.91 -24.79
N THR D 186 -19.54 12.66 -24.84
CA THR D 186 -18.77 11.45 -24.48
C THR D 186 -17.51 11.40 -25.35
N TYR D 187 -17.68 11.38 -26.68
CA TYR D 187 -16.59 11.20 -27.68
C TYR D 187 -15.51 12.28 -27.46
N ILE D 188 -15.93 13.54 -27.30
CA ILE D 188 -15.02 14.71 -27.14
C ILE D 188 -14.24 14.55 -25.83
N SER D 189 -14.91 14.10 -24.77
CA SER D 189 -14.33 13.92 -23.40
C SER D 189 -13.26 12.82 -23.42
N ARG D 190 -13.59 11.67 -24.03
CA ARG D 190 -12.69 10.48 -24.08
C ARG D 190 -11.52 10.79 -25.03
N SER D 191 -11.76 11.61 -26.06
CA SER D 191 -10.73 12.06 -27.03
C SER D 191 -9.71 12.98 -26.33
N PHE D 192 -10.18 13.80 -25.38
CA PHE D 192 -9.34 14.75 -24.60
C PHE D 192 -8.63 14.02 -23.46
N GLN D 193 -9.31 13.07 -22.81
CA GLN D 193 -8.74 12.20 -21.76
C GLN D 193 -7.50 11.50 -22.31
N VAL D 194 -7.68 10.73 -23.39
CA VAL D 194 -6.66 9.82 -23.98
C VAL D 194 -5.50 10.64 -24.57
N THR D 195 -5.78 11.84 -25.10
CA THR D 195 -4.75 12.76 -25.66
C THR D 195 -3.87 13.30 -24.52
N LYS D 196 -4.47 13.64 -23.38
CA LYS D 196 -3.74 14.05 -22.14
C LYS D 196 -2.90 12.86 -21.63
N GLU D 197 -3.51 11.66 -21.56
CA GLU D 197 -2.86 10.42 -21.08
C GLU D 197 -1.65 10.10 -21.97
N ILE D 198 -1.81 10.19 -23.29
CA ILE D 198 -0.74 9.91 -24.30
C ILE D 198 0.41 10.89 -24.10
N ILE D 199 0.11 12.18 -23.98
CA ILE D 199 1.11 13.28 -23.80
C ILE D 199 1.89 13.04 -22.49
N SER D 200 1.21 12.56 -21.45
CA SER D 200 1.77 12.34 -20.09
C SER D 200 2.79 11.19 -20.12
N GLU D 201 2.43 10.05 -20.72
CA GLU D 201 3.25 8.80 -20.70
C GLU D 201 4.37 8.87 -21.75
N CYS D 202 4.52 10.01 -22.45
CA CYS D 202 5.58 10.23 -23.49
C CYS D 202 6.52 11.37 -23.10
N LYS D 203 6.18 12.15 -22.07
CA LYS D 203 6.87 13.41 -21.67
C LYS D 203 8.39 13.18 -21.58
N SER D 204 8.82 12.04 -21.02
CA SER D 204 10.24 11.70 -20.74
C SER D 204 10.87 10.99 -21.94
N LYS D 205 10.19 9.97 -22.46
CA LYS D 205 10.78 8.91 -23.34
C LYS D 205 11.09 9.44 -24.75
N GLY D 206 10.60 10.63 -25.14
CA GLY D 206 10.78 11.17 -26.50
C GLY D 206 10.51 12.66 -26.59
N ASN D 207 9.96 13.11 -27.73
CA ASN D 207 9.78 14.55 -28.08
C ASN D 207 8.55 14.71 -28.99
N ASN D 208 8.53 14.03 -30.13
CA ASN D 208 7.48 14.16 -31.19
C ASN D 208 6.55 12.93 -31.15
N ILE D 209 5.24 13.15 -30.94
CA ILE D 209 4.18 12.10 -30.91
C ILE D 209 3.35 12.20 -32.21
N LEU D 210 3.11 11.07 -32.88
CA LEU D 210 2.23 10.97 -34.07
C LEU D 210 0.98 10.16 -33.70
N ILE D 211 -0.21 10.70 -34.00
CA ILE D 211 -1.52 10.00 -33.83
C ILE D 211 -2.11 9.77 -35.22
N VAL D 212 -2.29 8.49 -35.60
CA VAL D 212 -2.89 8.07 -36.91
C VAL D 212 -4.30 7.55 -36.63
N ALA D 213 -5.32 8.37 -36.87
CA ALA D 213 -6.73 8.11 -36.51
C ALA D 213 -7.66 8.59 -37.63
N HIS D 214 -8.78 9.22 -37.28
CA HIS D 214 -9.91 9.55 -38.19
C HIS D 214 -10.00 11.07 -38.39
N ALA D 215 -10.85 11.50 -39.33
CA ALA D 215 -11.17 12.92 -39.61
C ALA D 215 -11.56 13.62 -38.31
N SER D 216 -12.45 13.02 -37.53
CA SER D 216 -12.99 13.57 -36.25
C SER D 216 -11.86 13.78 -35.24
N SER D 217 -10.83 12.92 -35.26
CA SER D 217 -9.73 12.86 -34.27
C SER D 217 -8.90 14.15 -34.29
N LEU D 218 -8.62 14.70 -35.47
CA LEU D 218 -7.77 15.91 -35.65
C LEU D 218 -8.29 17.05 -34.76
N GLU D 219 -9.62 17.25 -34.73
CA GLU D 219 -10.29 18.33 -33.96
C GLU D 219 -10.43 17.89 -32.50
N ALA D 220 -11.11 16.77 -32.25
CA ALA D 220 -11.50 16.24 -30.91
C ALA D 220 -10.28 16.12 -29.98
N CYS D 221 -9.12 15.73 -30.52
CA CYS D 221 -7.87 15.49 -29.74
C CYS D 221 -7.19 16.83 -29.40
N THR D 222 -7.18 17.79 -30.34
CA THR D 222 -6.37 19.04 -30.27
C THR D 222 -7.16 20.22 -29.71
N CYS D 223 -8.50 20.22 -29.83
CA CYS D 223 -9.39 21.36 -29.48
C CYS D 223 -9.14 21.84 -28.05
N GLN D 224 -9.42 20.98 -27.06
CA GLN D 224 -9.31 21.30 -25.61
C GLN D 224 -7.85 21.32 -25.17
N LEU D 225 -6.93 20.84 -26.01
CA LEU D 225 -5.46 20.82 -25.74
C LEU D 225 -4.90 22.25 -25.83
N GLN D 226 -5.65 23.16 -26.47
CA GLN D 226 -5.27 24.59 -26.66
C GLN D 226 -6.09 25.49 -25.72
N GLY D 227 -6.90 24.90 -24.83
CA GLY D 227 -7.71 25.61 -23.83
C GLY D 227 -9.06 26.06 -24.38
N LEU D 228 -9.33 25.80 -25.67
CA LEU D 228 -10.55 26.28 -26.37
C LEU D 228 -11.71 25.32 -26.05
N SER D 229 -12.93 25.86 -25.92
CA SER D 229 -14.18 25.09 -25.70
C SER D 229 -14.51 24.29 -26.95
N PRO D 230 -15.05 23.06 -26.83
CA PRO D 230 -15.44 22.28 -28.01
C PRO D 230 -16.61 22.93 -28.76
N GLN D 231 -16.58 22.86 -30.10
CA GLN D 231 -17.64 23.40 -31.00
C GLN D 231 -18.92 22.59 -30.81
N ASN D 232 -20.02 23.05 -31.41
CA ASN D 232 -21.35 22.36 -31.37
C ASN D 232 -21.30 21.11 -32.25
N SER D 233 -22.15 20.12 -31.96
CA SER D 233 -22.29 18.85 -32.71
C SER D 233 -22.33 19.14 -34.22
N LYS D 234 -23.32 19.93 -34.65
CA LYS D 234 -23.56 20.30 -36.08
C LYS D 234 -22.30 20.93 -36.69
N ASP D 235 -21.71 21.92 -36.00
CA ASP D 235 -20.53 22.69 -36.48
C ASP D 235 -19.32 21.75 -36.59
N PHE D 236 -19.15 20.83 -35.63
CA PHE D 236 -18.07 19.82 -35.60
C PHE D 236 -18.21 18.88 -36.81
N VAL D 237 -19.41 18.33 -37.01
CA VAL D 237 -19.73 17.38 -38.11
C VAL D 237 -19.47 18.05 -39.47
N GLN D 238 -19.65 19.38 -39.55
CA GLN D 238 -19.37 20.19 -40.76
C GLN D 238 -17.86 20.19 -41.06
N MET D 239 -17.05 20.65 -40.12
CA MET D 239 -15.57 20.79 -40.26
C MET D 239 -14.92 19.42 -40.51
N VAL D 240 -15.45 18.36 -39.88
CA VAL D 240 -14.96 16.96 -39.99
C VAL D 240 -14.91 16.53 -41.47
N ARG D 241 -15.93 16.88 -42.25
CA ARG D 241 -16.13 16.41 -43.66
C ARG D 241 -15.08 17.03 -44.59
N LYS D 242 -14.49 18.17 -44.21
CA LYS D 242 -13.58 18.97 -45.06
C LYS D 242 -12.12 18.48 -44.93
N ILE D 243 -11.85 17.45 -44.13
CA ILE D 243 -10.48 16.94 -43.83
C ILE D 243 -10.13 15.82 -44.81
N PRO D 244 -9.09 15.98 -45.65
CA PRO D 244 -8.74 14.99 -46.66
C PRO D 244 -8.05 13.75 -46.06
N TYR D 245 -7.88 12.70 -46.87
CA TYR D 245 -7.09 11.49 -46.54
C TYR D 245 -5.63 11.90 -46.27
N LEU D 246 -5.06 11.38 -45.18
CA LEU D 246 -3.74 11.74 -44.61
C LEU D 246 -3.71 13.23 -44.24
N GLY D 247 -4.88 13.84 -44.02
CA GLY D 247 -4.99 15.18 -43.41
C GLY D 247 -4.17 15.24 -42.15
N PHE D 248 -3.19 16.14 -42.08
CA PHE D 248 -2.07 16.13 -41.11
C PHE D 248 -1.95 17.51 -40.45
N CYS D 249 -2.22 17.60 -39.14
CA CYS D 249 -2.06 18.84 -38.33
C CYS D 249 -0.97 18.64 -37.26
N SER D 250 -0.39 19.74 -36.79
CA SER D 250 0.73 19.80 -35.81
C SER D 250 0.33 20.66 -34.60
N CYS D 251 0.85 20.32 -33.41
CA CYS D 251 0.65 21.07 -32.14
C CYS D 251 1.96 21.09 -31.34
N GLU D 252 2.49 22.29 -31.06
CA GLU D 252 3.65 22.52 -30.17
C GLU D 252 3.15 22.91 -28.78
N GLU D 253 3.82 22.43 -27.72
CA GLU D 253 3.56 22.83 -26.31
C GLU D 253 4.21 24.20 -26.07
N LEU D 254 3.42 25.17 -25.59
CA LEU D 254 3.91 26.53 -25.23
C LEU D 254 4.84 26.41 -24.01
N GLY D 255 6.06 25.92 -24.24
CA GLY D 255 7.07 25.63 -23.19
C GLY D 255 6.57 24.55 -22.23
N GLU D 256 6.37 24.91 -20.97
CA GLU D 256 5.82 24.04 -19.89
C GLU D 256 4.58 24.71 -19.28
N THR D 257 3.87 25.54 -20.07
CA THR D 257 2.64 26.25 -19.66
C THR D 257 1.48 25.25 -19.57
N GLY D 258 1.53 24.17 -20.35
CA GLY D 258 0.50 23.11 -20.40
C GLY D 258 -0.50 23.32 -21.53
N ILE D 259 -0.53 24.53 -22.11
CA ILE D 259 -1.41 24.92 -23.26
C ILE D 259 -0.60 24.78 -24.55
N TRP D 260 -1.11 23.97 -25.50
CA TRP D 260 -0.48 23.70 -26.82
C TRP D 260 -1.11 24.60 -27.88
N GLN D 261 -0.39 24.89 -28.97
CA GLN D 261 -0.84 25.80 -30.06
C GLN D 261 -0.61 25.13 -31.41
N LEU D 262 -1.54 25.29 -32.36
CA LEU D 262 -1.43 24.82 -33.77
C LEU D 262 -0.27 25.57 -34.45
N THR D 263 0.45 24.90 -35.34
CA THR D 263 1.58 25.47 -36.13
C THR D 263 1.52 24.94 -37.58
N ASP D 264 2.23 25.62 -38.49
CA ASP D 264 2.54 25.11 -39.85
C ASP D 264 3.17 23.73 -39.68
N PRO D 265 2.58 22.64 -40.26
CA PRO D 265 3.18 21.32 -40.18
C PRO D 265 4.59 21.28 -40.76
N PRO D 266 5.42 20.27 -40.41
CA PRO D 266 6.81 20.19 -40.88
C PRO D 266 6.93 19.65 -42.32
N ILE D 267 5.84 19.07 -42.85
CA ILE D 267 5.77 18.46 -44.21
C ILE D 267 4.74 19.23 -45.05
N LEU D 268 4.85 19.11 -46.37
CA LEU D 268 3.91 19.75 -47.34
C LEU D 268 2.58 19.00 -47.33
N PRO D 269 1.46 19.69 -47.69
CA PRO D 269 0.17 19.00 -47.81
C PRO D 269 0.19 18.04 -49.01
N LEU D 270 -0.70 17.05 -49.01
CA LEU D 270 -0.88 16.10 -50.14
C LEU D 270 -2.26 16.35 -50.77
N THR D 271 -2.28 16.61 -52.08
CA THR D 271 -3.52 16.84 -52.88
C THR D 271 -3.43 16.10 -54.21
N HIS D 272 -4.46 15.33 -54.56
CA HIS D 272 -4.63 14.66 -55.87
C HIS D 272 -6.13 14.51 -56.19
N GLY D 273 -6.47 14.45 -57.48
CA GLY D 273 -7.84 14.23 -57.96
C GLY D 273 -8.15 12.75 -58.07
N PRO D 274 -9.34 12.36 -58.59
CA PRO D 274 -9.67 10.96 -58.80
C PRO D 274 -9.05 10.42 -60.10
N THR D 275 -9.42 9.19 -60.46
CA THR D 275 -9.07 8.57 -61.77
C THR D 275 -9.93 9.26 -62.85
N GLY D 276 -11.20 9.53 -62.54
CA GLY D 276 -12.16 10.22 -63.42
C GLY D 276 -13.05 9.24 -64.16
N GLY D 277 -13.74 9.71 -65.21
CA GLY D 277 -14.67 8.92 -66.04
C GLY D 277 -16.02 8.74 -65.36
N LYS E 21 8.82 63.90 29.09
CA LYS E 21 9.69 62.69 28.97
C LYS E 21 9.85 62.33 27.48
N ARG E 22 10.61 63.14 26.74
CA ARG E 22 10.86 62.97 25.27
C ARG E 22 11.70 61.71 25.05
N CYS E 23 11.33 60.90 24.05
CA CYS E 23 11.99 59.59 23.73
C CYS E 23 12.51 59.58 22.29
N LEU E 24 13.59 58.84 22.05
CA LEU E 24 14.13 58.51 20.70
C LEU E 24 13.92 57.01 20.44
N PHE E 25 13.05 56.67 19.48
CA PHE E 25 12.81 55.29 19.00
C PHE E 25 13.60 55.06 17.70
N VAL E 26 14.46 54.04 17.67
CA VAL E 26 15.22 53.62 16.46
C VAL E 26 14.88 52.15 16.17
N CYS E 27 14.51 51.84 14.91
CA CYS E 27 14.11 50.48 14.48
C CYS E 27 14.58 50.20 13.04
N ARG E 28 14.79 48.92 12.74
CA ARG E 28 15.29 48.41 11.43
C ARG E 28 14.12 48.25 10.46
N HIS E 29 14.40 48.28 9.16
CA HIS E 29 13.44 48.00 8.06
C HIS E 29 12.95 46.54 8.15
N GLY E 30 11.92 46.20 7.37
CA GLY E 30 11.34 44.84 7.31
C GLY E 30 12.07 43.95 6.34
N GLU E 31 11.57 42.72 6.15
CA GLU E 31 12.13 41.67 5.25
C GLU E 31 12.40 42.26 3.86
N ARG E 32 13.55 41.93 3.27
CA ARG E 32 14.01 42.44 1.94
C ARG E 32 13.68 41.42 0.85
N MET E 33 13.40 41.90 -0.36
CA MET E 33 13.22 41.06 -1.59
C MET E 33 14.50 40.30 -1.90
N ASP E 34 15.67 40.96 -1.85
CA ASP E 34 16.97 40.41 -2.31
C ASP E 34 17.52 39.38 -1.31
N VAL E 35 17.06 39.38 -0.06
CA VAL E 35 17.42 38.33 0.95
C VAL E 35 16.64 37.05 0.62
N VAL E 36 15.31 37.14 0.55
CA VAL E 36 14.40 35.98 0.39
C VAL E 36 14.63 35.33 -0.99
N PHE E 37 14.70 36.15 -2.05
CA PHE E 37 14.71 35.68 -3.46
C PHE E 37 16.12 35.81 -4.07
N GLY E 38 17.13 36.13 -3.25
CA GLY E 38 18.56 36.01 -3.62
C GLY E 38 19.08 37.21 -4.39
N LYS E 39 20.34 37.16 -4.82
CA LYS E 39 21.06 38.27 -5.50
C LYS E 39 20.42 38.54 -6.87
N TYR E 40 20.05 37.49 -7.60
CA TYR E 40 19.44 37.55 -8.95
C TYR E 40 17.91 37.45 -8.83
N TRP E 41 17.31 38.22 -7.92
CA TRP E 41 15.85 38.24 -7.64
C TRP E 41 15.10 38.93 -8.78
N LEU E 42 15.66 39.99 -9.36
CA LEU E 42 15.04 40.76 -10.49
C LEU E 42 14.75 39.81 -11.66
N SER E 43 15.56 38.76 -11.83
CA SER E 43 15.38 37.71 -12.87
C SER E 43 14.07 36.95 -12.65
N GLN E 44 13.58 36.86 -11.40
CA GLN E 44 12.39 36.06 -11.01
C GLN E 44 11.09 36.87 -11.09
N CYS E 45 11.15 38.16 -11.46
CA CYS E 45 9.95 39.04 -11.45
C CYS E 45 10.07 40.24 -12.41
N PHE E 46 10.85 40.11 -13.49
CA PHE E 46 10.96 41.15 -14.55
C PHE E 46 11.30 40.45 -15.87
N ASP E 47 10.42 40.59 -16.86
CA ASP E 47 10.55 39.98 -18.22
C ASP E 47 11.43 40.89 -19.08
N ALA E 48 11.58 40.55 -20.36
CA ALA E 48 12.48 41.22 -21.34
C ALA E 48 11.99 42.65 -21.63
N LYS E 49 10.68 42.88 -21.67
CA LYS E 49 10.06 44.20 -21.96
C LYS E 49 10.03 45.05 -20.68
N GLY E 50 10.45 44.50 -19.54
CA GLY E 50 10.61 45.23 -18.27
C GLY E 50 9.32 45.28 -17.47
N ARG E 51 8.40 44.34 -17.72
CA ARG E 51 7.12 44.28 -16.97
C ARG E 51 7.29 43.41 -15.72
N TYR E 52 6.88 43.93 -14.59
CA TYR E 52 6.92 43.27 -13.25
C TYR E 52 5.88 42.16 -13.23
N ILE E 53 6.32 40.92 -13.01
CA ILE E 53 5.48 39.68 -13.01
C ILE E 53 5.88 38.84 -11.79
N ARG E 54 5.16 38.99 -10.68
CA ARG E 54 5.45 38.27 -9.41
C ARG E 54 5.34 36.76 -9.64
N THR E 55 6.25 35.99 -9.03
CA THR E 55 6.31 34.51 -9.12
C THR E 55 6.20 33.89 -7.71
N ASN E 56 5.86 34.70 -6.70
CA ASN E 56 5.69 34.26 -5.29
C ASN E 56 4.76 35.25 -4.59
N LEU E 57 3.99 34.77 -3.60
CA LEU E 57 2.96 35.57 -2.87
C LEU E 57 3.63 36.55 -1.90
N ASN E 58 4.93 36.40 -1.63
CA ASN E 58 5.70 37.33 -0.75
C ASN E 58 6.21 38.53 -1.56
N MET E 59 6.05 38.51 -2.88
CA MET E 59 6.34 39.67 -3.76
C MET E 59 5.14 40.61 -3.75
N PRO E 60 5.33 41.95 -3.72
CA PRO E 60 4.22 42.89 -3.83
C PRO E 60 3.40 42.73 -5.12
N HIS E 61 2.17 43.25 -5.13
CA HIS E 61 1.25 43.24 -6.30
C HIS E 61 1.80 44.19 -7.38
N SER E 62 2.53 45.23 -6.98
CA SER E 62 3.20 46.20 -7.89
C SER E 62 4.45 46.77 -7.20
N LEU E 63 5.43 47.19 -8.01
CA LEU E 63 6.64 47.94 -7.56
C LEU E 63 6.60 49.34 -8.17
N PRO E 64 7.03 50.38 -7.43
CA PRO E 64 7.11 51.73 -7.99
C PRO E 64 7.97 51.78 -9.26
N GLN E 65 7.58 52.63 -10.22
CA GLN E 65 8.34 52.88 -11.48
C GLN E 65 9.53 53.78 -11.15
N ARG E 66 10.73 53.41 -11.59
CA ARG E 66 12.01 54.12 -11.27
C ARG E 66 12.46 54.94 -12.48
N SER E 67 13.29 55.96 -12.22
CA SER E 67 13.80 56.96 -13.21
C SER E 67 14.63 56.26 -14.31
N GLY E 68 15.52 55.35 -13.92
CA GLY E 68 16.50 54.71 -14.84
C GLY E 68 16.14 53.27 -15.17
N GLY E 69 14.84 52.95 -15.28
CA GLY E 69 14.35 51.60 -15.59
C GLY E 69 14.30 50.72 -14.35
N PHE E 70 14.21 49.39 -14.53
CA PHE E 70 14.01 48.39 -13.45
C PHE E 70 15.36 47.94 -12.86
N ARG E 71 16.45 48.09 -13.63
CA ARG E 71 17.82 47.69 -13.21
C ARG E 71 18.28 48.55 -12.02
N ASP E 72 17.62 49.68 -11.76
CA ASP E 72 17.93 50.60 -10.64
C ASP E 72 17.56 49.94 -9.29
N TYR E 73 16.68 48.93 -9.31
CA TYR E 73 16.29 48.14 -8.10
C TYR E 73 17.48 47.28 -7.61
N GLU E 74 18.42 46.96 -8.50
CA GLU E 74 19.58 46.07 -8.24
C GLU E 74 20.22 46.37 -6.88
N LYS E 75 20.50 47.65 -6.58
CA LYS E 75 21.27 48.09 -5.39
C LYS E 75 20.35 48.71 -4.33
N ASP E 76 19.02 48.65 -4.52
CA ASP E 76 18.03 49.31 -3.63
C ASP E 76 16.71 48.53 -3.68
N ALA E 77 16.71 47.30 -3.13
CA ALA E 77 15.59 46.33 -3.21
C ALA E 77 14.44 46.79 -2.30
N PRO E 78 13.18 46.51 -2.69
CA PRO E 78 12.02 46.84 -1.85
C PRO E 78 11.79 45.76 -0.80
N ILE E 79 10.94 46.04 0.19
CA ILE E 79 10.53 45.05 1.24
C ILE E 79 9.49 44.10 0.61
N THR E 80 9.25 42.99 1.28
CA THR E 80 8.28 41.94 0.86
C THR E 80 6.89 42.30 1.39
N VAL E 81 5.88 41.53 0.98
CA VAL E 81 4.48 41.61 1.51
C VAL E 81 4.55 41.43 3.03
N PHE E 82 5.30 40.43 3.50
CA PHE E 82 5.51 40.12 4.94
C PHE E 82 6.34 41.24 5.58
N GLY E 83 7.29 41.81 4.84
CA GLY E 83 8.05 43.01 5.25
C GLY E 83 7.12 44.16 5.61
N CYS E 84 6.16 44.46 4.73
CA CYS E 84 5.11 45.49 4.94
C CYS E 84 4.30 45.15 6.20
N MET E 85 3.96 43.87 6.40
CA MET E 85 3.09 43.43 7.53
C MET E 85 3.86 43.54 8.86
N GLN E 86 5.15 43.23 8.88
CA GLN E 86 6.04 43.44 10.05
C GLN E 86 5.96 44.90 10.50
N ALA E 87 5.93 45.84 9.54
CA ALA E 87 5.89 47.31 9.77
C ALA E 87 4.51 47.71 10.31
N ARG E 88 3.45 47.33 9.62
CA ARG E 88 2.08 47.70 10.04
C ARG E 88 1.78 47.28 11.48
N LEU E 89 2.29 46.13 11.90
CA LEU E 89 2.03 45.54 13.25
C LEU E 89 2.80 46.32 14.32
N VAL E 90 3.97 46.87 13.98
CA VAL E 90 4.74 47.79 14.88
C VAL E 90 3.93 49.08 15.02
N GLY E 91 3.41 49.59 13.90
CA GLY E 91 2.49 50.75 13.86
C GLY E 91 1.28 50.54 14.76
N GLU E 92 0.61 49.39 14.62
CA GLU E 92 -0.61 49.03 15.38
C GLU E 92 -0.27 48.96 16.88
N ALA E 93 0.88 48.36 17.23
CA ALA E 93 1.35 48.21 18.62
C ALA E 93 1.56 49.59 19.26
N LEU E 94 2.17 50.54 18.53
CA LEU E 94 2.44 51.93 18.99
C LEU E 94 1.10 52.66 19.23
N LEU E 95 0.15 52.50 18.32
CA LEU E 95 -1.21 53.09 18.42
C LEU E 95 -1.96 52.48 19.61
N GLU E 96 -1.80 51.18 19.84
CA GLU E 96 -2.47 50.41 20.93
C GLU E 96 -1.87 50.78 22.29
N SER E 97 -0.58 51.16 22.31
CA SER E 97 0.18 51.55 23.54
C SER E 97 -0.09 53.02 23.91
N ASN E 98 -0.83 53.74 23.07
CA ASN E 98 -1.13 55.20 23.23
C ASN E 98 0.19 55.97 23.14
N THR E 99 1.13 55.51 22.31
CA THR E 99 2.45 56.15 22.05
C THR E 99 2.33 57.07 20.84
N ILE E 100 2.48 58.38 21.07
CA ILE E 100 2.39 59.43 20.01
C ILE E 100 3.78 59.64 19.42
N ILE E 101 3.92 59.41 18.11
CA ILE E 101 5.13 59.74 17.31
C ILE E 101 4.93 61.14 16.70
N ASP E 102 5.79 62.09 17.06
CA ASP E 102 5.68 63.52 16.67
C ASP E 102 6.41 63.75 15.34
N HIS E 103 7.57 63.12 15.15
CA HIS E 103 8.39 63.18 13.90
C HIS E 103 8.95 61.80 13.57
N VAL E 104 9.12 61.51 12.28
CA VAL E 104 9.69 60.23 11.77
C VAL E 104 10.66 60.54 10.62
N TYR E 105 11.95 60.23 10.82
CA TYR E 105 13.01 60.25 9.78
C TYR E 105 13.28 58.82 9.31
N CYS E 106 13.78 58.65 8.08
CA CYS E 106 14.19 57.35 7.52
C CYS E 106 15.39 57.49 6.57
N SER E 107 16.11 56.39 6.36
CA SER E 107 17.22 56.25 5.38
C SER E 107 16.67 56.38 3.96
N PRO E 108 17.49 56.79 2.97
CA PRO E 108 17.03 56.91 1.57
C PRO E 108 16.78 55.56 0.90
N SER E 109 17.25 54.46 1.51
CA SER E 109 16.97 53.06 1.09
C SER E 109 15.45 52.87 0.93
N LEU E 110 15.01 52.36 -0.22
CA LEU E 110 13.57 52.15 -0.53
C LEU E 110 12.94 51.27 0.55
N ARG E 111 13.67 50.25 1.02
CA ARG E 111 13.19 49.28 2.05
C ARG E 111 12.92 50.02 3.36
N CYS E 112 13.72 51.04 3.68
CA CYS E 112 13.59 51.89 4.90
C CYS E 112 12.40 52.84 4.74
N VAL E 113 12.27 53.47 3.57
CA VAL E 113 11.14 54.40 3.25
C VAL E 113 9.82 53.60 3.32
N GLN E 114 9.74 52.50 2.57
CA GLN E 114 8.56 51.59 2.53
C GLN E 114 8.19 51.11 3.94
N THR E 115 9.18 50.83 4.79
CA THR E 115 8.96 50.39 6.20
C THR E 115 8.31 51.51 7.00
N ALA E 116 8.89 52.72 6.93
CA ALA E 116 8.42 53.93 7.63
C ALA E 116 6.97 54.23 7.25
N HIS E 117 6.64 54.15 5.96
CA HIS E 117 5.26 54.32 5.42
C HIS E 117 4.30 53.36 6.12
N ASN E 118 4.63 52.06 6.10
CA ASN E 118 3.76 50.95 6.60
C ASN E 118 3.58 51.07 8.12
N ILE E 119 4.57 51.60 8.85
CA ILE E 119 4.42 51.90 10.30
C ILE E 119 3.33 52.97 10.46
N LEU E 120 3.41 54.06 9.67
CA LEU E 120 2.42 55.17 9.68
C LEU E 120 1.01 54.61 9.40
N LYS E 121 0.90 53.63 8.49
CA LYS E 121 -0.38 52.95 8.14
C LYS E 121 -0.95 52.24 9.37
N GLY E 122 -0.13 51.42 10.03
CA GLY E 122 -0.50 50.73 11.29
C GLY E 122 -0.77 51.74 12.39
N LEU E 123 -0.06 52.86 12.38
CA LEU E 123 -0.15 53.97 13.37
C LEU E 123 -1.37 54.85 13.07
N GLN E 124 -1.95 54.71 11.88
CA GLN E 124 -3.09 55.54 11.36
C GLN E 124 -2.67 57.01 11.36
N GLN E 125 -1.49 57.29 10.80
CA GLN E 125 -0.88 58.65 10.70
C GLN E 125 -0.16 58.79 9.35
N GLU E 126 -0.74 58.22 8.28
CA GLU E 126 -0.18 58.30 6.90
C GLU E 126 -0.31 59.74 6.39
N ASN E 127 -1.36 60.46 6.82
CA ASN E 127 -1.79 61.76 6.25
C ASN E 127 -1.61 62.90 7.26
N HIS E 128 -0.96 62.64 8.41
CA HIS E 128 -0.52 63.67 9.39
C HIS E 128 1.01 63.77 9.34
N LEU E 129 1.70 62.69 9.67
CA LEU E 129 3.19 62.61 9.71
C LEU E 129 3.75 62.53 8.28
N LYS E 130 4.77 63.33 7.99
CA LYS E 130 5.51 63.35 6.70
C LYS E 130 6.93 62.82 6.93
N ILE E 131 7.31 61.73 6.26
CA ILE E 131 8.61 61.02 6.43
C ILE E 131 9.73 61.89 5.85
N ARG E 132 10.77 62.16 6.65
CA ARG E 132 11.92 63.04 6.31
C ARG E 132 13.10 62.16 5.86
N VAL E 133 13.35 62.10 4.56
CA VAL E 133 14.43 61.27 3.94
C VAL E 133 15.78 61.91 4.26
N GLU E 134 16.53 61.30 5.18
CA GLU E 134 17.85 61.78 5.68
C GLU E 134 18.94 60.81 5.21
N PRO E 135 19.68 61.13 4.12
CA PRO E 135 20.75 60.28 3.62
C PRO E 135 21.80 59.87 4.67
N GLY E 136 22.05 60.73 5.66
CA GLY E 136 23.00 60.50 6.76
C GLY E 136 22.62 59.33 7.65
N LEU E 137 21.40 58.80 7.50
CA LEU E 137 20.90 57.63 8.28
C LEU E 137 21.14 56.31 7.51
N PHE E 138 21.63 56.37 6.27
CA PHE E 138 22.01 55.17 5.47
C PHE E 138 23.07 54.39 6.23
N GLU E 139 23.10 53.06 6.05
CA GLU E 139 24.03 52.15 6.78
C GLU E 139 25.47 52.39 6.31
N TRP E 140 26.43 51.92 7.11
CA TRP E 140 27.90 51.91 6.83
C TRP E 140 28.14 51.64 5.34
N THR E 141 28.62 52.65 4.60
CA THR E 141 28.71 52.67 3.11
C THR E 141 29.72 51.62 2.61
N LYS E 142 30.56 51.11 3.52
CA LYS E 142 31.48 49.96 3.30
C LYS E 142 30.69 48.77 2.69
N TRP E 143 29.45 48.56 3.14
CA TRP E 143 28.60 47.41 2.73
C TRP E 143 28.10 47.56 1.29
N VAL E 144 28.14 48.77 0.72
CA VAL E 144 27.76 49.04 -0.71
C VAL E 144 28.74 48.26 -1.61
N ALA E 145 28.23 47.65 -2.68
CA ALA E 145 29.01 46.95 -3.72
C ALA E 145 29.34 47.94 -4.85
N GLY E 146 30.47 47.72 -5.54
CA GLY E 146 30.93 48.54 -6.67
C GLY E 146 31.57 49.84 -6.20
N SER E 147 31.65 50.83 -7.09
CA SER E 147 32.26 52.16 -6.86
C SER E 147 31.18 53.22 -6.57
N THR E 148 29.99 53.06 -7.15
CA THR E 148 28.87 54.05 -7.13
C THR E 148 27.87 53.68 -6.02
N LEU E 149 27.19 54.69 -5.47
CA LEU E 149 26.12 54.53 -4.44
C LEU E 149 24.84 54.04 -5.11
N PRO E 150 23.87 53.48 -4.34
CA PRO E 150 22.56 53.10 -4.88
C PRO E 150 21.77 54.30 -5.44
N ALA E 151 21.07 54.11 -6.56
CA ALA E 151 20.25 55.13 -7.24
C ALA E 151 18.97 55.39 -6.43
N TRP E 152 19.11 56.04 -5.27
CA TRP E 152 18.00 56.31 -4.32
C TRP E 152 16.95 57.23 -4.97
N ILE E 153 15.69 56.79 -4.98
CA ILE E 153 14.53 57.54 -5.55
C ILE E 153 14.38 58.84 -4.75
N PRO E 154 14.26 60.02 -5.42
CA PRO E 154 14.15 61.29 -4.70
C PRO E 154 12.81 61.43 -3.98
N PRO E 155 12.77 62.09 -2.80
CA PRO E 155 11.53 62.30 -2.06
C PRO E 155 10.32 62.69 -2.93
N SER E 156 10.55 63.52 -3.95
CA SER E 156 9.56 63.95 -4.98
C SER E 156 8.94 62.71 -5.65
N GLU E 157 9.78 61.77 -6.10
CA GLU E 157 9.35 60.54 -6.83
C GLU E 157 8.75 59.53 -5.85
N LEU E 158 9.24 59.48 -4.61
CA LEU E 158 8.70 58.60 -3.53
C LEU E 158 7.26 59.05 -3.20
N ALA E 159 7.06 60.37 -3.02
CA ALA E 159 5.75 60.99 -2.71
C ALA E 159 4.74 60.70 -3.81
N ALA E 160 5.19 60.71 -5.07
CA ALA E 160 4.38 60.41 -6.28
C ALA E 160 4.09 58.91 -6.38
N ALA E 161 4.78 58.07 -5.59
CA ALA E 161 4.65 56.60 -5.58
C ALA E 161 3.71 56.14 -4.45
N ASN E 162 3.02 57.08 -3.79
CA ASN E 162 1.98 56.82 -2.75
C ASN E 162 2.58 56.88 -1.35
N LEU E 163 3.91 56.91 -1.23
CA LEU E 163 4.64 56.91 0.07
C LEU E 163 4.52 58.30 0.71
N SER E 164 4.47 58.36 2.05
CA SER E 164 4.12 59.57 2.84
C SER E 164 5.40 60.34 3.21
N VAL E 165 6.01 60.98 2.22
CA VAL E 165 7.37 61.60 2.33
C VAL E 165 7.24 63.13 2.38
N ASP E 166 7.98 63.77 3.30
CA ASP E 166 8.08 65.25 3.45
C ASP E 166 9.06 65.79 2.40
N THR E 167 8.56 66.55 1.42
CA THR E 167 9.36 67.14 0.29
C THR E 167 9.86 68.54 0.67
N THR E 168 9.40 69.10 1.80
CA THR E 168 9.90 70.35 2.42
C THR E 168 11.29 70.12 3.02
N TYR E 169 11.61 68.88 3.37
CA TYR E 169 12.79 68.48 4.17
C TYR E 169 14.09 68.83 3.44
N ARG E 170 14.92 69.66 4.06
CA ARG E 170 16.35 69.88 3.70
C ARG E 170 17.18 68.89 4.52
N PRO E 171 17.83 67.88 3.88
CA PRO E 171 18.56 66.86 4.63
C PRO E 171 19.85 67.42 5.29
N HIS E 172 20.05 67.09 6.57
CA HIS E 172 21.26 67.46 7.37
C HIS E 172 22.52 67.15 6.56
N ILE E 173 22.68 65.89 6.15
CA ILE E 173 23.77 65.43 5.23
C ILE E 173 23.13 65.10 3.88
N PRO E 174 23.37 65.90 2.82
CA PRO E 174 22.85 65.60 1.48
C PRO E 174 23.50 64.36 0.85
N ILE E 175 23.04 63.99 -0.36
CA ILE E 175 23.58 62.85 -1.15
C ILE E 175 25.08 63.09 -1.43
N SER E 176 25.41 64.30 -1.92
CA SER E 176 26.74 64.67 -2.47
C SER E 176 27.84 64.49 -1.43
N LYS E 177 27.54 64.70 -0.14
CA LYS E 177 28.53 64.69 0.97
C LYS E 177 28.67 63.28 1.58
N LEU E 178 28.21 62.23 0.89
CA LEU E 178 28.29 60.82 1.35
C LEU E 178 29.55 60.16 0.75
N VAL E 179 30.42 59.62 1.61
CA VAL E 179 31.72 59.00 1.22
C VAL E 179 31.50 57.51 0.95
N VAL E 180 31.76 57.06 -0.29
CA VAL E 180 31.66 55.64 -0.73
C VAL E 180 32.74 54.83 -0.01
N SER E 181 32.44 53.58 0.34
CA SER E 181 33.32 52.64 1.09
C SER E 181 34.05 53.39 2.21
N GLU E 182 33.30 54.07 3.09
CA GLU E 182 33.82 54.91 4.19
C GLU E 182 34.47 54.04 5.27
N SER E 183 35.17 54.65 6.21
CA SER E 183 35.85 53.99 7.37
C SER E 183 34.85 53.81 8.51
N TYR E 184 35.07 52.80 9.35
CA TYR E 184 34.24 52.47 10.55
C TYR E 184 34.00 53.74 11.38
N ASP E 185 35.07 54.50 11.65
CA ASP E 185 35.04 55.75 12.45
C ASP E 185 34.16 56.80 11.78
N THR E 186 34.22 56.92 10.44
CA THR E 186 33.45 57.91 9.64
C THR E 186 31.95 57.63 9.80
N TYR E 187 31.55 56.36 9.87
CA TYR E 187 30.13 55.92 10.04
C TYR E 187 29.64 56.26 11.45
N ILE E 188 30.34 55.77 12.47
CA ILE E 188 29.99 55.97 13.91
C ILE E 188 29.94 57.48 14.18
N SER E 189 30.78 58.26 13.48
CA SER E 189 30.84 59.75 13.54
C SER E 189 29.54 60.37 13.01
N ARG E 190 29.29 60.26 11.69
CA ARG E 190 28.15 60.92 10.99
C ARG E 190 26.82 60.39 11.53
N SER E 191 26.74 59.11 11.93
CA SER E 191 25.57 58.50 12.60
C SER E 191 25.23 59.28 13.87
N PHE E 192 26.21 59.44 14.77
CA PHE E 192 26.10 60.13 16.09
C PHE E 192 25.99 61.65 15.89
N GLN E 193 26.41 62.16 14.72
CA GLN E 193 26.31 63.60 14.34
C GLN E 193 24.89 63.91 13.88
N VAL E 194 24.36 63.14 12.92
CA VAL E 194 23.01 63.32 12.30
C VAL E 194 21.93 63.21 13.40
N THR E 195 22.07 62.23 14.30
CA THR E 195 21.15 61.99 15.45
C THR E 195 21.09 63.26 16.31
N LYS E 196 22.23 63.89 16.58
CA LYS E 196 22.36 65.14 17.37
C LYS E 196 21.59 66.27 16.67
N GLU E 197 21.76 66.40 15.36
CA GLU E 197 21.07 67.42 14.52
C GLU E 197 19.56 67.16 14.52
N ILE E 198 19.16 65.88 14.43
CA ILE E 198 17.74 65.43 14.40
C ILE E 198 17.08 65.76 15.75
N ILE E 199 17.69 65.32 16.86
CA ILE E 199 17.18 65.56 18.25
C ILE E 199 16.99 67.06 18.47
N SER E 200 17.93 67.88 18.00
CA SER E 200 18.03 69.34 18.27
C SER E 200 16.91 70.11 17.53
N GLU E 201 16.67 69.80 16.25
CA GLU E 201 15.69 70.53 15.40
C GLU E 201 14.25 70.12 15.74
N CYS E 202 14.08 69.18 16.69
CA CYS E 202 12.78 68.77 17.28
C CYS E 202 12.79 69.03 18.79
N LYS E 203 13.54 70.04 19.25
CA LYS E 203 13.74 70.36 20.69
C LYS E 203 12.46 70.98 21.27
N SER E 204 11.67 71.66 20.44
CA SER E 204 10.41 72.35 20.82
C SER E 204 9.20 71.72 20.10
N LYS E 205 9.33 71.48 18.77
CA LYS E 205 8.24 71.06 17.86
C LYS E 205 7.41 69.91 18.46
N GLY E 206 8.07 68.91 19.07
CA GLY E 206 7.41 67.74 19.66
C GLY E 206 8.32 66.95 20.58
N ASN E 207 7.83 65.85 21.14
CA ASN E 207 8.58 64.94 22.05
C ASN E 207 9.16 63.76 21.26
N ASN E 208 8.38 62.67 21.11
CA ASN E 208 8.86 61.35 20.63
C ASN E 208 9.29 61.42 19.16
N ILE E 209 10.49 60.94 18.85
CA ILE E 209 11.03 60.77 17.47
C ILE E 209 11.15 59.28 17.16
N LEU E 210 10.86 58.90 15.91
CA LEU E 210 11.06 57.53 15.36
C LEU E 210 12.06 57.61 14.20
N ILE E 211 13.18 56.91 14.32
CA ILE E 211 14.16 56.69 13.21
C ILE E 211 13.92 55.29 12.64
N VAL E 212 13.80 55.20 11.31
CA VAL E 212 13.50 53.96 10.55
C VAL E 212 14.63 53.76 9.53
N ALA E 213 15.65 52.97 9.91
CA ALA E 213 16.90 52.80 9.15
C ALA E 213 17.31 51.33 9.13
N HIS E 214 18.51 50.99 9.61
CA HIS E 214 19.17 49.66 9.44
C HIS E 214 19.56 49.11 10.82
N ALA E 215 20.04 47.87 10.87
CA ALA E 215 20.50 47.18 12.10
C ALA E 215 21.66 47.95 12.73
N SER E 216 22.67 48.29 11.94
CA SER E 216 23.85 49.11 12.33
C SER E 216 23.37 50.39 13.05
N SER E 217 22.34 51.05 12.51
CA SER E 217 21.80 52.36 13.00
C SER E 217 21.32 52.25 14.45
N LEU E 218 20.96 51.05 14.93
CA LEU E 218 20.44 50.82 16.30
C LEU E 218 21.52 51.18 17.35
N GLU E 219 22.77 50.74 17.14
CA GLU E 219 23.91 50.99 18.07
C GLU E 219 24.61 52.32 17.69
N ALA E 220 24.86 52.53 16.40
CA ALA E 220 25.61 53.69 15.85
C ALA E 220 24.99 55.01 16.31
N CYS E 221 23.65 55.08 16.38
CA CYS E 221 22.89 56.34 16.67
C CYS E 221 22.58 56.49 18.16
N THR E 222 22.85 55.46 18.98
CA THR E 222 22.56 55.47 20.45
C THR E 222 23.83 55.16 21.25
N CYS E 223 25.01 55.16 20.61
CA CYS E 223 26.32 54.91 21.25
C CYS E 223 26.78 56.17 22.00
N GLN E 224 27.02 57.25 21.25
CA GLN E 224 27.58 58.54 21.76
C GLN E 224 26.47 59.37 22.42
N LEU E 225 25.19 59.04 22.17
CA LEU E 225 24.01 59.71 22.77
C LEU E 225 23.91 59.34 24.25
N GLN E 226 24.38 58.14 24.62
CA GLN E 226 24.53 57.69 26.03
C GLN E 226 25.88 58.16 26.58
N GLY E 227 26.83 58.47 25.68
CA GLY E 227 28.14 59.04 26.02
C GLY E 227 29.26 58.00 25.98
N LEU E 228 28.90 56.71 26.06
CA LEU E 228 29.86 55.57 26.10
C LEU E 228 30.76 55.59 24.85
N SER E 229 32.05 55.30 25.03
CA SER E 229 33.05 55.10 23.95
C SER E 229 32.56 54.00 23.03
N PRO E 230 32.67 54.16 21.68
CA PRO E 230 32.02 53.23 20.75
C PRO E 230 32.66 51.83 20.76
N GLN E 231 31.94 50.84 20.23
CA GLN E 231 32.42 49.44 20.09
C GLN E 231 33.49 49.38 18.99
N ASN E 232 34.27 48.30 18.95
CA ASN E 232 35.28 48.04 17.87
C ASN E 232 34.56 47.47 16.64
N SER E 233 35.16 47.61 15.46
CA SER E 233 34.65 47.12 14.16
C SER E 233 34.15 45.68 14.31
N LYS E 234 34.96 44.80 14.91
CA LYS E 234 34.69 43.35 15.05
C LYS E 234 33.57 43.12 16.08
N ASP E 235 33.54 43.91 17.15
CA ASP E 235 32.57 43.77 18.28
C ASP E 235 31.22 44.39 17.88
N PHE E 236 31.24 45.43 17.03
CA PHE E 236 30.03 46.15 16.53
C PHE E 236 29.23 45.24 15.58
N VAL E 237 29.90 44.71 14.54
CA VAL E 237 29.29 43.90 13.45
C VAL E 237 28.71 42.60 14.04
N GLN E 238 29.27 42.11 15.15
CA GLN E 238 28.78 40.91 15.90
C GLN E 238 27.37 41.18 16.43
N MET E 239 27.15 42.34 17.06
CA MET E 239 25.85 42.75 17.67
C MET E 239 24.87 43.17 16.58
N VAL E 240 25.36 43.81 15.51
CA VAL E 240 24.55 44.35 14.37
C VAL E 240 23.73 43.22 13.75
N ARG E 241 24.35 42.07 13.48
CA ARG E 241 23.76 40.94 12.71
C ARG E 241 22.70 40.22 13.56
N LYS E 242 22.61 40.51 14.86
CA LYS E 242 21.66 39.87 15.81
C LYS E 242 20.41 40.74 16.00
N ILE E 243 20.20 41.76 15.15
CA ILE E 243 19.01 42.66 15.18
C ILE E 243 17.96 42.13 14.21
N PRO E 244 16.76 41.72 14.70
CA PRO E 244 15.72 41.19 13.83
C PRO E 244 15.08 42.30 12.98
N TYR E 245 14.50 41.92 11.83
CA TYR E 245 13.62 42.78 11.00
C TYR E 245 12.64 43.50 11.94
N LEU E 246 12.48 44.81 11.76
CA LEU E 246 11.70 45.73 12.65
C LEU E 246 12.20 45.62 14.10
N GLY E 247 13.49 45.37 14.30
CA GLY E 247 14.17 45.45 15.61
C GLY E 247 14.10 46.87 16.15
N PHE E 248 13.57 47.04 17.36
CA PHE E 248 13.03 48.32 17.89
C PHE E 248 13.65 48.62 19.26
N CYS E 249 14.57 49.60 19.33
CA CYS E 249 15.20 50.09 20.58
C CYS E 249 14.65 51.48 20.93
N SER E 250 14.67 51.83 22.23
CA SER E 250 14.06 53.05 22.81
C SER E 250 15.08 53.80 23.69
N CYS E 251 15.18 55.12 23.50
CA CYS E 251 16.00 56.06 24.31
C CYS E 251 15.07 57.06 25.02
N GLU E 252 15.38 57.40 26.28
CA GLU E 252 14.64 58.40 27.10
C GLU E 252 15.64 59.45 27.63
N GLU E 253 15.29 60.73 27.53
CA GLU E 253 16.14 61.88 27.99
C GLU E 253 16.10 61.94 29.51
N LEU E 254 17.24 61.71 30.16
CA LEU E 254 17.39 61.72 31.65
C LEU E 254 17.49 63.16 32.14
N GLY E 255 16.34 63.85 32.19
CA GLY E 255 16.21 65.25 32.62
C GLY E 255 16.49 66.23 31.49
N GLU E 256 17.51 67.09 31.66
CA GLU E 256 18.01 68.04 30.63
C GLU E 256 19.54 67.94 30.55
N THR E 257 20.07 66.72 30.75
CA THR E 257 21.53 66.42 30.76
C THR E 257 22.09 66.54 29.34
N GLY E 258 21.34 66.08 28.33
CA GLY E 258 21.80 65.93 26.94
C GLY E 258 22.34 64.54 26.67
N ILE E 259 22.39 63.69 27.73
CA ILE E 259 22.84 62.28 27.68
C ILE E 259 21.61 61.39 27.94
N TRP E 260 21.21 60.60 26.94
CA TRP E 260 19.99 59.76 26.94
C TRP E 260 20.34 58.35 27.43
N GLN E 261 19.33 57.57 27.84
CA GLN E 261 19.48 56.18 28.37
C GLN E 261 18.45 55.26 27.72
N LEU E 262 18.86 54.04 27.33
CA LEU E 262 17.98 53.02 26.73
C LEU E 262 17.03 52.48 27.81
N THR E 263 15.73 52.33 27.47
CA THR E 263 14.66 51.82 28.36
C THR E 263 13.85 50.74 27.63
N ASP E 264 13.10 49.94 28.41
CA ASP E 264 12.10 48.96 27.89
C ASP E 264 11.20 49.68 26.89
N PRO E 265 11.20 49.28 25.59
CA PRO E 265 10.38 49.96 24.58
C PRO E 265 8.88 49.90 24.89
N PRO E 266 8.07 50.81 24.30
CA PRO E 266 6.66 50.92 24.66
C PRO E 266 5.78 49.78 24.10
N ILE E 267 6.30 49.02 23.14
CA ILE E 267 5.55 47.95 22.40
C ILE E 267 6.25 46.60 22.63
N LEU E 268 5.50 45.50 22.49
CA LEU E 268 6.00 44.10 22.58
C LEU E 268 6.89 43.82 21.38
N PRO E 269 7.85 42.86 21.50
CA PRO E 269 8.67 42.46 20.36
C PRO E 269 7.88 41.61 19.35
N LEU E 270 8.44 41.43 18.15
CA LEU E 270 7.85 40.60 17.06
C LEU E 270 8.81 39.46 16.71
N THR E 271 8.34 38.21 16.82
CA THR E 271 9.10 36.99 16.44
C THR E 271 8.20 36.08 15.59
N HIS E 272 8.67 35.70 14.40
CA HIS E 272 8.01 34.72 13.49
C HIS E 272 9.08 33.93 12.74
N GLY E 273 8.85 32.62 12.55
CA GLY E 273 9.76 31.71 11.84
C GLY E 273 9.63 31.87 10.33
N PRO E 274 10.33 31.04 9.53
CA PRO E 274 10.20 31.09 8.08
C PRO E 274 9.05 30.23 7.55
N THR E 275 8.88 30.21 6.23
CA THR E 275 7.85 29.40 5.52
C THR E 275 8.20 27.91 5.69
N GLY E 276 9.50 27.57 5.64
CA GLY E 276 10.03 26.21 5.85
C GLY E 276 10.31 25.50 4.52
N GLY E 277 10.68 24.22 4.60
CA GLY E 277 10.98 23.35 3.44
C GLY E 277 12.43 23.44 3.02
N LYS F 21 3.75 -63.99 -12.10
CA LYS F 21 4.24 -63.28 -10.88
C LYS F 21 3.42 -63.70 -9.65
N ARG F 22 2.09 -63.49 -9.71
CA ARG F 22 1.12 -63.76 -8.61
C ARG F 22 1.37 -62.77 -7.47
N CYS F 23 0.48 -61.78 -7.30
CA CYS F 23 0.66 -60.60 -6.42
C CYS F 23 -0.25 -60.66 -5.19
N LEU F 24 0.19 -60.06 -4.08
CA LEU F 24 -0.62 -59.72 -2.88
C LEU F 24 -0.62 -58.20 -2.71
N PHE F 25 -1.80 -57.56 -2.77
CA PHE F 25 -1.99 -56.11 -2.55
C PHE F 25 -2.64 -55.87 -1.18
N VAL F 26 -1.91 -55.19 -0.28
CA VAL F 26 -2.38 -54.78 1.08
C VAL F 26 -2.46 -53.25 1.11
N CYS F 27 -3.63 -52.69 1.44
CA CYS F 27 -3.89 -51.22 1.44
C CYS F 27 -4.75 -50.82 2.65
N ARG F 28 -4.45 -49.64 3.22
CA ARG F 28 -5.19 -49.04 4.37
C ARG F 28 -6.55 -48.54 3.87
N HIS F 29 -7.52 -48.43 4.79
CA HIS F 29 -8.88 -47.90 4.56
C HIS F 29 -8.84 -46.40 4.20
N GLY F 30 -9.99 -45.82 3.89
CA GLY F 30 -10.16 -44.39 3.55
C GLY F 30 -10.33 -43.52 4.78
N GLU F 31 -10.43 -42.20 4.56
CA GLU F 31 -10.55 -41.15 5.61
C GLU F 31 -11.67 -41.51 6.60
N ARG F 32 -11.40 -41.44 7.89
CA ARG F 32 -12.35 -41.82 8.98
C ARG F 32 -13.19 -40.60 9.39
N MET F 33 -14.49 -40.82 9.61
CA MET F 33 -15.45 -39.81 10.14
C MET F 33 -14.95 -39.28 11.49
N ASP F 34 -14.40 -40.17 12.33
CA ASP F 34 -14.07 -39.87 13.76
C ASP F 34 -12.70 -39.17 13.86
N VAL F 35 -11.91 -39.11 12.77
CA VAL F 35 -10.64 -38.33 12.69
C VAL F 35 -10.99 -36.88 12.34
N VAL F 36 -11.73 -36.67 11.25
CA VAL F 36 -12.09 -35.33 10.71
C VAL F 36 -12.90 -34.56 11.76
N PHE F 37 -13.94 -35.20 12.32
CA PHE F 37 -14.99 -34.55 13.15
C PHE F 37 -14.77 -34.83 14.64
N GLY F 38 -13.66 -35.49 15.00
CA GLY F 38 -13.21 -35.66 16.40
C GLY F 38 -13.84 -36.87 17.08
N LYS F 39 -13.55 -37.06 18.36
CA LYS F 39 -14.02 -38.22 19.19
C LYS F 39 -15.51 -38.04 19.51
N TYR F 40 -15.99 -36.79 19.57
CA TYR F 40 -17.40 -36.43 19.86
C TYR F 40 -18.16 -36.18 18.55
N TRP F 41 -18.01 -37.08 17.56
CA TRP F 41 -18.56 -36.93 16.19
C TRP F 41 -20.03 -37.36 16.15
N LEU F 42 -20.44 -38.30 17.01
CA LEU F 42 -21.86 -38.71 17.18
C LEU F 42 -22.67 -37.53 17.73
N SER F 43 -22.05 -36.69 18.56
CA SER F 43 -22.66 -35.47 19.14
C SER F 43 -23.07 -34.48 18.03
N GLN F 44 -22.37 -34.52 16.89
CA GLN F 44 -22.49 -33.51 15.79
C GLN F 44 -23.51 -33.95 14.73
N CYS F 45 -23.83 -35.25 14.61
CA CYS F 45 -24.68 -35.78 13.50
C CYS F 45 -25.76 -36.75 14.00
N PHE F 46 -26.10 -36.72 15.29
CA PHE F 46 -27.25 -37.47 15.88
C PHE F 46 -27.90 -36.62 16.97
N ASP F 47 -29.24 -36.50 16.92
CA ASP F 47 -30.06 -35.70 17.88
C ASP F 47 -30.60 -36.61 18.98
N ALA F 48 -31.36 -36.06 19.92
CA ALA F 48 -31.94 -36.73 21.10
C ALA F 48 -32.46 -38.13 20.72
N LYS F 49 -33.31 -38.20 19.69
CA LYS F 49 -34.14 -39.38 19.34
C LYS F 49 -33.35 -40.37 18.47
N GLY F 50 -32.11 -40.06 18.12
CA GLY F 50 -31.23 -40.93 17.31
C GLY F 50 -31.47 -40.77 15.81
N ARG F 51 -31.91 -39.58 15.39
CA ARG F 51 -32.09 -39.23 13.95
C ARG F 51 -30.77 -38.67 13.40
N TYR F 52 -30.22 -39.30 12.37
CA TYR F 52 -29.00 -38.83 11.66
C TYR F 52 -29.32 -37.52 10.94
N ILE F 53 -28.63 -36.43 11.33
CA ILE F 53 -28.74 -35.08 10.71
C ILE F 53 -27.32 -34.57 10.41
N ARG F 54 -26.85 -34.72 9.17
CA ARG F 54 -25.49 -34.31 8.74
C ARG F 54 -25.34 -32.79 8.91
N THR F 55 -24.13 -32.34 9.25
CA THR F 55 -23.80 -30.91 9.53
C THR F 55 -22.67 -30.44 8.63
N ASN F 56 -22.25 -31.29 7.68
CA ASN F 56 -21.06 -31.06 6.81
C ASN F 56 -21.22 -31.93 5.56
N LEU F 57 -20.79 -31.44 4.39
CA LEU F 57 -20.93 -32.14 3.08
C LEU F 57 -20.00 -33.36 3.03
N ASN F 58 -19.01 -33.45 3.93
CA ASN F 58 -18.05 -34.59 4.00
C ASN F 58 -18.70 -35.76 4.76
N MET F 59 -19.76 -35.51 5.53
CA MET F 59 -20.60 -36.56 6.16
C MET F 59 -21.52 -37.14 5.09
N PRO F 60 -21.71 -38.49 5.03
CA PRO F 60 -22.56 -39.10 4.02
C PRO F 60 -24.02 -38.66 4.11
N HIS F 61 -24.79 -38.88 3.04
CA HIS F 61 -26.24 -38.54 2.92
C HIS F 61 -27.03 -39.25 4.03
N SER F 62 -26.72 -40.52 4.28
CA SER F 62 -27.30 -41.33 5.39
C SER F 62 -26.30 -42.40 5.82
N LEU F 63 -26.52 -42.98 7.01
CA LEU F 63 -25.72 -44.09 7.58
C LEU F 63 -26.60 -45.31 7.75
N PRO F 64 -26.10 -46.54 7.46
CA PRO F 64 -26.86 -47.76 7.69
C PRO F 64 -27.36 -47.87 9.15
N GLN F 65 -28.62 -48.29 9.33
CA GLN F 65 -29.21 -48.62 10.64
C GLN F 65 -28.44 -49.82 11.23
N ARG F 66 -27.87 -49.65 12.42
CA ARG F 66 -27.00 -50.66 13.09
C ARG F 66 -27.83 -51.52 14.04
N SER F 67 -27.45 -52.80 14.18
CA SER F 67 -28.13 -53.83 15.02
C SER F 67 -28.44 -53.27 16.41
N GLY F 68 -27.43 -52.80 17.13
CA GLY F 68 -27.55 -52.36 18.54
C GLY F 68 -27.71 -50.85 18.68
N GLY F 69 -28.22 -50.17 17.64
CA GLY F 69 -28.50 -48.72 17.65
C GLY F 69 -27.34 -47.91 17.13
N PHE F 70 -27.40 -46.58 17.27
CA PHE F 70 -26.43 -45.62 16.67
C PHE F 70 -25.12 -45.61 17.47
N ARG F 71 -25.18 -45.92 18.78
CA ARG F 71 -24.02 -45.85 19.71
C ARG F 71 -22.96 -46.90 19.33
N ASP F 72 -23.29 -47.89 18.48
CA ASP F 72 -22.36 -48.93 17.98
C ASP F 72 -21.30 -48.33 17.05
N TYR F 73 -21.59 -47.16 16.45
CA TYR F 73 -20.65 -46.41 15.58
C TYR F 73 -19.48 -45.85 16.40
N GLU F 74 -19.75 -45.49 17.67
CA GLU F 74 -18.79 -44.86 18.62
C GLU F 74 -17.42 -45.56 18.58
N LYS F 75 -17.39 -46.87 18.35
CA LYS F 75 -16.14 -47.69 18.33
C LYS F 75 -15.92 -48.36 16.96
N ASP F 76 -16.83 -48.17 15.99
CA ASP F 76 -16.70 -48.70 14.61
C ASP F 76 -17.16 -47.63 13.62
N ALA F 77 -16.34 -46.60 13.42
CA ALA F 77 -16.67 -45.36 12.68
C ALA F 77 -16.67 -45.63 11.17
N PRO F 78 -17.58 -44.99 10.40
CA PRO F 78 -17.60 -45.15 8.94
C PRO F 78 -16.65 -44.15 8.27
N ILE F 79 -16.25 -44.44 7.02
CA ILE F 79 -15.42 -43.50 6.21
C ILE F 79 -16.29 -42.31 5.80
N THR F 80 -15.64 -41.18 5.52
CA THR F 80 -16.26 -39.92 5.05
C THR F 80 -16.60 -40.06 3.56
N VAL F 81 -17.31 -39.06 3.01
CA VAL F 81 -17.62 -38.92 1.55
C VAL F 81 -16.30 -38.97 0.77
N PHE F 82 -15.32 -38.17 1.18
CA PHE F 82 -13.98 -38.09 0.55
C PHE F 82 -13.22 -39.40 0.79
N GLY F 83 -13.54 -40.10 1.89
CA GLY F 83 -13.10 -41.48 2.16
C GLY F 83 -13.45 -42.41 1.00
N CYS F 84 -14.70 -42.33 0.50
CA CYS F 84 -15.22 -43.17 -0.62
C CYS F 84 -14.51 -42.83 -1.92
N MET F 85 -14.21 -41.55 -2.18
CA MET F 85 -13.52 -41.07 -3.41
C MET F 85 -12.10 -41.63 -3.45
N GLN F 86 -11.38 -41.58 -2.33
CA GLN F 86 -10.03 -42.18 -2.16
C GLN F 86 -10.07 -43.63 -2.66
N ALA F 87 -11.06 -44.40 -2.21
CA ALA F 87 -11.26 -45.82 -2.55
C ALA F 87 -11.60 -45.96 -4.04
N ARG F 88 -12.65 -45.26 -4.49
CA ARG F 88 -13.07 -45.18 -5.91
C ARG F 88 -11.85 -45.01 -6.82
N LEU F 89 -11.02 -43.99 -6.57
CA LEU F 89 -9.87 -43.62 -7.44
C LEU F 89 -8.87 -44.78 -7.48
N VAL F 90 -8.54 -45.36 -6.32
CA VAL F 90 -7.64 -46.55 -6.22
C VAL F 90 -8.20 -47.65 -7.12
N GLY F 91 -9.50 -47.94 -7.01
CA GLY F 91 -10.22 -48.90 -7.85
C GLY F 91 -10.10 -48.57 -9.33
N GLU F 92 -10.42 -47.33 -9.70
CA GLU F 92 -10.37 -46.81 -11.09
C GLU F 92 -8.95 -46.95 -11.65
N ALA F 93 -7.92 -46.70 -10.82
CA ALA F 93 -6.49 -46.80 -11.20
C ALA F 93 -6.13 -48.26 -11.48
N LEU F 94 -6.62 -49.20 -10.67
CA LEU F 94 -6.43 -50.66 -10.86
C LEU F 94 -6.98 -51.07 -12.23
N LEU F 95 -8.22 -50.66 -12.54
CA LEU F 95 -8.91 -50.93 -13.84
C LEU F 95 -8.00 -50.48 -14.99
N GLU F 96 -7.47 -49.25 -14.92
CA GLU F 96 -6.72 -48.58 -16.02
C GLU F 96 -5.36 -49.25 -16.23
N SER F 97 -4.74 -49.78 -15.17
CA SER F 97 -3.43 -50.48 -15.22
C SER F 97 -3.58 -51.88 -15.84
N ASN F 98 -4.81 -52.31 -16.11
CA ASN F 98 -5.16 -53.67 -16.63
C ASN F 98 -4.76 -54.71 -15.56
N THR F 99 -5.00 -54.38 -14.30
CA THR F 99 -4.77 -55.25 -13.11
C THR F 99 -6.11 -55.89 -12.72
N ILE F 100 -6.27 -57.18 -13.01
CA ILE F 100 -7.48 -57.99 -12.64
C ILE F 100 -7.28 -58.52 -11.22
N ILE F 101 -8.10 -58.07 -10.27
CA ILE F 101 -8.15 -58.55 -8.86
C ILE F 101 -9.07 -59.77 -8.81
N ASP F 102 -8.53 -60.94 -8.48
CA ASP F 102 -9.21 -62.26 -8.58
C ASP F 102 -9.93 -62.58 -7.26
N HIS F 103 -9.33 -62.22 -6.12
CA HIS F 103 -9.88 -62.44 -4.76
C HIS F 103 -9.60 -61.21 -3.90
N VAL F 104 -10.59 -60.76 -3.12
CA VAL F 104 -10.50 -59.55 -2.24
C VAL F 104 -10.95 -59.91 -0.83
N TYR F 105 -10.08 -59.65 0.17
CA TYR F 105 -10.34 -59.85 1.61
C TYR F 105 -10.16 -58.51 2.34
N CYS F 106 -10.84 -58.33 3.48
CA CYS F 106 -10.82 -57.06 4.28
C CYS F 106 -11.09 -57.34 5.76
N SER F 107 -10.69 -56.40 6.61
CA SER F 107 -10.99 -56.36 8.07
C SER F 107 -12.49 -56.22 8.28
N PRO F 108 -13.04 -56.64 9.44
CA PRO F 108 -14.45 -56.49 9.75
C PRO F 108 -14.88 -55.08 10.20
N SER F 109 -13.93 -54.14 10.34
CA SER F 109 -14.21 -52.70 10.56
C SER F 109 -15.09 -52.17 9.42
N LEU F 110 -16.09 -51.37 9.75
CA LEU F 110 -17.02 -50.77 8.75
C LEU F 110 -16.20 -49.96 7.75
N ARG F 111 -15.27 -49.13 8.24
CA ARG F 111 -14.39 -48.27 7.41
C ARG F 111 -13.69 -49.12 6.34
N CYS F 112 -13.19 -50.29 6.71
CA CYS F 112 -12.46 -51.23 5.81
C CYS F 112 -13.41 -51.80 4.76
N VAL F 113 -14.59 -52.26 5.16
CA VAL F 113 -15.61 -52.88 4.26
C VAL F 113 -16.13 -51.80 3.30
N GLN F 114 -16.36 -50.59 3.81
CA GLN F 114 -16.79 -49.42 3.01
C GLN F 114 -15.70 -49.07 1.98
N THR F 115 -14.43 -49.08 2.40
CA THR F 115 -13.26 -48.85 1.51
C THR F 115 -13.26 -49.94 0.43
N ALA F 116 -13.31 -51.21 0.85
CA ALA F 116 -13.30 -52.40 -0.03
C ALA F 116 -14.39 -52.26 -1.10
N HIS F 117 -15.61 -51.93 -0.69
CA HIS F 117 -16.79 -51.77 -1.59
C HIS F 117 -16.51 -50.70 -2.65
N ASN F 118 -16.00 -49.55 -2.23
CA ASN F 118 -15.79 -48.36 -3.11
C ASN F 118 -14.61 -48.62 -4.07
N ILE F 119 -13.68 -49.51 -3.71
CA ILE F 119 -12.59 -49.98 -4.62
C ILE F 119 -13.22 -50.87 -5.70
N LEU F 120 -14.18 -51.74 -5.32
CA LEU F 120 -14.93 -52.61 -6.27
C LEU F 120 -15.75 -51.73 -7.22
N LYS F 121 -16.42 -50.70 -6.70
CA LYS F 121 -17.12 -49.67 -7.51
C LYS F 121 -16.12 -49.04 -8.48
N GLY F 122 -14.96 -48.62 -7.98
CA GLY F 122 -13.84 -48.08 -8.77
C GLY F 122 -13.35 -49.07 -9.80
N LEU F 123 -13.39 -50.37 -9.49
CA LEU F 123 -12.96 -51.49 -10.38
C LEU F 123 -14.08 -51.84 -11.38
N GLN F 124 -15.29 -51.32 -11.20
CA GLN F 124 -16.50 -51.68 -11.99
C GLN F 124 -16.83 -53.16 -11.76
N GLN F 125 -16.64 -53.64 -10.51
CA GLN F 125 -16.74 -55.08 -10.14
C GLN F 125 -17.51 -55.24 -8.81
N GLU F 126 -18.56 -54.45 -8.60
CA GLU F 126 -19.41 -54.52 -7.38
C GLU F 126 -20.22 -55.83 -7.42
N ASN F 127 -20.66 -56.23 -8.61
CA ASN F 127 -21.56 -57.39 -8.85
C ASN F 127 -20.73 -58.68 -8.95
N HIS F 128 -19.71 -58.69 -9.82
CA HIS F 128 -18.87 -59.86 -10.17
C HIS F 128 -18.19 -60.43 -8.92
N LEU F 129 -17.50 -59.58 -8.15
CA LEU F 129 -16.72 -60.00 -6.95
C LEU F 129 -17.58 -59.84 -5.69
N LYS F 130 -17.15 -60.50 -4.60
CA LYS F 130 -17.80 -60.46 -3.26
C LYS F 130 -16.70 -60.47 -2.19
N ILE F 131 -16.75 -59.52 -1.26
CA ILE F 131 -15.66 -59.22 -0.26
C ILE F 131 -15.62 -60.32 0.80
N ARG F 132 -14.44 -60.91 1.03
CA ARG F 132 -14.18 -61.94 2.08
C ARG F 132 -13.79 -61.22 3.38
N VAL F 133 -14.75 -61.09 4.31
CA VAL F 133 -14.55 -60.40 5.62
C VAL F 133 -13.81 -61.35 6.57
N GLU F 134 -12.62 -60.94 7.02
CA GLU F 134 -11.68 -61.76 7.83
C GLU F 134 -11.31 -61.00 9.10
N PRO F 135 -11.87 -61.37 10.28
CA PRO F 135 -11.51 -60.72 11.55
C PRO F 135 -10.00 -60.78 11.87
N GLY F 136 -9.28 -61.73 11.28
CA GLY F 136 -7.82 -61.89 11.42
C GLY F 136 -7.04 -60.73 10.83
N LEU F 137 -7.65 -59.95 9.93
CA LEU F 137 -7.00 -58.79 9.25
C LEU F 137 -7.20 -57.51 10.07
N PHE F 138 -8.05 -57.50 11.10
CA PHE F 138 -8.28 -56.34 12.00
C PHE F 138 -6.93 -55.89 12.59
N GLU F 139 -6.80 -54.59 12.87
CA GLU F 139 -5.55 -53.98 13.40
C GLU F 139 -5.25 -54.50 14.81
N TRP F 140 -4.05 -54.22 15.31
CA TRP F 140 -3.52 -54.59 16.64
C TRP F 140 -4.49 -54.10 17.74
N THR F 141 -5.03 -55.03 18.53
CA THR F 141 -6.20 -54.82 19.43
C THR F 141 -5.82 -54.02 20.69
N LYS F 142 -4.53 -53.73 20.89
CA LYS F 142 -4.04 -52.81 21.96
C LYS F 142 -4.69 -51.43 21.77
N TRP F 143 -5.00 -51.07 20.52
CA TRP F 143 -5.57 -49.75 20.12
C TRP F 143 -7.09 -49.70 20.34
N VAL F 144 -7.67 -50.70 21.01
CA VAL F 144 -9.12 -50.71 21.40
C VAL F 144 -9.25 -50.04 22.77
N ALA F 145 -10.31 -49.25 22.97
CA ALA F 145 -10.65 -48.59 24.25
C ALA F 145 -11.65 -49.45 25.03
N GLY F 146 -11.62 -49.35 26.37
CA GLY F 146 -12.43 -50.18 27.27
C GLY F 146 -11.93 -51.62 27.32
N SER F 147 -12.79 -52.56 27.75
CA SER F 147 -12.49 -54.01 27.89
C SER F 147 -13.46 -54.82 27.02
N THR F 148 -13.57 -54.47 25.73
CA THR F 148 -14.55 -55.05 24.78
C THR F 148 -14.17 -54.67 23.33
N LEU F 149 -14.39 -55.60 22.39
CA LEU F 149 -14.10 -55.40 20.94
C LEU F 149 -15.24 -54.59 20.30
N PRO F 150 -15.03 -54.02 19.08
CA PRO F 150 -16.09 -53.28 18.38
C PRO F 150 -17.19 -54.21 17.85
N ALA F 151 -18.45 -53.78 18.02
CA ALA F 151 -19.67 -54.54 17.62
C ALA F 151 -19.82 -54.52 16.09
N TRP F 152 -18.95 -55.25 15.39
CA TRP F 152 -18.85 -55.28 13.90
C TRP F 152 -20.16 -55.76 13.28
N ILE F 153 -20.47 -55.28 12.08
CA ILE F 153 -21.68 -55.67 11.30
C ILE F 153 -21.39 -57.01 10.64
N PRO F 154 -22.18 -58.08 10.93
CA PRO F 154 -21.91 -59.41 10.38
C PRO F 154 -22.06 -59.43 8.86
N PRO F 155 -21.23 -60.23 8.14
CA PRO F 155 -21.31 -60.31 6.68
C PRO F 155 -22.73 -60.35 6.10
N SER F 156 -23.68 -60.96 6.83
CA SER F 156 -25.13 -61.05 6.48
C SER F 156 -25.75 -59.65 6.42
N GLU F 157 -25.56 -58.86 7.48
CA GLU F 157 -26.12 -57.48 7.62
C GLU F 157 -25.43 -56.52 6.63
N LEU F 158 -24.14 -56.74 6.35
CA LEU F 158 -23.33 -55.88 5.44
C LEU F 158 -23.86 -56.02 4.00
N ALA F 159 -24.10 -57.25 3.53
CA ALA F 159 -24.67 -57.56 2.20
C ALA F 159 -26.10 -57.03 2.10
N ALA F 160 -26.77 -56.83 3.25
CA ALA F 160 -28.12 -56.24 3.36
C ALA F 160 -28.05 -54.70 3.30
N ALA F 161 -26.84 -54.12 3.33
CA ALA F 161 -26.58 -52.68 3.13
C ALA F 161 -26.05 -52.42 1.71
N ASN F 162 -26.15 -53.42 0.82
CA ASN F 162 -25.74 -53.36 -0.61
C ASN F 162 -24.22 -53.40 -0.74
N LEU F 163 -23.49 -53.54 0.37
CA LEU F 163 -22.01 -53.72 0.39
C LEU F 163 -21.70 -55.14 -0.09
N SER F 164 -20.96 -55.27 -1.19
CA SER F 164 -20.73 -56.54 -1.92
C SER F 164 -19.81 -57.47 -1.12
N VAL F 165 -20.35 -58.07 -0.05
CA VAL F 165 -19.65 -59.02 0.87
C VAL F 165 -20.01 -60.45 0.45
N ASP F 166 -19.13 -61.42 0.73
CA ASP F 166 -19.34 -62.87 0.47
C ASP F 166 -19.78 -63.54 1.78
N THR F 167 -21.09 -63.68 1.99
CA THR F 167 -21.73 -64.29 3.20
C THR F 167 -21.21 -65.72 3.39
N THR F 168 -21.03 -66.45 2.29
CA THR F 168 -20.41 -67.81 2.22
C THR F 168 -19.14 -67.86 3.07
N TYR F 169 -18.19 -66.96 2.79
CA TYR F 169 -16.77 -67.01 3.24
C TYR F 169 -16.68 -67.52 4.69
N ARG F 170 -15.83 -68.55 4.89
CA ARG F 170 -15.50 -69.12 6.22
C ARG F 170 -14.26 -68.40 6.76
N PRO F 171 -14.38 -67.62 7.86
CA PRO F 171 -13.24 -66.85 8.37
C PRO F 171 -12.16 -67.76 8.98
N HIS F 172 -10.90 -67.55 8.59
CA HIS F 172 -9.71 -68.32 9.06
C HIS F 172 -9.53 -68.12 10.58
N ILE F 173 -9.73 -66.90 11.07
CA ILE F 173 -9.66 -66.52 12.51
C ILE F 173 -10.93 -65.76 12.87
N PRO F 174 -11.98 -66.44 13.40
CA PRO F 174 -13.23 -65.78 13.76
C PRO F 174 -13.11 -64.82 14.95
N ILE F 175 -14.17 -64.01 15.18
CA ILE F 175 -14.22 -62.95 16.21
C ILE F 175 -13.99 -63.57 17.59
N SER F 176 -14.79 -64.59 17.94
CA SER F 176 -14.75 -65.33 19.23
C SER F 176 -13.31 -65.70 19.61
N LYS F 177 -12.42 -65.88 18.63
CA LYS F 177 -11.02 -66.32 18.82
C LYS F 177 -10.04 -65.12 18.80
N LEU F 178 -10.53 -63.89 18.97
CA LEU F 178 -9.69 -62.66 19.07
C LEU F 178 -9.55 -62.25 20.53
N VAL F 179 -8.32 -61.94 20.95
CA VAL F 179 -7.94 -61.59 22.36
C VAL F 179 -7.96 -60.06 22.50
N VAL F 180 -8.69 -59.54 23.49
CA VAL F 180 -8.77 -58.07 23.79
C VAL F 180 -7.42 -57.62 24.35
N SER F 181 -6.94 -56.44 23.91
CA SER F 181 -5.67 -55.80 24.34
C SER F 181 -4.52 -56.80 24.21
N GLU F 182 -4.40 -57.45 23.05
CA GLU F 182 -3.39 -58.52 22.77
C GLU F 182 -1.98 -57.90 22.77
N SER F 183 -0.95 -58.75 22.68
CA SER F 183 0.48 -58.36 22.64
C SER F 183 0.94 -58.21 21.19
N TYR F 184 2.02 -57.45 20.98
CA TYR F 184 2.62 -57.16 19.65
C TYR F 184 3.02 -58.47 18.95
N ASP F 185 3.50 -59.45 19.73
CA ASP F 185 3.92 -60.80 19.25
C ASP F 185 2.71 -61.56 18.72
N THR F 186 1.56 -61.46 19.39
CA THR F 186 0.29 -62.15 19.04
C THR F 186 -0.27 -61.60 17.73
N TYR F 187 -0.16 -60.28 17.50
CA TYR F 187 -0.71 -59.57 16.32
C TYR F 187 0.05 -59.99 15.05
N ILE F 188 1.37 -59.85 15.08
CA ILE F 188 2.30 -60.13 13.93
C ILE F 188 2.13 -61.59 13.50
N SER F 189 1.98 -62.51 14.46
CA SER F 189 1.75 -63.96 14.23
C SER F 189 0.38 -64.18 13.55
N ARG F 190 -0.69 -63.63 14.12
CA ARG F 190 -2.08 -63.83 13.62
C ARG F 190 -2.24 -63.13 12.27
N SER F 191 -1.44 -62.07 12.02
CA SER F 191 -1.37 -61.34 10.73
C SER F 191 -0.56 -62.14 9.71
N PHE F 192 0.51 -62.81 10.15
CA PHE F 192 1.37 -63.69 9.32
C PHE F 192 0.61 -64.95 8.91
N GLN F 193 0.00 -65.63 9.90
CA GLN F 193 -0.70 -66.93 9.74
C GLN F 193 -1.86 -66.76 8.74
N VAL F 194 -2.68 -65.74 8.92
CA VAL F 194 -3.92 -65.48 8.12
C VAL F 194 -3.54 -65.17 6.66
N THR F 195 -2.43 -64.46 6.45
CA THR F 195 -1.90 -64.08 5.10
C THR F 195 -1.55 -65.35 4.31
N LYS F 196 -0.84 -66.30 4.95
CA LYS F 196 -0.47 -67.62 4.37
C LYS F 196 -1.75 -68.41 4.05
N GLU F 197 -2.69 -68.44 4.98
CA GLU F 197 -4.02 -69.10 4.84
C GLU F 197 -4.80 -68.45 3.68
N ILE F 198 -4.58 -67.14 3.45
CA ILE F 198 -5.18 -66.36 2.32
C ILE F 198 -4.48 -66.76 1.01
N ILE F 199 -3.14 -66.85 1.03
CA ILE F 199 -2.29 -67.23 -0.14
C ILE F 199 -2.58 -68.68 -0.53
N SER F 200 -2.73 -69.57 0.47
CA SER F 200 -2.92 -71.03 0.31
C SER F 200 -4.18 -71.32 -0.52
N GLU F 201 -5.33 -70.77 -0.12
CA GLU F 201 -6.67 -71.12 -0.67
C GLU F 201 -6.87 -70.50 -2.06
N CYS F 202 -6.13 -69.44 -2.40
CA CYS F 202 -6.24 -68.71 -3.71
C CYS F 202 -5.37 -69.37 -4.78
N LYS F 203 -4.30 -70.07 -4.37
CA LYS F 203 -3.27 -70.69 -5.26
C LYS F 203 -3.87 -71.04 -6.63
N SER F 204 -4.98 -71.79 -6.63
CA SER F 204 -5.66 -72.31 -7.85
C SER F 204 -6.60 -71.25 -8.45
N LYS F 205 -7.50 -70.69 -7.63
CA LYS F 205 -8.62 -69.80 -8.04
C LYS F 205 -8.15 -68.79 -9.10
N GLY F 206 -7.19 -67.93 -8.76
CA GLY F 206 -6.70 -66.84 -9.62
C GLY F 206 -5.22 -66.54 -9.40
N ASN F 207 -4.83 -65.27 -9.59
CA ASN F 207 -3.42 -64.79 -9.56
C ASN F 207 -3.24 -63.73 -8.47
N ASN F 208 -3.92 -62.58 -8.63
CA ASN F 208 -3.75 -61.37 -7.78
C ASN F 208 -4.77 -61.36 -6.64
N ILE F 209 -4.33 -61.14 -5.41
CA ILE F 209 -5.17 -61.05 -4.17
C ILE F 209 -5.06 -59.64 -3.60
N LEU F 210 -6.18 -59.07 -3.15
CA LEU F 210 -6.26 -57.69 -2.58
C LEU F 210 -6.73 -57.76 -1.12
N ILE F 211 -5.88 -57.39 -0.17
CA ILE F 211 -6.23 -57.15 1.27
C ILE F 211 -6.59 -55.67 1.42
N VAL F 212 -7.68 -55.38 2.13
CA VAL F 212 -8.16 -54.00 2.47
C VAL F 212 -8.30 -53.91 4.00
N ALA F 213 -7.28 -53.39 4.68
CA ALA F 213 -7.21 -53.41 6.16
C ALA F 213 -6.76 -52.04 6.69
N HIS F 214 -5.78 -52.01 7.62
CA HIS F 214 -5.37 -50.83 8.41
C HIS F 214 -3.90 -50.49 8.12
N ALA F 215 -3.41 -49.39 8.70
CA ALA F 215 -2.03 -48.90 8.58
C ALA F 215 -1.04 -49.95 9.09
N SER F 216 -1.39 -50.65 10.18
CA SER F 216 -0.62 -51.76 10.79
C SER F 216 -0.48 -52.92 9.79
N SER F 217 -1.57 -53.25 9.09
CA SER F 217 -1.74 -54.47 8.24
C SER F 217 -0.66 -54.55 7.15
N LEU F 218 -0.30 -53.43 6.53
CA LEU F 218 0.66 -53.38 5.38
C LEU F 218 2.01 -53.98 5.79
N GLU F 219 2.48 -53.69 7.01
CA GLU F 219 3.77 -54.21 7.57
C GLU F 219 3.57 -55.65 8.07
N ALA F 220 2.66 -55.83 9.03
CA ALA F 220 2.42 -57.09 9.79
C ALA F 220 2.25 -58.29 8.85
N CYS F 221 1.64 -58.08 7.67
CA CYS F 221 1.21 -59.17 6.74
C CYS F 221 2.32 -59.53 5.74
N THR F 222 3.22 -58.59 5.41
CA THR F 222 4.26 -58.76 4.36
C THR F 222 5.68 -58.67 4.95
N CYS F 223 5.81 -58.50 6.28
CA CYS F 223 7.13 -58.39 6.98
C CYS F 223 7.90 -59.70 6.83
N GLN F 224 7.36 -60.79 7.40
CA GLN F 224 8.04 -62.11 7.51
C GLN F 224 7.71 -63.00 6.31
N LEU F 225 6.74 -62.60 5.47
CA LEU F 225 6.43 -63.28 4.17
C LEU F 225 7.58 -63.05 3.19
N GLN F 226 8.36 -61.98 3.40
CA GLN F 226 9.61 -61.67 2.65
C GLN F 226 10.82 -62.22 3.42
N LEU F 228 11.91 -61.94 6.35
CA LEU F 228 12.58 -60.92 7.19
C LEU F 228 12.08 -61.06 8.63
N SER F 229 12.86 -60.54 9.59
CA SER F 229 12.51 -60.52 11.04
C SER F 229 11.57 -59.35 11.30
N PRO F 230 10.36 -59.58 11.88
CA PRO F 230 9.46 -58.48 12.21
C PRO F 230 10.11 -57.48 13.19
N GLN F 231 9.96 -56.18 12.93
CA GLN F 231 10.59 -55.07 13.68
C GLN F 231 10.09 -55.09 15.14
N ASN F 232 10.75 -54.34 16.02
CA ASN F 232 10.35 -54.18 17.44
C ASN F 232 9.12 -53.26 17.50
N SER F 233 8.40 -53.26 18.64
CA SER F 233 7.10 -52.57 18.84
C SER F 233 7.24 -51.06 18.63
N LYS F 234 8.35 -50.47 19.09
CA LYS F 234 8.64 -49.01 19.00
C LYS F 234 8.87 -48.61 17.53
N ASP F 235 9.68 -49.40 16.81
CA ASP F 235 10.02 -49.20 15.38
C ASP F 235 8.77 -49.38 14.51
N PHE F 236 7.87 -50.29 14.91
CA PHE F 236 6.62 -50.63 14.19
C PHE F 236 5.67 -49.41 14.20
N VAL F 237 5.26 -48.97 15.40
CA VAL F 237 4.33 -47.82 15.64
C VAL F 237 4.74 -46.63 14.77
N GLN F 238 6.04 -46.36 14.69
CA GLN F 238 6.63 -45.24 13.89
C GLN F 238 6.27 -45.42 12.41
N MET F 239 6.55 -46.60 11.85
CA MET F 239 6.30 -46.95 10.42
C MET F 239 4.80 -46.84 10.11
N VAL F 240 3.95 -47.30 11.03
CA VAL F 240 2.46 -47.37 10.88
C VAL F 240 1.90 -45.96 10.66
N ARG F 241 2.24 -45.02 11.55
CA ARG F 241 1.70 -43.63 11.58
C ARG F 241 2.14 -42.85 10.34
N LYS F 242 3.09 -43.38 9.56
CA LYS F 242 3.64 -42.75 8.33
C LYS F 242 2.86 -43.18 7.08
N ILE F 243 1.87 -44.08 7.22
CA ILE F 243 1.10 -44.65 6.09
C ILE F 243 -0.21 -43.89 5.92
N PRO F 244 -0.51 -43.37 4.70
CA PRO F 244 -1.70 -42.57 4.45
C PRO F 244 -2.96 -43.40 4.15
N TYR F 245 -4.13 -42.74 4.16
CA TYR F 245 -5.42 -43.33 3.73
C TYR F 245 -5.25 -43.91 2.32
N LEU F 246 -5.68 -45.15 2.10
CA LEU F 246 -5.56 -45.91 0.82
C LEU F 246 -4.07 -46.10 0.45
N GLY F 247 -3.15 -45.96 1.40
CA GLY F 247 -1.73 -46.33 1.22
C GLY F 247 -1.63 -47.78 0.78
N PHE F 248 -0.81 -48.06 -0.24
CA PHE F 248 -0.88 -49.28 -1.09
C PHE F 248 0.54 -49.82 -1.31
N CYS F 249 0.77 -51.08 -0.93
CA CYS F 249 2.05 -51.83 -1.16
C CYS F 249 1.75 -53.12 -1.95
N SER F 250 2.75 -53.62 -2.69
CA SER F 250 2.63 -54.78 -3.62
C SER F 250 3.70 -55.83 -3.31
N CYS F 251 3.29 -57.09 -3.13
CA CYS F 251 4.17 -58.28 -2.94
C CYS F 251 3.96 -59.26 -4.10
N GLU F 252 5.02 -59.94 -4.54
CA GLU F 252 4.98 -60.96 -5.61
C GLU F 252 5.79 -62.19 -5.17
N GLU F 253 5.25 -63.39 -5.42
CA GLU F 253 5.90 -64.69 -5.11
C GLU F 253 7.13 -64.86 -6.02
N LEU F 254 8.32 -64.97 -5.43
CA LEU F 254 9.61 -65.15 -6.16
C LEU F 254 9.65 -66.57 -6.76
N GLY F 255 9.02 -66.74 -7.93
CA GLY F 255 8.80 -68.05 -8.57
C GLY F 255 7.70 -68.84 -7.86
N GLU F 256 7.98 -70.09 -7.50
CA GLU F 256 7.13 -70.92 -6.60
C GLU F 256 7.94 -71.26 -5.34
N THR F 257 9.00 -70.48 -5.07
CA THR F 257 9.90 -70.64 -3.90
C THR F 257 9.12 -70.45 -2.60
N GLY F 258 8.15 -69.52 -2.61
CA GLY F 258 7.29 -69.21 -1.45
C GLY F 258 7.80 -68.03 -0.65
N ILE F 259 8.90 -67.39 -1.10
CA ILE F 259 9.46 -66.14 -0.52
C ILE F 259 9.04 -64.97 -1.42
N TRP F 260 8.20 -64.07 -0.89
CA TRP F 260 7.64 -62.90 -1.62
C TRP F 260 8.54 -61.67 -1.37
N GLN F 261 8.47 -60.67 -2.24
CA GLN F 261 9.31 -59.44 -2.17
C GLN F 261 8.49 -58.21 -2.57
N LEU F 262 8.76 -57.06 -1.95
CA LEU F 262 8.11 -55.76 -2.27
C LEU F 262 8.45 -55.37 -3.72
N THR F 263 7.56 -54.64 -4.39
CA THR F 263 7.74 -54.14 -5.77
C THR F 263 6.97 -52.82 -5.92
N ASP F 264 7.49 -51.90 -6.75
CA ASP F 264 6.81 -50.64 -7.16
C ASP F 264 5.37 -51.00 -7.52
N PRO F 265 4.35 -50.54 -6.74
CA PRO F 265 2.97 -50.98 -6.96
C PRO F 265 2.50 -50.75 -8.39
N PRO F 266 1.45 -51.47 -8.85
CA PRO F 266 0.97 -51.35 -10.23
C PRO F 266 0.22 -50.04 -10.53
N ILE F 267 -0.04 -49.24 -9.49
CA ILE F 267 -0.81 -47.95 -9.57
C ILE F 267 -0.01 -46.85 -8.87
N LEU F 268 -0.30 -45.59 -9.22
CA LEU F 268 0.32 -44.38 -8.63
C LEU F 268 -0.16 -44.21 -7.20
N PRO F 269 0.59 -43.49 -6.33
CA PRO F 269 0.11 -43.13 -5.00
C PRO F 269 -0.93 -42.01 -5.08
N LEU F 270 -1.60 -41.71 -3.96
CA LEU F 270 -2.68 -40.68 -3.87
C LEU F 270 -2.38 -39.73 -2.72
N THR F 271 -2.16 -38.44 -3.05
CA THR F 271 -1.80 -37.35 -2.10
C THR F 271 -2.74 -36.15 -2.34
N HIS F 272 -3.45 -35.70 -1.31
CA HIS F 272 -4.23 -34.44 -1.28
C HIS F 272 -4.10 -33.79 0.10
N GLY F 273 -4.28 -32.47 0.16
CA GLY F 273 -4.21 -31.67 1.41
C GLY F 273 -5.56 -31.66 2.12
N PRO F 274 -5.70 -30.89 3.23
CA PRO F 274 -6.98 -30.75 3.91
C PRO F 274 -7.82 -29.59 3.33
N THR F 275 -8.98 -29.35 3.95
CA THR F 275 -9.89 -28.22 3.66
C THR F 275 -9.14 -26.91 3.99
N GLY F 276 -8.46 -26.88 5.13
CA GLY F 276 -7.60 -25.77 5.58
C GLY F 276 -8.35 -24.79 6.46
N GLY F 277 -7.72 -23.66 6.79
CA GLY F 277 -8.30 -22.61 7.64
C GLY F 277 -8.24 -22.99 9.11
#